data_6LE1
# 
_entry.id   6LE1 
# 
_audit_conform.dict_name       mmcif_pdbx.dic 
_audit_conform.dict_version    5.398 
_audit_conform.dict_location   http://mmcif.pdb.org/dictionaries/ascii/mmcif_pdbx.dic 
# 
loop_
_database_2.database_id 
_database_2.database_code 
_database_2.pdbx_database_accession 
_database_2.pdbx_DOI 
PDB   6LE1         pdb_00006le1 10.2210/pdb6le1/pdb 
WWPDB D_1300014627 ?            ?                   
# 
loop_
_pdbx_audit_revision_history.ordinal 
_pdbx_audit_revision_history.data_content_type 
_pdbx_audit_revision_history.major_revision 
_pdbx_audit_revision_history.minor_revision 
_pdbx_audit_revision_history.revision_date 
1 'Structure model' 1 0 2020-12-02 
2 'Structure model' 1 1 2021-04-28 
3 'Structure model' 1 2 2021-06-02 
4 'Structure model' 1 3 2024-11-13 
# 
_pdbx_audit_revision_details.ordinal             1 
_pdbx_audit_revision_details.revision_ordinal    1 
_pdbx_audit_revision_details.data_content_type   'Structure model' 
_pdbx_audit_revision_details.provider            repository 
_pdbx_audit_revision_details.type                'Initial release' 
_pdbx_audit_revision_details.description         ? 
_pdbx_audit_revision_details.details             ? 
# 
loop_
_pdbx_audit_revision_group.ordinal 
_pdbx_audit_revision_group.revision_ordinal 
_pdbx_audit_revision_group.data_content_type 
_pdbx_audit_revision_group.group 
1 2 'Structure model' 'Author supporting evidence' 
2 2 'Structure model' 'Database references'        
3 3 'Structure model' 'Database references'        
4 4 'Structure model' 'Data collection'            
5 4 'Structure model' 'Database references'        
6 4 'Structure model' 'Structure summary'          
# 
loop_
_pdbx_audit_revision_category.ordinal 
_pdbx_audit_revision_category.revision_ordinal 
_pdbx_audit_revision_category.data_content_type 
_pdbx_audit_revision_category.category 
1  2 'Structure model' citation                  
2  2 'Structure model' citation_author           
3  2 'Structure model' pdbx_audit_support        
4  3 'Structure model' citation                  
5  3 'Structure model' citation_author           
6  4 'Structure model' chem_comp_atom            
7  4 'Structure model' chem_comp_bond            
8  4 'Structure model' database_2                
9  4 'Structure model' pdbx_entry_details        
10 4 'Structure model' pdbx_modification_feature 
# 
loop_
_pdbx_audit_revision_item.ordinal 
_pdbx_audit_revision_item.revision_ordinal 
_pdbx_audit_revision_item.data_content_type 
_pdbx_audit_revision_item.item 
1  2 'Structure model' '_citation.country'                            
2  2 'Structure model' '_citation.journal_abbrev'                     
3  2 'Structure model' '_citation.journal_id_ASTM'                    
4  2 'Structure model' '_citation.journal_id_CSD'                     
5  2 'Structure model' '_citation.journal_id_ISSN'                    
6  2 'Structure model' '_citation.pdbx_database_id_DOI'               
7  2 'Structure model' '_citation.pdbx_database_id_PubMed'            
8  2 'Structure model' '_citation.title'                              
9  2 'Structure model' '_citation.year'                               
10 2 'Structure model' '_citation_author.identifier_ORCID'            
11 2 'Structure model' '_pdbx_audit_support.funding_organization'     
12 2 'Structure model' '_pdbx_audit_support.grant_number'             
13 3 'Structure model' '_citation.journal_volume'                     
14 3 'Structure model' '_citation.page_first'                         
15 3 'Structure model' '_citation.page_last'                          
16 3 'Structure model' '_citation_author.identifier_ORCID'            
17 4 'Structure model' '_database_2.pdbx_DOI'                         
18 4 'Structure model' '_database_2.pdbx_database_accession'          
19 4 'Structure model' '_pdbx_entry_details.has_protein_modification' 
# 
_pdbx_database_status.status_code                     REL 
_pdbx_database_status.status_code_sf                  REL 
_pdbx_database_status.status_code_mr                  ? 
_pdbx_database_status.entry_id                        6LE1 
_pdbx_database_status.recvd_initial_deposition_date   2019-11-23 
_pdbx_database_status.SG_entry                        N 
_pdbx_database_status.deposit_site                    PDBJ 
_pdbx_database_status.process_site                    PDBJ 
_pdbx_database_status.status_code_cs                  ? 
_pdbx_database_status.methods_development_category    ? 
_pdbx_database_status.pdb_format_compatible           Y 
_pdbx_database_status.status_code_nmr_data            ? 
# 
loop_
_audit_author.name 
_audit_author.pdbx_ordinal 
_audit_author.identifier_ORCID 
'Kumari, P.'    1 0000-0002-9486-6723 
'Bhavesh, N.S.' 2 0000-0002-7248-4978 
# 
_citation.abstract                  ? 
_citation.abstract_id_CAS           ? 
_citation.book_id_ISBN              ? 
_citation.book_publisher            ? 
_citation.book_publisher_city       ? 
_citation.book_title                ? 
_citation.coordinate_linkage        ? 
_citation.country                   US 
_citation.database_id_Medline       ? 
_citation.details                   ? 
_citation.id                        primary 
_citation.journal_abbrev            'Protein Sci.' 
_citation.journal_id_ASTM           PRCIEI 
_citation.journal_id_CSD            0795 
_citation.journal_id_ISSN           1469-896X 
_citation.journal_full              ? 
_citation.journal_issue             ? 
_citation.journal_volume            30 
_citation.language                  ? 
_citation.page_first                1184 
_citation.page_last                 1195 
_citation.title                     'Human DND1-RRM2 forms a non-canonical domain swapped dimer.' 
_citation.year                      2021 
_citation.database_id_CSD           ? 
_citation.pdbx_database_id_DOI      10.1002/pro.4083 
_citation.pdbx_database_id_PubMed   33860980 
_citation.unpublished_flag          ? 
# 
loop_
_citation_author.citation_id 
_citation_author.name 
_citation_author.ordinal 
_citation_author.identifier_ORCID 
primary 'Kumari, P.'    1 0000-0002-9486-6723 
primary 'Bhavesh, N.S.' 2 0000-0002-7248-4978 
# 
loop_
_entity.id 
_entity.type 
_entity.src_method 
_entity.pdbx_description 
_entity.formula_weight 
_entity.pdbx_number_of_molecules 
_entity.pdbx_ec 
_entity.pdbx_mutation 
_entity.pdbx_fragment 
_entity.details 
1 polymer     man 'Dead end protein homolog 1' 10710.891 1  ? ? 'RRM2 domain' ? 
2 non-polymer syn GLYCEROL                     92.094    1  ? ? ?             ? 
3 non-polymer syn 'SULFATE ION'                96.063    1  ? ? ?             ? 
4 water       nat water                        18.015    30 ? ? ?             ? 
# 
_entity_name_com.entity_id   1 
_entity_name_com.name        'RNA-binding motif,single-stranded-interacting protein 4' 
# 
_entity_poly.entity_id                      1 
_entity_poly.type                           'polypeptide(L)' 
_entity_poly.nstd_linkage                   no 
_entity_poly.nstd_monomer                   yes 
_entity_poly.pdbx_seq_one_letter_code       
;(MSE)GSSHHHHHHSSGLVPRGSH(MSE)ELSVDGLPPNLTRSALLLALQPLGPGLQEARLLPSPGPAPGQIALLKFSSH
RAAA(MSE)AKKALVEGQSHLCGEQVAVEWLK
;
_entity_poly.pdbx_seq_one_letter_code_can   
;MGSSHHHHHHSSGLVPRGSHMELSVDGLPPNLTRSALLLALQPLGPGLQEARLLPSPGPAPGQIALLKFSSHRAAAMAKK
ALVEGQSHLCGEQVAVEWLK
;
_entity_poly.pdbx_strand_id                 A 
_entity_poly.pdbx_target_identifier         ? 
# 
loop_
_pdbx_entity_nonpoly.entity_id 
_pdbx_entity_nonpoly.name 
_pdbx_entity_nonpoly.comp_id 
2 GLYCEROL      GOL 
3 'SULFATE ION' SO4 
4 water         HOH 
# 
loop_
_entity_poly_seq.entity_id 
_entity_poly_seq.num 
_entity_poly_seq.mon_id 
_entity_poly_seq.hetero 
1 1   MSE n 
1 2   GLY n 
1 3   SER n 
1 4   SER n 
1 5   HIS n 
1 6   HIS n 
1 7   HIS n 
1 8   HIS n 
1 9   HIS n 
1 10  HIS n 
1 11  SER n 
1 12  SER n 
1 13  GLY n 
1 14  LEU n 
1 15  VAL n 
1 16  PRO n 
1 17  ARG n 
1 18  GLY n 
1 19  SER n 
1 20  HIS n 
1 21  MSE n 
1 22  GLU n 
1 23  LEU n 
1 24  SER n 
1 25  VAL n 
1 26  ASP n 
1 27  GLY n 
1 28  LEU n 
1 29  PRO n 
1 30  PRO n 
1 31  ASN n 
1 32  LEU n 
1 33  THR n 
1 34  ARG n 
1 35  SER n 
1 36  ALA n 
1 37  LEU n 
1 38  LEU n 
1 39  LEU n 
1 40  ALA n 
1 41  LEU n 
1 42  GLN n 
1 43  PRO n 
1 44  LEU n 
1 45  GLY n 
1 46  PRO n 
1 47  GLY n 
1 48  LEU n 
1 49  GLN n 
1 50  GLU n 
1 51  ALA n 
1 52  ARG n 
1 53  LEU n 
1 54  LEU n 
1 55  PRO n 
1 56  SER n 
1 57  PRO n 
1 58  GLY n 
1 59  PRO n 
1 60  ALA n 
1 61  PRO n 
1 62  GLY n 
1 63  GLN n 
1 64  ILE n 
1 65  ALA n 
1 66  LEU n 
1 67  LEU n 
1 68  LYS n 
1 69  PHE n 
1 70  SER n 
1 71  SER n 
1 72  HIS n 
1 73  ARG n 
1 74  ALA n 
1 75  ALA n 
1 76  ALA n 
1 77  MSE n 
1 78  ALA n 
1 79  LYS n 
1 80  LYS n 
1 81  ALA n 
1 82  LEU n 
1 83  VAL n 
1 84  GLU n 
1 85  GLY n 
1 86  GLN n 
1 87  SER n 
1 88  HIS n 
1 89  LEU n 
1 90  CYS n 
1 91  GLY n 
1 92  GLU n 
1 93  GLN n 
1 94  VAL n 
1 95  ALA n 
1 96  VAL n 
1 97  GLU n 
1 98  TRP n 
1 99  LEU n 
1 100 LYS n 
# 
_entity_src_gen.entity_id                          1 
_entity_src_gen.pdbx_src_id                        1 
_entity_src_gen.pdbx_alt_source_flag               sample 
_entity_src_gen.pdbx_seq_type                      'Biological sequence' 
_entity_src_gen.pdbx_beg_seq_num                   1 
_entity_src_gen.pdbx_end_seq_num                   100 
_entity_src_gen.gene_src_common_name               Human 
_entity_src_gen.gene_src_genus                     ? 
_entity_src_gen.pdbx_gene_src_gene                 'DND1, RBMS4' 
_entity_src_gen.gene_src_species                   ? 
_entity_src_gen.gene_src_strain                    ? 
_entity_src_gen.gene_src_tissue                    ? 
_entity_src_gen.gene_src_tissue_fraction           ? 
_entity_src_gen.gene_src_details                   ? 
_entity_src_gen.pdbx_gene_src_fragment             ? 
_entity_src_gen.pdbx_gene_src_scientific_name      'Homo sapiens' 
_entity_src_gen.pdbx_gene_src_ncbi_taxonomy_id     9606 
_entity_src_gen.pdbx_gene_src_variant              ? 
_entity_src_gen.pdbx_gene_src_cell_line            ? 
_entity_src_gen.pdbx_gene_src_atcc                 ? 
_entity_src_gen.pdbx_gene_src_organ                ? 
_entity_src_gen.pdbx_gene_src_organelle            ? 
_entity_src_gen.pdbx_gene_src_cell                 ? 
_entity_src_gen.pdbx_gene_src_cellular_location    ? 
_entity_src_gen.host_org_common_name               ? 
_entity_src_gen.pdbx_host_org_scientific_name      'Escherichia coli' 
_entity_src_gen.pdbx_host_org_ncbi_taxonomy_id     562 
_entity_src_gen.host_org_genus                     ? 
_entity_src_gen.pdbx_host_org_gene                 ? 
_entity_src_gen.pdbx_host_org_organ                ? 
_entity_src_gen.host_org_species                   ? 
_entity_src_gen.pdbx_host_org_tissue               ? 
_entity_src_gen.pdbx_host_org_tissue_fraction      ? 
_entity_src_gen.pdbx_host_org_strain               ? 
_entity_src_gen.pdbx_host_org_variant              ? 
_entity_src_gen.pdbx_host_org_cell_line            ? 
_entity_src_gen.pdbx_host_org_atcc                 ? 
_entity_src_gen.pdbx_host_org_culture_collection   ? 
_entity_src_gen.pdbx_host_org_cell                 ? 
_entity_src_gen.pdbx_host_org_organelle            ? 
_entity_src_gen.pdbx_host_org_cellular_location    ? 
_entity_src_gen.pdbx_host_org_vector_type          ? 
_entity_src_gen.pdbx_host_org_vector               ? 
_entity_src_gen.host_org_details                   ? 
_entity_src_gen.expression_system_id               ? 
_entity_src_gen.plasmid_name                       ? 
_entity_src_gen.plasmid_details                    ? 
_entity_src_gen.pdbx_description                   ? 
# 
loop_
_chem_comp.id 
_chem_comp.type 
_chem_comp.mon_nstd_flag 
_chem_comp.name 
_chem_comp.pdbx_synonyms 
_chem_comp.formula 
_chem_comp.formula_weight 
ALA 'L-peptide linking' y ALANINE          ?                               'C3 H7 N O2'     89.093  
ARG 'L-peptide linking' y ARGININE         ?                               'C6 H15 N4 O2 1' 175.209 
ASN 'L-peptide linking' y ASPARAGINE       ?                               'C4 H8 N2 O3'    132.118 
ASP 'L-peptide linking' y 'ASPARTIC ACID'  ?                               'C4 H7 N O4'     133.103 
CYS 'L-peptide linking' y CYSTEINE         ?                               'C3 H7 N O2 S'   121.158 
GLN 'L-peptide linking' y GLUTAMINE        ?                               'C5 H10 N2 O3'   146.144 
GLU 'L-peptide linking' y 'GLUTAMIC ACID'  ?                               'C5 H9 N O4'     147.129 
GLY 'peptide linking'   y GLYCINE          ?                               'C2 H5 N O2'     75.067  
GOL non-polymer         . GLYCEROL         'GLYCERIN; PROPANE-1,2,3-TRIOL' 'C3 H8 O3'       92.094  
HIS 'L-peptide linking' y HISTIDINE        ?                               'C6 H10 N3 O2 1' 156.162 
HOH non-polymer         . WATER            ?                               'H2 O'           18.015  
ILE 'L-peptide linking' y ISOLEUCINE       ?                               'C6 H13 N O2'    131.173 
LEU 'L-peptide linking' y LEUCINE          ?                               'C6 H13 N O2'    131.173 
LYS 'L-peptide linking' y LYSINE           ?                               'C6 H15 N2 O2 1' 147.195 
MSE 'L-peptide linking' n SELENOMETHIONINE ?                               'C5 H11 N O2 Se' 196.106 
PHE 'L-peptide linking' y PHENYLALANINE    ?                               'C9 H11 N O2'    165.189 
PRO 'L-peptide linking' y PROLINE          ?                               'C5 H9 N O2'     115.130 
SER 'L-peptide linking' y SERINE           ?                               'C3 H7 N O3'     105.093 
SO4 non-polymer         . 'SULFATE ION'    ?                               'O4 S -2'        96.063  
THR 'L-peptide linking' y THREONINE        ?                               'C4 H9 N O3'     119.119 
TRP 'L-peptide linking' y TRYPTOPHAN       ?                               'C11 H12 N2 O2'  204.225 
VAL 'L-peptide linking' y VALINE           ?                               'C5 H11 N O2'    117.146 
# 
loop_
_pdbx_poly_seq_scheme.asym_id 
_pdbx_poly_seq_scheme.entity_id 
_pdbx_poly_seq_scheme.seq_id 
_pdbx_poly_seq_scheme.mon_id 
_pdbx_poly_seq_scheme.ndb_seq_num 
_pdbx_poly_seq_scheme.pdb_seq_num 
_pdbx_poly_seq_scheme.auth_seq_num 
_pdbx_poly_seq_scheme.pdb_mon_id 
_pdbx_poly_seq_scheme.auth_mon_id 
_pdbx_poly_seq_scheme.pdb_strand_id 
_pdbx_poly_seq_scheme.pdb_ins_code 
_pdbx_poly_seq_scheme.hetero 
A 1 1   MSE 1   1   ?   ?   ?   A . n 
A 1 2   GLY 2   2   ?   ?   ?   A . n 
A 1 3   SER 3   3   ?   ?   ?   A . n 
A 1 4   SER 4   4   ?   ?   ?   A . n 
A 1 5   HIS 5   5   ?   ?   ?   A . n 
A 1 6   HIS 6   6   ?   ?   ?   A . n 
A 1 7   HIS 7   7   ?   ?   ?   A . n 
A 1 8   HIS 8   8   ?   ?   ?   A . n 
A 1 9   HIS 9   9   ?   ?   ?   A . n 
A 1 10  HIS 10  10  ?   ?   ?   A . n 
A 1 11  SER 11  11  ?   ?   ?   A . n 
A 1 12  SER 12  12  12  SER SER A . n 
A 1 13  GLY 13  13  13  GLY GLY A . n 
A 1 14  LEU 14  14  14  LEU LEU A . n 
A 1 15  VAL 15  15  15  VAL VAL A . n 
A 1 16  PRO 16  16  16  PRO PRO A . n 
A 1 17  ARG 17  17  17  ARG ARG A . n 
A 1 18  GLY 18  18  18  GLY GLY A . n 
A 1 19  SER 19  19  19  SER SER A . n 
A 1 20  HIS 20  20  20  HIS HIS A . n 
A 1 21  MSE 21  21  21  MSE MSE A . n 
A 1 22  GLU 22  22  22  GLU GLU A . n 
A 1 23  LEU 23  23  23  LEU LEU A . n 
A 1 24  SER 24  24  24  SER SER A . n 
A 1 25  VAL 25  25  25  VAL VAL A . n 
A 1 26  ASP 26  26  26  ASP ASP A . n 
A 1 27  GLY 27  27  27  GLY GLY A . n 
A 1 28  LEU 28  28  28  LEU LEU A . n 
A 1 29  PRO 29  29  29  PRO PRO A . n 
A 1 30  PRO 30  30  30  PRO PRO A . n 
A 1 31  ASN 31  31  31  ASN ASN A . n 
A 1 32  LEU 32  32  32  LEU LEU A . n 
A 1 33  THR 33  33  33  THR THR A . n 
A 1 34  ARG 34  34  34  ARG ARG A . n 
A 1 35  SER 35  35  35  SER SER A . n 
A 1 36  ALA 36  36  36  ALA ALA A . n 
A 1 37  LEU 37  37  37  LEU LEU A . n 
A 1 38  LEU 38  38  38  LEU LEU A . n 
A 1 39  LEU 39  39  39  LEU LEU A . n 
A 1 40  ALA 40  40  40  ALA ALA A . n 
A 1 41  LEU 41  41  41  LEU LEU A . n 
A 1 42  GLN 42  42  42  GLN GLN A . n 
A 1 43  PRO 43  43  43  PRO PRO A . n 
A 1 44  LEU 44  44  44  LEU LEU A . n 
A 1 45  GLY 45  45  45  GLY GLY A . n 
A 1 46  PRO 46  46  46  PRO PRO A . n 
A 1 47  GLY 47  47  47  GLY GLY A . n 
A 1 48  LEU 48  48  48  LEU LEU A . n 
A 1 49  GLN 49  49  49  GLN GLN A . n 
A 1 50  GLU 50  50  50  GLU GLU A . n 
A 1 51  ALA 51  51  51  ALA ALA A . n 
A 1 52  ARG 52  52  52  ARG ARG A . n 
A 1 53  LEU 53  53  53  LEU LEU A . n 
A 1 54  LEU 54  54  54  LEU LEU A . n 
A 1 55  PRO 55  55  55  PRO PRO A . n 
A 1 56  SER 56  56  56  SER SER A . n 
A 1 57  PRO 57  57  57  PRO PRO A . n 
A 1 58  GLY 58  58  58  GLY GLY A . n 
A 1 59  PRO 59  59  59  PRO PRO A . n 
A 1 60  ALA 60  60  60  ALA ALA A . n 
A 1 61  PRO 61  61  61  PRO PRO A . n 
A 1 62  GLY 62  62  62  GLY GLY A . n 
A 1 63  GLN 63  63  63  GLN GLN A . n 
A 1 64  ILE 64  64  64  ILE ILE A . n 
A 1 65  ALA 65  65  65  ALA ALA A . n 
A 1 66  LEU 66  66  66  LEU LEU A . n 
A 1 67  LEU 67  67  67  LEU LEU A . n 
A 1 68  LYS 68  68  68  LYS LYS A . n 
A 1 69  PHE 69  69  69  PHE PHE A . n 
A 1 70  SER 70  70  70  SER SER A . n 
A 1 71  SER 71  71  71  SER SER A . n 
A 1 72  HIS 72  72  72  HIS HIS A . n 
A 1 73  ARG 73  73  73  ARG ARG A . n 
A 1 74  ALA 74  74  74  ALA ALA A . n 
A 1 75  ALA 75  75  75  ALA ALA A . n 
A 1 76  ALA 76  76  76  ALA ALA A . n 
A 1 77  MSE 77  77  77  MSE MSE A . n 
A 1 78  ALA 78  78  78  ALA ALA A . n 
A 1 79  LYS 79  79  79  LYS LYS A . n 
A 1 80  LYS 80  80  80  LYS LYS A . n 
A 1 81  ALA 81  81  81  ALA ALA A . n 
A 1 82  LEU 82  82  82  LEU LEU A . n 
A 1 83  VAL 83  83  83  VAL VAL A . n 
A 1 84  GLU 84  84  84  GLU GLU A . n 
A 1 85  GLY 85  85  85  GLY GLY A . n 
A 1 86  GLN 86  86  86  GLN GLN A . n 
A 1 87  SER 87  87  87  SER SER A . n 
A 1 88  HIS 88  88  88  HIS HIS A . n 
A 1 89  LEU 89  89  89  LEU LEU A . n 
A 1 90  CYS 90  90  90  CYS CYS A . n 
A 1 91  GLY 91  91  91  GLY GLY A . n 
A 1 92  GLU 92  92  92  GLU GLU A . n 
A 1 93  GLN 93  93  93  GLN GLN A . n 
A 1 94  VAL 94  94  94  VAL VAL A . n 
A 1 95  ALA 95  95  95  ALA ALA A . n 
A 1 96  VAL 96  96  96  VAL VAL A . n 
A 1 97  GLU 97  97  97  GLU GLU A . n 
A 1 98  TRP 98  98  98  TRP TRP A . n 
A 1 99  LEU 99  99  99  LEU LEU A . n 
A 1 100 LYS 100 100 100 LYS LYS A . n 
# 
loop_
_pdbx_nonpoly_scheme.asym_id 
_pdbx_nonpoly_scheme.entity_id 
_pdbx_nonpoly_scheme.mon_id 
_pdbx_nonpoly_scheme.ndb_seq_num 
_pdbx_nonpoly_scheme.pdb_seq_num 
_pdbx_nonpoly_scheme.auth_seq_num 
_pdbx_nonpoly_scheme.pdb_mon_id 
_pdbx_nonpoly_scheme.auth_mon_id 
_pdbx_nonpoly_scheme.pdb_strand_id 
_pdbx_nonpoly_scheme.pdb_ins_code 
B 2 GOL 1  201 201 GOL GOL A . 
C 3 SO4 1  202 1   SO4 SO4 A . 
D 4 HOH 1  301 25  HOH HOH A . 
D 4 HOH 2  302 27  HOH HOH A . 
D 4 HOH 3  303 3   HOH HOH A . 
D 4 HOH 4  304 18  HOH HOH A . 
D 4 HOH 5  305 13  HOH HOH A . 
D 4 HOH 6  306 21  HOH HOH A . 
D 4 HOH 7  307 4   HOH HOH A . 
D 4 HOH 8  308 9   HOH HOH A . 
D 4 HOH 9  309 23  HOH HOH A . 
D 4 HOH 10 310 2   HOH HOH A . 
D 4 HOH 11 311 24  HOH HOH A . 
D 4 HOH 12 312 17  HOH HOH A . 
D 4 HOH 13 313 11  HOH HOH A . 
D 4 HOH 14 314 0   HOH HOH A . 
D 4 HOH 15 315 29  HOH HOH A . 
D 4 HOH 16 316 19  HOH HOH A . 
D 4 HOH 17 317 10  HOH HOH A . 
D 4 HOH 18 318 22  HOH HOH A . 
D 4 HOH 19 319 6   HOH HOH A . 
D 4 HOH 20 320 7   HOH HOH A . 
D 4 HOH 21 321 1   HOH HOH A . 
D 4 HOH 22 322 8   HOH HOH A . 
D 4 HOH 23 323 5   HOH HOH A . 
D 4 HOH 24 324 28  HOH HOH A . 
D 4 HOH 25 325 15  HOH HOH A . 
D 4 HOH 26 326 12  HOH HOH A . 
D 4 HOH 27 327 14  HOH HOH A . 
D 4 HOH 28 328 20  HOH HOH A . 
D 4 HOH 29 329 31  HOH HOH A . 
D 4 HOH 30 330 30  HOH HOH A . 
# 
loop_
_software.citation_id 
_software.classification 
_software.compiler_name 
_software.compiler_version 
_software.contact_author 
_software.contact_author_email 
_software.date 
_software.description 
_software.dependencies 
_software.hardware 
_software.language 
_software.location 
_software.mods 
_software.name 
_software.os 
_software.os_version 
_software.type 
_software.version 
_software.pdbx_ordinal 
? refinement        ? ? ? ? ? ? ? ? ? ? ? REFMAC      ? ? ? 5.8.0257 1 
? 'data extraction' ? ? ? ? ? ? ? ? ? ? ? PDB_EXTRACT ? ? ? 3.25     2 
? 'data reduction'  ? ? ? ? ? ? ? ? ? ? ? XDS         ? ? ? .        3 
? 'data scaling'    ? ? ? ? ? ? ? ? ? ? ? Aimless     ? ? ? .        4 
? phasing           ? ? ? ? ? ? ? ? ? ? ? AutoSol     ? ? ? .        5 
# 
_cell.angle_alpha                  90.000 
_cell.angle_alpha_esd              ? 
_cell.angle_beta                   90.000 
_cell.angle_beta_esd               ? 
_cell.angle_gamma                  90.000 
_cell.angle_gamma_esd              ? 
_cell.entry_id                     6LE1 
_cell.details                      ? 
_cell.formula_units_Z              ? 
_cell.length_a                     44.615 
_cell.length_a_esd                 ? 
_cell.length_b                     44.615 
_cell.length_b_esd                 ? 
_cell.length_c                     111.332 
_cell.length_c_esd                 ? 
_cell.volume                       ? 
_cell.volume_esd                   ? 
_cell.Z_PDB                        8 
_cell.reciprocal_angle_alpha       ? 
_cell.reciprocal_angle_beta        ? 
_cell.reciprocal_angle_gamma       ? 
_cell.reciprocal_angle_alpha_esd   ? 
_cell.reciprocal_angle_beta_esd    ? 
_cell.reciprocal_angle_gamma_esd   ? 
_cell.reciprocal_length_a          ? 
_cell.reciprocal_length_b          ? 
_cell.reciprocal_length_c          ? 
_cell.reciprocal_length_a_esd      ? 
_cell.reciprocal_length_b_esd      ? 
_cell.reciprocal_length_c_esd      ? 
_cell.pdbx_unique_axis             ? 
# 
_symmetry.entry_id                         6LE1 
_symmetry.cell_setting                     ? 
_symmetry.Int_Tables_number                80 
_symmetry.space_group_name_Hall            ? 
_symmetry.space_group_name_H-M             'I 41' 
_symmetry.pdbx_full_space_group_name_H-M   ? 
# 
_exptl.absorpt_coefficient_mu     ? 
_exptl.absorpt_correction_T_max   ? 
_exptl.absorpt_correction_T_min   ? 
_exptl.absorpt_correction_type    ? 
_exptl.absorpt_process_details    ? 
_exptl.entry_id                   6LE1 
_exptl.crystals_number            1 
_exptl.details                    ? 
_exptl.method                     'X-RAY DIFFRACTION' 
_exptl.method_details             ? 
# 
_exptl_crystal.colour                      ? 
_exptl_crystal.density_diffrn              ? 
_exptl_crystal.density_Matthews            2.64 
_exptl_crystal.density_method              ? 
_exptl_crystal.density_percent_sol         53 
_exptl_crystal.description                 'Tetragonal bipyramids, plates' 
_exptl_crystal.F_000                       ? 
_exptl_crystal.id                          1 
_exptl_crystal.preparation                 ? 
_exptl_crystal.size_max                    ? 
_exptl_crystal.size_mid                    ? 
_exptl_crystal.size_min                    ? 
_exptl_crystal.size_rad                    ? 
_exptl_crystal.colour_lustre               ? 
_exptl_crystal.colour_modifier             ? 
_exptl_crystal.colour_primary              ? 
_exptl_crystal.density_meas                ? 
_exptl_crystal.density_meas_esd            ? 
_exptl_crystal.density_meas_gt             ? 
_exptl_crystal.density_meas_lt             ? 
_exptl_crystal.density_meas_temp           ? 
_exptl_crystal.density_meas_temp_esd       ? 
_exptl_crystal.density_meas_temp_gt        ? 
_exptl_crystal.density_meas_temp_lt        ? 
_exptl_crystal.pdbx_crystal_image_url      ? 
_exptl_crystal.pdbx_crystal_image_format   ? 
_exptl_crystal.pdbx_mosaicity              ? 
_exptl_crystal.pdbx_mosaicity_esd          ? 
# 
_exptl_crystal_grow.apparatus       ? 
_exptl_crystal_grow.atmosphere      ? 
_exptl_crystal_grow.crystal_id      1 
_exptl_crystal_grow.details         ? 
_exptl_crystal_grow.method          'VAPOR DIFFUSION, HANGING DROP' 
_exptl_crystal_grow.method_ref      ? 
_exptl_crystal_grow.pH              8.0 
_exptl_crystal_grow.pressure        ? 
_exptl_crystal_grow.pressure_esd    ? 
_exptl_crystal_grow.seeding         ? 
_exptl_crystal_grow.seeding_ref     ? 
_exptl_crystal_grow.temp            293 
_exptl_crystal_grow.temp_details    ? 
_exptl_crystal_grow.temp_esd        ? 
_exptl_crystal_grow.time            ? 
_exptl_crystal_grow.pdbx_details    '0.1M MES Monohydrate pH- 6.5, 30% PEG MME 5000, 0.2M Ammonium sulphate' 
_exptl_crystal_grow.pdbx_pH_range   ? 
# 
_diffrn.ambient_environment              ? 
_diffrn.ambient_temp                     100 
_diffrn.ambient_temp_details             ? 
_diffrn.ambient_temp_esd                 ? 
_diffrn.crystal_id                       1 
_diffrn.crystal_support                  ? 
_diffrn.crystal_treatment                ? 
_diffrn.details                          ? 
_diffrn.id                               1 
_diffrn.ambient_pressure                 ? 
_diffrn.ambient_pressure_esd             ? 
_diffrn.ambient_pressure_gt              ? 
_diffrn.ambient_pressure_lt              ? 
_diffrn.ambient_temp_gt                  ? 
_diffrn.ambient_temp_lt                  ? 
_diffrn.pdbx_serial_crystal_experiment   N 
# 
_diffrn_detector.details                      ? 
_diffrn_detector.detector                     PIXEL 
_diffrn_detector.diffrn_id                    1 
_diffrn_detector.type                         'DECTRIS PILATUS 6M' 
_diffrn_detector.area_resol_mean              ? 
_diffrn_detector.dtime                        ? 
_diffrn_detector.pdbx_frames_total            ? 
_diffrn_detector.pdbx_collection_time_total   ? 
_diffrn_detector.pdbx_collection_date         2018-09-05 
_diffrn_detector.pdbx_frequency               ? 
# 
_diffrn_radiation.collimation                      ? 
_diffrn_radiation.diffrn_id                        1 
_diffrn_radiation.filter_edge                      ? 
_diffrn_radiation.inhomogeneity                    ? 
_diffrn_radiation.monochromator                    ? 
_diffrn_radiation.polarisn_norm                    ? 
_diffrn_radiation.polarisn_ratio                   ? 
_diffrn_radiation.probe                            ? 
_diffrn_radiation.type                             ? 
_diffrn_radiation.xray_symbol                      ? 
_diffrn_radiation.wavelength_id                    1 
_diffrn_radiation.pdbx_monochromatic_or_laue_m_l   M 
_diffrn_radiation.pdbx_wavelength_list             ? 
_diffrn_radiation.pdbx_wavelength                  ? 
_diffrn_radiation.pdbx_diffrn_protocol             'SINGLE WAVELENGTH' 
_diffrn_radiation.pdbx_analyzer                    ? 
_diffrn_radiation.pdbx_scattering_type             x-ray 
# 
_diffrn_radiation_wavelength.id           1 
_diffrn_radiation_wavelength.wavelength   0.972 
_diffrn_radiation_wavelength.wt           1.0 
# 
_diffrn_source.current                     ? 
_diffrn_source.details                     ? 
_diffrn_source.diffrn_id                   1 
_diffrn_source.power                       ? 
_diffrn_source.size                        ? 
_diffrn_source.source                      SYNCHROTRON 
_diffrn_source.target                      ? 
_diffrn_source.type                        'ESRF BEAMLINE ID23-1' 
_diffrn_source.voltage                     ? 
_diffrn_source.take-off_angle              ? 
_diffrn_source.pdbx_wavelength_list        0.972 
_diffrn_source.pdbx_wavelength             ? 
_diffrn_source.pdbx_synchrotron_beamline   ID23-1 
_diffrn_source.pdbx_synchrotron_site       ESRF 
# 
_reflns.B_iso_Wilson_estimate            ? 
_reflns.entry_id                         6LE1 
_reflns.data_reduction_details           ? 
_reflns.data_reduction_method            ? 
_reflns.d_resolution_high                2.3 
_reflns.d_resolution_low                 31.6 
_reflns.details                          ? 
_reflns.limit_h_max                      ? 
_reflns.limit_h_min                      ? 
_reflns.limit_k_max                      ? 
_reflns.limit_k_min                      ? 
_reflns.limit_l_max                      ? 
_reflns.limit_l_min                      ? 
_reflns.number_all                       ? 
_reflns.number_obs                       4233 
_reflns.observed_criterion               ? 
_reflns.observed_criterion_F_max         ? 
_reflns.observed_criterion_F_min         ? 
_reflns.observed_criterion_I_max         ? 
_reflns.observed_criterion_I_min         ? 
_reflns.observed_criterion_sigma_F       ? 
_reflns.observed_criterion_sigma_I       ? 
_reflns.percent_possible_obs             92.4 
_reflns.R_free_details                   ? 
_reflns.Rmerge_F_all                     ? 
_reflns.Rmerge_F_obs                     ? 
_reflns.Friedel_coverage                 ? 
_reflns.number_gt                        ? 
_reflns.threshold_expression             ? 
_reflns.pdbx_redundancy                  6.7 
_reflns.pdbx_Rmerge_I_obs                0.092 
_reflns.pdbx_Rmerge_I_all                ? 
_reflns.pdbx_Rsym_value                  ? 
_reflns.pdbx_netI_over_av_sigmaI         ? 
_reflns.pdbx_netI_over_sigmaI            15.7 
_reflns.pdbx_res_netI_over_av_sigmaI_2   ? 
_reflns.pdbx_res_netI_over_sigmaI_2      ? 
_reflns.pdbx_chi_squared                 ? 
_reflns.pdbx_scaling_rejects             ? 
_reflns.pdbx_d_res_high_opt              ? 
_reflns.pdbx_d_res_low_opt               ? 
_reflns.pdbx_d_res_opt_method            ? 
_reflns.phase_calculation_details        ? 
_reflns.pdbx_Rrim_I_all                  0.100 
_reflns.pdbx_Rpim_I_all                  0.039 
_reflns.pdbx_d_opt                       ? 
_reflns.pdbx_number_measured_all         ? 
_reflns.pdbx_diffrn_id                   1 
_reflns.pdbx_ordinal                     1 
_reflns.pdbx_CC_half                     0.997 
_reflns.pdbx_CC_star                     ? 
_reflns.pdbx_R_split                     ? 
# 
_reflns_shell.d_res_high                  2.3 
_reflns_shell.d_res_low                   2.34 
_reflns_shell.meanI_over_sigI_all         ? 
_reflns_shell.meanI_over_sigI_obs         ? 
_reflns_shell.number_measured_all         ? 
_reflns_shell.number_measured_obs         ? 
_reflns_shell.number_possible             ? 
_reflns_shell.number_unique_all           ? 
_reflns_shell.number_unique_obs           237 
_reflns_shell.percent_possible_all        99.6 
_reflns_shell.percent_possible_obs        ? 
_reflns_shell.Rmerge_F_all                ? 
_reflns_shell.Rmerge_F_obs                ? 
_reflns_shell.Rmerge_I_all                ? 
_reflns_shell.Rmerge_I_obs                0.53 
_reflns_shell.meanI_over_sigI_gt          ? 
_reflns_shell.meanI_over_uI_all           ? 
_reflns_shell.meanI_over_uI_gt            ? 
_reflns_shell.number_measured_gt          ? 
_reflns_shell.number_unique_gt            ? 
_reflns_shell.percent_possible_gt         ? 
_reflns_shell.Rmerge_F_gt                 ? 
_reflns_shell.Rmerge_I_gt                 ? 
_reflns_shell.pdbx_redundancy             6.7 
_reflns_shell.pdbx_Rsym_value             ? 
_reflns_shell.pdbx_chi_squared            ? 
_reflns_shell.pdbx_netI_over_sigmaI_all   ? 
_reflns_shell.pdbx_netI_over_sigmaI_obs   ? 
_reflns_shell.pdbx_Rrim_I_all             ? 
_reflns_shell.pdbx_Rpim_I_all             ? 
_reflns_shell.pdbx_rejects                ? 
_reflns_shell.pdbx_ordinal                1 
_reflns_shell.pdbx_diffrn_id              1 
_reflns_shell.pdbx_CC_half                0.921 
_reflns_shell.pdbx_CC_star                ? 
_reflns_shell.pdbx_R_split                ? 
# 
_refine.aniso_B[1][1]                            0.7600 
_refine.aniso_B[1][2]                            0.0000 
_refine.aniso_B[1][3]                            0.0000 
_refine.aniso_B[2][2]                            0.7600 
_refine.aniso_B[2][3]                            0.0000 
_refine.aniso_B[3][3]                            -1.5300 
_refine.B_iso_max                                81.580 
_refine.B_iso_mean                               34.5180 
_refine.B_iso_min                                20.070 
_refine.correlation_coeff_Fo_to_Fc               0.9380 
_refine.correlation_coeff_Fo_to_Fc_free          0.9200 
_refine.details                                  
'HYDROGENS HAVE BEEN ADDED IN THE RIDING POSITIONS U VALUES      : REFINED INDIVIDUALLY' 
_refine.diff_density_max                         ? 
_refine.diff_density_max_esd                     ? 
_refine.diff_density_min                         ? 
_refine.diff_density_min_esd                     ? 
_refine.diff_density_rms                         ? 
_refine.diff_density_rms_esd                     ? 
_refine.entry_id                                 6LE1 
_refine.pdbx_refine_id                           'X-RAY DIFFRACTION' 
_refine.ls_abs_structure_details                 ? 
_refine.ls_abs_structure_Flack                   ? 
_refine.ls_abs_structure_Flack_esd               ? 
_refine.ls_abs_structure_Rogers                  ? 
_refine.ls_abs_structure_Rogers_esd              ? 
_refine.ls_d_res_high                            2.3000 
_refine.ls_d_res_low                             31.5700 
_refine.ls_extinction_coef                       ? 
_refine.ls_extinction_coef_esd                   ? 
_refine.ls_extinction_expression                 ? 
_refine.ls_extinction_method                     ? 
_refine.ls_goodness_of_fit_all                   ? 
_refine.ls_goodness_of_fit_all_esd               ? 
_refine.ls_goodness_of_fit_obs                   ? 
_refine.ls_goodness_of_fit_obs_esd               ? 
_refine.ls_hydrogen_treatment                    ? 
_refine.ls_matrix_type                           ? 
_refine.ls_number_constraints                    ? 
_refine.ls_number_parameters                     ? 
_refine.ls_number_reflns_all                     ? 
_refine.ls_number_reflns_obs                     4233 
_refine.ls_number_reflns_R_free                  235 
_refine.ls_number_reflns_R_work                  ? 
_refine.ls_number_restraints                     ? 
_refine.ls_percent_reflns_obs                    92.2200 
_refine.ls_percent_reflns_R_free                 5.3000 
_refine.ls_R_factor_all                          ? 
_refine.ls_R_factor_obs                          0.2116 
_refine.ls_R_factor_R_free                       0.2431 
_refine.ls_R_factor_R_free_error                 ? 
_refine.ls_R_factor_R_free_error_details         ? 
_refine.ls_R_factor_R_work                       0.2099 
_refine.ls_R_Fsqd_factor_obs                     ? 
_refine.ls_R_I_factor_obs                        ? 
_refine.ls_redundancy_reflns_all                 ? 
_refine.ls_redundancy_reflns_obs                 ? 
_refine.ls_restrained_S_all                      ? 
_refine.ls_restrained_S_obs                      ? 
_refine.ls_shift_over_esd_max                    ? 
_refine.ls_shift_over_esd_mean                   ? 
_refine.ls_structure_factor_coef                 ? 
_refine.ls_weighting_details                     ? 
_refine.ls_weighting_scheme                      ? 
_refine.ls_wR_factor_all                         ? 
_refine.ls_wR_factor_obs                         ? 
_refine.ls_wR_factor_R_free                      ? 
_refine.ls_wR_factor_R_work                      ? 
_refine.occupancy_max                            ? 
_refine.occupancy_min                            ? 
_refine.solvent_model_details                    ? 
_refine.solvent_model_param_bsol                 ? 
_refine.solvent_model_param_ksol                 ? 
_refine.pdbx_R_complete                          ? 
_refine.ls_R_factor_gt                           ? 
_refine.ls_goodness_of_fit_gt                    ? 
_refine.ls_goodness_of_fit_ref                   ? 
_refine.ls_shift_over_su_max                     ? 
_refine.ls_shift_over_su_max_lt                  ? 
_refine.ls_shift_over_su_mean                    ? 
_refine.ls_shift_over_su_mean_lt                 ? 
_refine.pdbx_ls_sigma_I                          ? 
_refine.pdbx_ls_sigma_F                          0.000 
_refine.pdbx_ls_sigma_Fsqd                       ? 
_refine.pdbx_data_cutoff_high_absF               ? 
_refine.pdbx_data_cutoff_high_rms_absF           ? 
_refine.pdbx_data_cutoff_low_absF                ? 
_refine.pdbx_isotropic_thermal_model             ? 
_refine.pdbx_ls_cross_valid_method               THROUGHOUT 
_refine.pdbx_method_to_determine_struct          SAD 
_refine.pdbx_starting_model                      ? 
_refine.pdbx_stereochemistry_target_values       ? 
_refine.pdbx_R_Free_selection_details            RANDOM 
_refine.pdbx_stereochem_target_val_spec_case     ? 
_refine.pdbx_overall_ESU_R                       0.2040 
_refine.pdbx_overall_ESU_R_Free                  0.2360 
_refine.pdbx_solvent_vdw_probe_radii             1.2000 
_refine.pdbx_solvent_ion_probe_radii             0.8000 
_refine.pdbx_solvent_shrinkage_radii             0.8000 
_refine.pdbx_real_space_R                        ? 
_refine.pdbx_density_correlation                 ? 
_refine.pdbx_pd_number_of_powder_patterns        ? 
_refine.pdbx_pd_number_of_points                 ? 
_refine.pdbx_pd_meas_number_of_points            ? 
_refine.pdbx_pd_proc_ls_prof_R_factor            ? 
_refine.pdbx_pd_proc_ls_prof_wR_factor           ? 
_refine.pdbx_pd_Marquardt_correlation_coeff      ? 
_refine.pdbx_pd_Fsqrd_R_factor                   ? 
_refine.pdbx_pd_ls_matrix_band_width             ? 
_refine.pdbx_overall_phase_error                 ? 
_refine.pdbx_overall_SU_R_free_Cruickshank_DPI   ? 
_refine.pdbx_overall_SU_R_free_Blow_DPI          ? 
_refine.pdbx_overall_SU_R_Blow_DPI               ? 
_refine.pdbx_TLS_residual_ADP_flag               ? 
_refine.pdbx_diffrn_id                           1 
_refine.overall_SU_B                             0.0080 
_refine.overall_SU_ML                            0.0000 
_refine.overall_SU_R_Cruickshank_DPI             ? 
_refine.overall_SU_R_free                        ? 
_refine.overall_FOM_free_R_set                   ? 
_refine.overall_FOM_work_R_set                   ? 
_refine.pdbx_average_fsc_overall                 ? 
_refine.pdbx_average_fsc_work                    ? 
_refine.pdbx_average_fsc_free                    ? 
# 
_refine_hist.pdbx_refine_id                   'X-RAY DIFFRACTION' 
_refine_hist.cycle_id                         final 
_refine_hist.details                          ? 
_refine_hist.d_res_high                       2.3000 
_refine_hist.d_res_low                        31.5700 
_refine_hist.number_atoms_solvent             30 
_refine_hist.number_atoms_total               692 
_refine_hist.number_reflns_all                ? 
_refine_hist.number_reflns_obs                ? 
_refine_hist.number_reflns_R_free             ? 
_refine_hist.number_reflns_R_work             ? 
_refine_hist.R_factor_all                     ? 
_refine_hist.R_factor_obs                     ? 
_refine_hist.R_factor_R_free                  ? 
_refine_hist.R_factor_R_work                  ? 
_refine_hist.pdbx_number_residues_total       89 
_refine_hist.pdbx_B_iso_mean_ligand           49.95 
_refine_hist.pdbx_B_iso_mean_solvent          34.84 
_refine_hist.pdbx_number_atoms_protein        651 
_refine_hist.pdbx_number_atoms_nucleic_acid   0 
_refine_hist.pdbx_number_atoms_ligand         11 
_refine_hist.pdbx_number_atoms_lipid          ? 
_refine_hist.pdbx_number_atoms_carb           ? 
_refine_hist.pdbx_pseudo_atom_details         ? 
# 
_refine_ls_shell.pdbx_refine_id                   'X-RAY DIFFRACTION' 
_refine_ls_shell.d_res_high                       2.3000 
_refine_ls_shell.d_res_low                        2.3600 
_refine_ls_shell.number_reflns_all                358 
_refine_ls_shell.number_reflns_obs                ? 
_refine_ls_shell.number_reflns_R_free             28 
_refine_ls_shell.number_reflns_R_work             330 
_refine_ls_shell.percent_reflns_obs               100.0000 
_refine_ls_shell.percent_reflns_R_free            ? 
_refine_ls_shell.R_factor_all                     ? 
_refine_ls_shell.R_factor_obs                     ? 
_refine_ls_shell.R_factor_R_free                  0.2940 
_refine_ls_shell.R_factor_R_free_error            0.0000 
_refine_ls_shell.R_factor_R_work                  0.2170 
_refine_ls_shell.redundancy_reflns_all            ? 
_refine_ls_shell.redundancy_reflns_obs            ? 
_refine_ls_shell.wR_factor_all                    ? 
_refine_ls_shell.wR_factor_obs                    ? 
_refine_ls_shell.wR_factor_R_free                 ? 
_refine_ls_shell.wR_factor_R_work                 ? 
_refine_ls_shell.pdbx_R_complete                  ? 
_refine_ls_shell.pdbx_total_number_of_bins_used   20 
_refine_ls_shell.pdbx_phase_error                 ? 
_refine_ls_shell.pdbx_fsc_work                    ? 
_refine_ls_shell.pdbx_fsc_free                    ? 
# 
_struct.entry_id                     6LE1 
_struct.title                        'Structure of RRM2 domain of DND1 protein' 
_struct.pdbx_model_details           ? 
_struct.pdbx_formula_weight          ? 
_struct.pdbx_formula_weight_method   ? 
_struct.pdbx_model_type_details      ? 
_struct.pdbx_CASP_flag               N 
# 
_struct_keywords.entry_id        6LE1 
_struct_keywords.text            'Domain swapped dimerisation, TRANSCRIPTION' 
_struct_keywords.pdbx_keywords   TRANSCRIPTION 
# 
loop_
_struct_asym.id 
_struct_asym.pdbx_blank_PDB_chainid_flag 
_struct_asym.pdbx_modified 
_struct_asym.entity_id 
_struct_asym.details 
A N N 1 ? 
B N N 2 ? 
C N N 3 ? 
D N N 4 ? 
# 
_struct_ref.id                         1 
_struct_ref.db_name                    UNP 
_struct_ref.db_code                    DND1_HUMAN 
_struct_ref.pdbx_db_accession          Q8IYX4 
_struct_ref.pdbx_db_isoform            ? 
_struct_ref.entity_id                  1 
_struct_ref.pdbx_seq_one_letter_code   ELSVDGLPPNLTRSALLLALQPLGPGLQEARLLPSPGPAPGQIALLKFSSHRAAAMAKKALVEGQSHLCGEQVAVEWLK 
_struct_ref.pdbx_align_begin           139 
# 
_struct_ref_seq.align_id                      1 
_struct_ref_seq.ref_id                        1 
_struct_ref_seq.pdbx_PDB_id_code              6LE1 
_struct_ref_seq.pdbx_strand_id                A 
_struct_ref_seq.seq_align_beg                 22 
_struct_ref_seq.pdbx_seq_align_beg_ins_code   ? 
_struct_ref_seq.seq_align_end                 100 
_struct_ref_seq.pdbx_seq_align_end_ins_code   ? 
_struct_ref_seq.pdbx_db_accession             Q8IYX4 
_struct_ref_seq.db_align_beg                  139 
_struct_ref_seq.pdbx_db_align_beg_ins_code    ? 
_struct_ref_seq.db_align_end                  217 
_struct_ref_seq.pdbx_db_align_end_ins_code    ? 
_struct_ref_seq.pdbx_auth_seq_align_beg       22 
_struct_ref_seq.pdbx_auth_seq_align_end       100 
# 
loop_
_struct_ref_seq_dif.align_id 
_struct_ref_seq_dif.pdbx_pdb_id_code 
_struct_ref_seq_dif.mon_id 
_struct_ref_seq_dif.pdbx_pdb_strand_id 
_struct_ref_seq_dif.seq_num 
_struct_ref_seq_dif.pdbx_pdb_ins_code 
_struct_ref_seq_dif.pdbx_seq_db_name 
_struct_ref_seq_dif.pdbx_seq_db_accession_code 
_struct_ref_seq_dif.db_mon_id 
_struct_ref_seq_dif.pdbx_seq_db_seq_num 
_struct_ref_seq_dif.details 
_struct_ref_seq_dif.pdbx_auth_seq_num 
_struct_ref_seq_dif.pdbx_ordinal 
1 6LE1 MSE A 1  ? UNP Q8IYX4 ? ? 'expression tag' 1  1  
1 6LE1 GLY A 2  ? UNP Q8IYX4 ? ? 'expression tag' 2  2  
1 6LE1 SER A 3  ? UNP Q8IYX4 ? ? 'expression tag' 3  3  
1 6LE1 SER A 4  ? UNP Q8IYX4 ? ? 'expression tag' 4  4  
1 6LE1 HIS A 5  ? UNP Q8IYX4 ? ? 'expression tag' 5  5  
1 6LE1 HIS A 6  ? UNP Q8IYX4 ? ? 'expression tag' 6  6  
1 6LE1 HIS A 7  ? UNP Q8IYX4 ? ? 'expression tag' 7  7  
1 6LE1 HIS A 8  ? UNP Q8IYX4 ? ? 'expression tag' 8  8  
1 6LE1 HIS A 9  ? UNP Q8IYX4 ? ? 'expression tag' 9  9  
1 6LE1 HIS A 10 ? UNP Q8IYX4 ? ? 'expression tag' 10 10 
1 6LE1 SER A 11 ? UNP Q8IYX4 ? ? 'expression tag' 11 11 
1 6LE1 SER A 12 ? UNP Q8IYX4 ? ? 'expression tag' 12 12 
1 6LE1 GLY A 13 ? UNP Q8IYX4 ? ? 'expression tag' 13 13 
1 6LE1 LEU A 14 ? UNP Q8IYX4 ? ? 'expression tag' 14 14 
1 6LE1 VAL A 15 ? UNP Q8IYX4 ? ? 'expression tag' 15 15 
1 6LE1 PRO A 16 ? UNP Q8IYX4 ? ? 'expression tag' 16 16 
1 6LE1 ARG A 17 ? UNP Q8IYX4 ? ? 'expression tag' 17 17 
1 6LE1 GLY A 18 ? UNP Q8IYX4 ? ? 'expression tag' 18 18 
1 6LE1 SER A 19 ? UNP Q8IYX4 ? ? 'expression tag' 19 19 
1 6LE1 HIS A 20 ? UNP Q8IYX4 ? ? 'expression tag' 20 20 
1 6LE1 MSE A 21 ? UNP Q8IYX4 ? ? 'expression tag' 21 21 
# 
_pdbx_struct_assembly.id                   1 
_pdbx_struct_assembly.details              author_and_software_defined_assembly 
_pdbx_struct_assembly.method_details       PISA 
_pdbx_struct_assembly.oligomeric_details   dimeric 
_pdbx_struct_assembly.oligomeric_count     2 
# 
loop_
_pdbx_struct_assembly_prop.biol_id 
_pdbx_struct_assembly_prop.type 
_pdbx_struct_assembly_prop.value 
_pdbx_struct_assembly_prop.details 
1 'ABSA (A^2)' 4330  ? 
1 MORE         -55   ? 
1 'SSA (A^2)'  10990 ? 
# 
_pdbx_struct_assembly_gen.assembly_id       1 
_pdbx_struct_assembly_gen.oper_expression   1,2 
_pdbx_struct_assembly_gen.asym_id_list      A,B,C,D 
# 
_pdbx_struct_assembly_auth_evidence.id                     1 
_pdbx_struct_assembly_auth_evidence.assembly_id            1 
_pdbx_struct_assembly_auth_evidence.experimental_support   'gel filtration' 
_pdbx_struct_assembly_auth_evidence.details                'Size exclusion chromatography' 
# 
loop_
_pdbx_struct_oper_list.id 
_pdbx_struct_oper_list.type 
_pdbx_struct_oper_list.name 
_pdbx_struct_oper_list.symmetry_operation 
_pdbx_struct_oper_list.matrix[1][1] 
_pdbx_struct_oper_list.matrix[1][2] 
_pdbx_struct_oper_list.matrix[1][3] 
_pdbx_struct_oper_list.vector[1] 
_pdbx_struct_oper_list.matrix[2][1] 
_pdbx_struct_oper_list.matrix[2][2] 
_pdbx_struct_oper_list.matrix[2][3] 
_pdbx_struct_oper_list.vector[2] 
_pdbx_struct_oper_list.matrix[3][1] 
_pdbx_struct_oper_list.matrix[3][2] 
_pdbx_struct_oper_list.matrix[3][3] 
_pdbx_struct_oper_list.vector[3] 
1 'identity operation'         1_555 x,y,z       1.0000000000 0.0000000000 0.0000000000 0.0000000000  0.0000000000 1.0000000000  0.0000000000 0.0000000000  0.0000000000 0.0000000000 1.0000000000  0.0000000000  
2 'crystal symmetry operation' 6_665 -x+1,-y+1,z 0.8328934632 0.5512720309 0.0488633499 -5.3515902798 0.5512720309 -0.8341961177 0.0146964342 18.1448780679 0.0488633499 0.0146964342 -0.9986973455 -3.9675736758 
# 
loop_
_struct_conf.conf_type_id 
_struct_conf.id 
_struct_conf.pdbx_PDB_helix_id 
_struct_conf.beg_label_comp_id 
_struct_conf.beg_label_asym_id 
_struct_conf.beg_label_seq_id 
_struct_conf.pdbx_beg_PDB_ins_code 
_struct_conf.end_label_comp_id 
_struct_conf.end_label_asym_id 
_struct_conf.end_label_seq_id 
_struct_conf.pdbx_end_PDB_ins_code 
_struct_conf.beg_auth_comp_id 
_struct_conf.beg_auth_asym_id 
_struct_conf.beg_auth_seq_id 
_struct_conf.end_auth_comp_id 
_struct_conf.end_auth_asym_id 
_struct_conf.end_auth_seq_id 
_struct_conf.pdbx_PDB_helix_class 
_struct_conf.details 
_struct_conf.pdbx_PDB_helix_length 
HELX_P HELX_P1 AA1 THR A 33 ? GLN A 42 ? THR A 33 GLN A 42 1 ? 10 
HELX_P HELX_P2 AA2 PRO A 43 ? GLY A 45 ? PRO A 43 GLY A 45 5 ? 3  
HELX_P HELX_P3 AA3 SER A 71 ? LEU A 89 ? SER A 71 LEU A 89 1 ? 19 
# 
_struct_conf_type.id          HELX_P 
_struct_conf_type.criteria    ? 
_struct_conf_type.reference   ? 
# 
loop_
_struct_conn.id 
_struct_conn.conn_type_id 
_struct_conn.pdbx_leaving_atom_flag 
_struct_conn.pdbx_PDB_id 
_struct_conn.ptnr1_label_asym_id 
_struct_conn.ptnr1_label_comp_id 
_struct_conn.ptnr1_label_seq_id 
_struct_conn.ptnr1_label_atom_id 
_struct_conn.pdbx_ptnr1_label_alt_id 
_struct_conn.pdbx_ptnr1_PDB_ins_code 
_struct_conn.pdbx_ptnr1_standard_comp_id 
_struct_conn.ptnr1_symmetry 
_struct_conn.ptnr2_label_asym_id 
_struct_conn.ptnr2_label_comp_id 
_struct_conn.ptnr2_label_seq_id 
_struct_conn.ptnr2_label_atom_id 
_struct_conn.pdbx_ptnr2_label_alt_id 
_struct_conn.pdbx_ptnr2_PDB_ins_code 
_struct_conn.ptnr1_auth_asym_id 
_struct_conn.ptnr1_auth_comp_id 
_struct_conn.ptnr1_auth_seq_id 
_struct_conn.ptnr2_auth_asym_id 
_struct_conn.ptnr2_auth_comp_id 
_struct_conn.ptnr2_auth_seq_id 
_struct_conn.ptnr2_symmetry 
_struct_conn.pdbx_ptnr3_label_atom_id 
_struct_conn.pdbx_ptnr3_label_seq_id 
_struct_conn.pdbx_ptnr3_label_comp_id 
_struct_conn.pdbx_ptnr3_label_asym_id 
_struct_conn.pdbx_ptnr3_label_alt_id 
_struct_conn.pdbx_ptnr3_PDB_ins_code 
_struct_conn.details 
_struct_conn.pdbx_dist_value 
_struct_conn.pdbx_value_order 
_struct_conn.pdbx_role 
disulf1 disulf ?    ? A CYS 90 SG ? ? ? 1_555 A CYS 90 SG ? ? A CYS 90 A CYS 90 6_665 ? ? ? ? ? ? ? 1.949 ? ? 
covale1 covale both ? A HIS 20 C  ? ? ? 1_555 A MSE 21 N  ? ? A HIS 20 A MSE 21 1_555 ? ? ? ? ? ? ? 1.328 ? ? 
covale2 covale both ? A MSE 21 C  ? ? ? 1_555 A GLU 22 N  ? ? A MSE 21 A GLU 22 1_555 ? ? ? ? ? ? ? 1.328 ? ? 
covale3 covale both ? A ALA 76 C  ? ? ? 1_555 A MSE 77 N  ? ? A ALA 76 A MSE 77 1_555 ? ? ? ? ? ? ? 1.320 ? ? 
covale4 covale both ? A MSE 77 C  ? ? ? 1_555 A ALA 78 N  ? ? A MSE 77 A ALA 78 1_555 ? ? ? ? ? ? ? 1.336 ? ? 
# 
loop_
_struct_conn_type.id 
_struct_conn_type.criteria 
_struct_conn_type.reference 
disulf ? ? 
covale ? ? 
# 
loop_
_pdbx_modification_feature.ordinal 
_pdbx_modification_feature.label_comp_id 
_pdbx_modification_feature.label_asym_id 
_pdbx_modification_feature.label_seq_id 
_pdbx_modification_feature.label_alt_id 
_pdbx_modification_feature.modified_residue_label_comp_id 
_pdbx_modification_feature.modified_residue_label_asym_id 
_pdbx_modification_feature.modified_residue_label_seq_id 
_pdbx_modification_feature.modified_residue_label_alt_id 
_pdbx_modification_feature.auth_comp_id 
_pdbx_modification_feature.auth_asym_id 
_pdbx_modification_feature.auth_seq_id 
_pdbx_modification_feature.PDB_ins_code 
_pdbx_modification_feature.symmetry 
_pdbx_modification_feature.modified_residue_auth_comp_id 
_pdbx_modification_feature.modified_residue_auth_asym_id 
_pdbx_modification_feature.modified_residue_auth_seq_id 
_pdbx_modification_feature.modified_residue_PDB_ins_code 
_pdbx_modification_feature.modified_residue_symmetry 
_pdbx_modification_feature.comp_id_linking_atom 
_pdbx_modification_feature.modified_residue_id_linking_atom 
_pdbx_modification_feature.modified_residue_id 
_pdbx_modification_feature.ref_pcm_id 
_pdbx_modification_feature.ref_comp_id 
_pdbx_modification_feature.type 
_pdbx_modification_feature.category 
1 MSE A 21 ? .   . .  . MSE A 21 ? 1_555 .   . .  . .     .  .  MET 1 MSE Selenomethionine 'Named protein modification' 
2 MSE A 77 ? .   . .  . MSE A 77 ? 1_555 .   . .  . .     .  .  MET 1 MSE Selenomethionine 'Named protein modification' 
3 CYS A 90 ? CYS A 90 ? CYS A 90 ? 1_555 CYS A 90 ? 6_665 SG SG .   . .   None             'Disulfide bridge'           
# 
_struct_sheet.id               AA1 
_struct_sheet.type             ? 
_struct_sheet.number_strands   3 
_struct_sheet.details          ? 
# 
loop_
_struct_sheet_order.sheet_id 
_struct_sheet_order.range_id_1 
_struct_sheet_order.range_id_2 
_struct_sheet_order.offset 
_struct_sheet_order.sense 
AA1 1 2 ? anti-parallel 
AA1 2 3 ? anti-parallel 
# 
loop_
_struct_sheet_range.sheet_id 
_struct_sheet_range.id 
_struct_sheet_range.beg_label_comp_id 
_struct_sheet_range.beg_label_asym_id 
_struct_sheet_range.beg_label_seq_id 
_struct_sheet_range.pdbx_beg_PDB_ins_code 
_struct_sheet_range.end_label_comp_id 
_struct_sheet_range.end_label_asym_id 
_struct_sheet_range.end_label_seq_id 
_struct_sheet_range.pdbx_end_PDB_ins_code 
_struct_sheet_range.beg_auth_comp_id 
_struct_sheet_range.beg_auth_asym_id 
_struct_sheet_range.beg_auth_seq_id 
_struct_sheet_range.end_auth_comp_id 
_struct_sheet_range.end_auth_asym_id 
_struct_sheet_range.end_auth_seq_id 
AA1 1 GLU A 22 ? LEU A 28 ? GLU A 22 LEU A 28 
AA1 2 GLN A 63 ? PHE A 69 ? GLN A 63 PHE A 69 
AA1 3 LEU A 48 ? PRO A 55 ? LEU A 48 PRO A 55 
# 
loop_
_pdbx_struct_sheet_hbond.sheet_id 
_pdbx_struct_sheet_hbond.range_id_1 
_pdbx_struct_sheet_hbond.range_id_2 
_pdbx_struct_sheet_hbond.range_1_label_atom_id 
_pdbx_struct_sheet_hbond.range_1_label_comp_id 
_pdbx_struct_sheet_hbond.range_1_label_asym_id 
_pdbx_struct_sheet_hbond.range_1_label_seq_id 
_pdbx_struct_sheet_hbond.range_1_PDB_ins_code 
_pdbx_struct_sheet_hbond.range_1_auth_atom_id 
_pdbx_struct_sheet_hbond.range_1_auth_comp_id 
_pdbx_struct_sheet_hbond.range_1_auth_asym_id 
_pdbx_struct_sheet_hbond.range_1_auth_seq_id 
_pdbx_struct_sheet_hbond.range_2_label_atom_id 
_pdbx_struct_sheet_hbond.range_2_label_comp_id 
_pdbx_struct_sheet_hbond.range_2_label_asym_id 
_pdbx_struct_sheet_hbond.range_2_label_seq_id 
_pdbx_struct_sheet_hbond.range_2_PDB_ins_code 
_pdbx_struct_sheet_hbond.range_2_auth_atom_id 
_pdbx_struct_sheet_hbond.range_2_auth_comp_id 
_pdbx_struct_sheet_hbond.range_2_auth_asym_id 
_pdbx_struct_sheet_hbond.range_2_auth_seq_id 
AA1 1 2 N LEU A 23 ? N LEU A 23 O LEU A 67 ? O LEU A 67 
AA1 2 3 O LYS A 68 ? O LYS A 68 N GLN A 49 ? N GLN A 49 
# 
loop_
_struct_site.id 
_struct_site.pdbx_evidence_code 
_struct_site.pdbx_auth_asym_id 
_struct_site.pdbx_auth_comp_id 
_struct_site.pdbx_auth_seq_id 
_struct_site.pdbx_auth_ins_code 
_struct_site.pdbx_num_residues 
_struct_site.details 
AC1 Software A GOL 201 ? 3 'binding site for residue GOL A 201' 
AC2 Software A SO4 202 ? 2 'binding site for residue SO4 A 202' 
# 
loop_
_struct_site_gen.id 
_struct_site_gen.site_id 
_struct_site_gen.pdbx_num_res 
_struct_site_gen.label_comp_id 
_struct_site_gen.label_asym_id 
_struct_site_gen.label_seq_id 
_struct_site_gen.pdbx_auth_ins_code 
_struct_site_gen.auth_comp_id 
_struct_site_gen.auth_asym_id 
_struct_site_gen.auth_seq_id 
_struct_site_gen.label_atom_id 
_struct_site_gen.label_alt_id 
_struct_site_gen.symmetry 
_struct_site_gen.details 
1 AC1 3 SER A 71 ? SER A 71 . ? 1_555 ? 
2 AC1 3 HIS A 72 ? HIS A 72 . ? 1_555 ? 
3 AC1 3 ARG A 73 ? ARG A 73 . ? 1_555 ? 
4 AC2 2 PRO A 16 ? PRO A 16 . ? 1_555 ? 
5 AC2 2 ARG A 17 ? ARG A 17 . ? 1_555 ? 
# 
_pdbx_entry_details.entry_id                   6LE1 
_pdbx_entry_details.has_ligand_of_interest     N 
_pdbx_entry_details.compound_details           ? 
_pdbx_entry_details.source_details             ? 
_pdbx_entry_details.nonpolymer_details         ? 
_pdbx_entry_details.sequence_details           ? 
_pdbx_entry_details.has_protein_modification   Y 
# 
_pdbx_validate_rmsd_angle.id                         1 
_pdbx_validate_rmsd_angle.PDB_model_num              1 
_pdbx_validate_rmsd_angle.auth_atom_id_1             CG 
_pdbx_validate_rmsd_angle.auth_asym_id_1             A 
_pdbx_validate_rmsd_angle.auth_comp_id_1             MSE 
_pdbx_validate_rmsd_angle.auth_seq_id_1              21 
_pdbx_validate_rmsd_angle.PDB_ins_code_1             ? 
_pdbx_validate_rmsd_angle.label_alt_id_1             ? 
_pdbx_validate_rmsd_angle.auth_atom_id_2             SE 
_pdbx_validate_rmsd_angle.auth_asym_id_2             A 
_pdbx_validate_rmsd_angle.auth_comp_id_2             MSE 
_pdbx_validate_rmsd_angle.auth_seq_id_2              21 
_pdbx_validate_rmsd_angle.PDB_ins_code_2             ? 
_pdbx_validate_rmsd_angle.label_alt_id_2             ? 
_pdbx_validate_rmsd_angle.auth_atom_id_3             CE 
_pdbx_validate_rmsd_angle.auth_asym_id_3             A 
_pdbx_validate_rmsd_angle.auth_comp_id_3             MSE 
_pdbx_validate_rmsd_angle.auth_seq_id_3              21 
_pdbx_validate_rmsd_angle.PDB_ins_code_3             ? 
_pdbx_validate_rmsd_angle.label_alt_id_3             ? 
_pdbx_validate_rmsd_angle.angle_value                114.98 
_pdbx_validate_rmsd_angle.angle_target_value         98.90 
_pdbx_validate_rmsd_angle.angle_deviation            16.08 
_pdbx_validate_rmsd_angle.angle_standard_deviation   2.20 
_pdbx_validate_rmsd_angle.linker_flag                N 
# 
_pdbx_struct_mod_residue.id               1 
_pdbx_struct_mod_residue.label_asym_id    A 
_pdbx_struct_mod_residue.label_comp_id    MSE 
_pdbx_struct_mod_residue.label_seq_id     77 
_pdbx_struct_mod_residue.auth_asym_id     A 
_pdbx_struct_mod_residue.auth_comp_id     MSE 
_pdbx_struct_mod_residue.auth_seq_id      77 
_pdbx_struct_mod_residue.PDB_ins_code     ? 
_pdbx_struct_mod_residue.parent_comp_id   MET 
_pdbx_struct_mod_residue.details          'modified residue' 
# 
loop_
_pdbx_struct_special_symmetry.id 
_pdbx_struct_special_symmetry.PDB_model_num 
_pdbx_struct_special_symmetry.auth_asym_id 
_pdbx_struct_special_symmetry.auth_comp_id 
_pdbx_struct_special_symmetry.auth_seq_id 
_pdbx_struct_special_symmetry.PDB_ins_code 
_pdbx_struct_special_symmetry.label_asym_id 
_pdbx_struct_special_symmetry.label_comp_id 
_pdbx_struct_special_symmetry.label_seq_id 
1 1 A HOH 329 ? D HOH . 
2 1 A HOH 330 ? D HOH . 
# 
loop_
_pdbx_unobs_or_zero_occ_residues.id 
_pdbx_unobs_or_zero_occ_residues.PDB_model_num 
_pdbx_unobs_or_zero_occ_residues.polymer_flag 
_pdbx_unobs_or_zero_occ_residues.occupancy_flag 
_pdbx_unobs_or_zero_occ_residues.auth_asym_id 
_pdbx_unobs_or_zero_occ_residues.auth_comp_id 
_pdbx_unobs_or_zero_occ_residues.auth_seq_id 
_pdbx_unobs_or_zero_occ_residues.PDB_ins_code 
_pdbx_unobs_or_zero_occ_residues.label_asym_id 
_pdbx_unobs_or_zero_occ_residues.label_comp_id 
_pdbx_unobs_or_zero_occ_residues.label_seq_id 
1  1 Y 1 A MSE 1  ? A MSE 1  
2  1 Y 1 A GLY 2  ? A GLY 2  
3  1 Y 1 A SER 3  ? A SER 3  
4  1 Y 1 A SER 4  ? A SER 4  
5  1 Y 1 A HIS 5  ? A HIS 5  
6  1 Y 1 A HIS 6  ? A HIS 6  
7  1 Y 1 A HIS 7  ? A HIS 7  
8  1 Y 1 A HIS 8  ? A HIS 8  
9  1 Y 1 A HIS 9  ? A HIS 9  
10 1 Y 1 A HIS 10 ? A HIS 10 
11 1 Y 1 A SER 11 ? A SER 11 
# 
loop_
_chem_comp_atom.comp_id 
_chem_comp_atom.atom_id 
_chem_comp_atom.type_symbol 
_chem_comp_atom.pdbx_aromatic_flag 
_chem_comp_atom.pdbx_stereo_config 
_chem_comp_atom.pdbx_ordinal 
ALA N    N  N N 1   
ALA CA   C  N S 2   
ALA C    C  N N 3   
ALA O    O  N N 4   
ALA CB   C  N N 5   
ALA OXT  O  N N 6   
ALA H    H  N N 7   
ALA H2   H  N N 8   
ALA HA   H  N N 9   
ALA HB1  H  N N 10  
ALA HB2  H  N N 11  
ALA HB3  H  N N 12  
ALA HXT  H  N N 13  
ARG N    N  N N 14  
ARG CA   C  N S 15  
ARG C    C  N N 16  
ARG O    O  N N 17  
ARG CB   C  N N 18  
ARG CG   C  N N 19  
ARG CD   C  N N 20  
ARG NE   N  N N 21  
ARG CZ   C  N N 22  
ARG NH1  N  N N 23  
ARG NH2  N  N N 24  
ARG OXT  O  N N 25  
ARG H    H  N N 26  
ARG H2   H  N N 27  
ARG HA   H  N N 28  
ARG HB2  H  N N 29  
ARG HB3  H  N N 30  
ARG HG2  H  N N 31  
ARG HG3  H  N N 32  
ARG HD2  H  N N 33  
ARG HD3  H  N N 34  
ARG HE   H  N N 35  
ARG HH11 H  N N 36  
ARG HH12 H  N N 37  
ARG HH21 H  N N 38  
ARG HH22 H  N N 39  
ARG HXT  H  N N 40  
ASN N    N  N N 41  
ASN CA   C  N S 42  
ASN C    C  N N 43  
ASN O    O  N N 44  
ASN CB   C  N N 45  
ASN CG   C  N N 46  
ASN OD1  O  N N 47  
ASN ND2  N  N N 48  
ASN OXT  O  N N 49  
ASN H    H  N N 50  
ASN H2   H  N N 51  
ASN HA   H  N N 52  
ASN HB2  H  N N 53  
ASN HB3  H  N N 54  
ASN HD21 H  N N 55  
ASN HD22 H  N N 56  
ASN HXT  H  N N 57  
ASP N    N  N N 58  
ASP CA   C  N S 59  
ASP C    C  N N 60  
ASP O    O  N N 61  
ASP CB   C  N N 62  
ASP CG   C  N N 63  
ASP OD1  O  N N 64  
ASP OD2  O  N N 65  
ASP OXT  O  N N 66  
ASP H    H  N N 67  
ASP H2   H  N N 68  
ASP HA   H  N N 69  
ASP HB2  H  N N 70  
ASP HB3  H  N N 71  
ASP HD2  H  N N 72  
ASP HXT  H  N N 73  
CYS N    N  N N 74  
CYS CA   C  N R 75  
CYS C    C  N N 76  
CYS O    O  N N 77  
CYS CB   C  N N 78  
CYS SG   S  N N 79  
CYS OXT  O  N N 80  
CYS H    H  N N 81  
CYS H2   H  N N 82  
CYS HA   H  N N 83  
CYS HB2  H  N N 84  
CYS HB3  H  N N 85  
CYS HG   H  N N 86  
CYS HXT  H  N N 87  
GLN N    N  N N 88  
GLN CA   C  N S 89  
GLN C    C  N N 90  
GLN O    O  N N 91  
GLN CB   C  N N 92  
GLN CG   C  N N 93  
GLN CD   C  N N 94  
GLN OE1  O  N N 95  
GLN NE2  N  N N 96  
GLN OXT  O  N N 97  
GLN H    H  N N 98  
GLN H2   H  N N 99  
GLN HA   H  N N 100 
GLN HB2  H  N N 101 
GLN HB3  H  N N 102 
GLN HG2  H  N N 103 
GLN HG3  H  N N 104 
GLN HE21 H  N N 105 
GLN HE22 H  N N 106 
GLN HXT  H  N N 107 
GLU N    N  N N 108 
GLU CA   C  N S 109 
GLU C    C  N N 110 
GLU O    O  N N 111 
GLU CB   C  N N 112 
GLU CG   C  N N 113 
GLU CD   C  N N 114 
GLU OE1  O  N N 115 
GLU OE2  O  N N 116 
GLU OXT  O  N N 117 
GLU H    H  N N 118 
GLU H2   H  N N 119 
GLU HA   H  N N 120 
GLU HB2  H  N N 121 
GLU HB3  H  N N 122 
GLU HG2  H  N N 123 
GLU HG3  H  N N 124 
GLU HE2  H  N N 125 
GLU HXT  H  N N 126 
GLY N    N  N N 127 
GLY CA   C  N N 128 
GLY C    C  N N 129 
GLY O    O  N N 130 
GLY OXT  O  N N 131 
GLY H    H  N N 132 
GLY H2   H  N N 133 
GLY HA2  H  N N 134 
GLY HA3  H  N N 135 
GLY HXT  H  N N 136 
GOL C1   C  N N 137 
GOL O1   O  N N 138 
GOL C2   C  N N 139 
GOL O2   O  N N 140 
GOL C3   C  N N 141 
GOL O3   O  N N 142 
GOL H11  H  N N 143 
GOL H12  H  N N 144 
GOL HO1  H  N N 145 
GOL H2   H  N N 146 
GOL HO2  H  N N 147 
GOL H31  H  N N 148 
GOL H32  H  N N 149 
GOL HO3  H  N N 150 
HIS N    N  N N 151 
HIS CA   C  N S 152 
HIS C    C  N N 153 
HIS O    O  N N 154 
HIS CB   C  N N 155 
HIS CG   C  Y N 156 
HIS ND1  N  Y N 157 
HIS CD2  C  Y N 158 
HIS CE1  C  Y N 159 
HIS NE2  N  Y N 160 
HIS OXT  O  N N 161 
HIS H    H  N N 162 
HIS H2   H  N N 163 
HIS HA   H  N N 164 
HIS HB2  H  N N 165 
HIS HB3  H  N N 166 
HIS HD1  H  N N 167 
HIS HD2  H  N N 168 
HIS HE1  H  N N 169 
HIS HE2  H  N N 170 
HIS HXT  H  N N 171 
HOH O    O  N N 172 
HOH H1   H  N N 173 
HOH H2   H  N N 174 
ILE N    N  N N 175 
ILE CA   C  N S 176 
ILE C    C  N N 177 
ILE O    O  N N 178 
ILE CB   C  N S 179 
ILE CG1  C  N N 180 
ILE CG2  C  N N 181 
ILE CD1  C  N N 182 
ILE OXT  O  N N 183 
ILE H    H  N N 184 
ILE H2   H  N N 185 
ILE HA   H  N N 186 
ILE HB   H  N N 187 
ILE HG12 H  N N 188 
ILE HG13 H  N N 189 
ILE HG21 H  N N 190 
ILE HG22 H  N N 191 
ILE HG23 H  N N 192 
ILE HD11 H  N N 193 
ILE HD12 H  N N 194 
ILE HD13 H  N N 195 
ILE HXT  H  N N 196 
LEU N    N  N N 197 
LEU CA   C  N S 198 
LEU C    C  N N 199 
LEU O    O  N N 200 
LEU CB   C  N N 201 
LEU CG   C  N N 202 
LEU CD1  C  N N 203 
LEU CD2  C  N N 204 
LEU OXT  O  N N 205 
LEU H    H  N N 206 
LEU H2   H  N N 207 
LEU HA   H  N N 208 
LEU HB2  H  N N 209 
LEU HB3  H  N N 210 
LEU HG   H  N N 211 
LEU HD11 H  N N 212 
LEU HD12 H  N N 213 
LEU HD13 H  N N 214 
LEU HD21 H  N N 215 
LEU HD22 H  N N 216 
LEU HD23 H  N N 217 
LEU HXT  H  N N 218 
LYS N    N  N N 219 
LYS CA   C  N S 220 
LYS C    C  N N 221 
LYS O    O  N N 222 
LYS CB   C  N N 223 
LYS CG   C  N N 224 
LYS CD   C  N N 225 
LYS CE   C  N N 226 
LYS NZ   N  N N 227 
LYS OXT  O  N N 228 
LYS H    H  N N 229 
LYS H2   H  N N 230 
LYS HA   H  N N 231 
LYS HB2  H  N N 232 
LYS HB3  H  N N 233 
LYS HG2  H  N N 234 
LYS HG3  H  N N 235 
LYS HD2  H  N N 236 
LYS HD3  H  N N 237 
LYS HE2  H  N N 238 
LYS HE3  H  N N 239 
LYS HZ1  H  N N 240 
LYS HZ2  H  N N 241 
LYS HZ3  H  N N 242 
LYS HXT  H  N N 243 
MSE N    N  N N 244 
MSE CA   C  N S 245 
MSE C    C  N N 246 
MSE O    O  N N 247 
MSE OXT  O  N N 248 
MSE CB   C  N N 249 
MSE CG   C  N N 250 
MSE SE   SE N N 251 
MSE CE   C  N N 252 
MSE H    H  N N 253 
MSE H2   H  N N 254 
MSE HA   H  N N 255 
MSE HXT  H  N N 256 
MSE HB2  H  N N 257 
MSE HB3  H  N N 258 
MSE HG2  H  N N 259 
MSE HG3  H  N N 260 
MSE HE1  H  N N 261 
MSE HE2  H  N N 262 
MSE HE3  H  N N 263 
PHE N    N  N N 264 
PHE CA   C  N S 265 
PHE C    C  N N 266 
PHE O    O  N N 267 
PHE CB   C  N N 268 
PHE CG   C  Y N 269 
PHE CD1  C  Y N 270 
PHE CD2  C  Y N 271 
PHE CE1  C  Y N 272 
PHE CE2  C  Y N 273 
PHE CZ   C  Y N 274 
PHE OXT  O  N N 275 
PHE H    H  N N 276 
PHE H2   H  N N 277 
PHE HA   H  N N 278 
PHE HB2  H  N N 279 
PHE HB3  H  N N 280 
PHE HD1  H  N N 281 
PHE HD2  H  N N 282 
PHE HE1  H  N N 283 
PHE HE2  H  N N 284 
PHE HZ   H  N N 285 
PHE HXT  H  N N 286 
PRO N    N  N N 287 
PRO CA   C  N S 288 
PRO C    C  N N 289 
PRO O    O  N N 290 
PRO CB   C  N N 291 
PRO CG   C  N N 292 
PRO CD   C  N N 293 
PRO OXT  O  N N 294 
PRO H    H  N N 295 
PRO HA   H  N N 296 
PRO HB2  H  N N 297 
PRO HB3  H  N N 298 
PRO HG2  H  N N 299 
PRO HG3  H  N N 300 
PRO HD2  H  N N 301 
PRO HD3  H  N N 302 
PRO HXT  H  N N 303 
SER N    N  N N 304 
SER CA   C  N S 305 
SER C    C  N N 306 
SER O    O  N N 307 
SER CB   C  N N 308 
SER OG   O  N N 309 
SER OXT  O  N N 310 
SER H    H  N N 311 
SER H2   H  N N 312 
SER HA   H  N N 313 
SER HB2  H  N N 314 
SER HB3  H  N N 315 
SER HG   H  N N 316 
SER HXT  H  N N 317 
SO4 S    S  N N 318 
SO4 O1   O  N N 319 
SO4 O2   O  N N 320 
SO4 O3   O  N N 321 
SO4 O4   O  N N 322 
THR N    N  N N 323 
THR CA   C  N S 324 
THR C    C  N N 325 
THR O    O  N N 326 
THR CB   C  N R 327 
THR OG1  O  N N 328 
THR CG2  C  N N 329 
THR OXT  O  N N 330 
THR H    H  N N 331 
THR H2   H  N N 332 
THR HA   H  N N 333 
THR HB   H  N N 334 
THR HG1  H  N N 335 
THR HG21 H  N N 336 
THR HG22 H  N N 337 
THR HG23 H  N N 338 
THR HXT  H  N N 339 
TRP N    N  N N 340 
TRP CA   C  N S 341 
TRP C    C  N N 342 
TRP O    O  N N 343 
TRP CB   C  N N 344 
TRP CG   C  Y N 345 
TRP CD1  C  Y N 346 
TRP CD2  C  Y N 347 
TRP NE1  N  Y N 348 
TRP CE2  C  Y N 349 
TRP CE3  C  Y N 350 
TRP CZ2  C  Y N 351 
TRP CZ3  C  Y N 352 
TRP CH2  C  Y N 353 
TRP OXT  O  N N 354 
TRP H    H  N N 355 
TRP H2   H  N N 356 
TRP HA   H  N N 357 
TRP HB2  H  N N 358 
TRP HB3  H  N N 359 
TRP HD1  H  N N 360 
TRP HE1  H  N N 361 
TRP HE3  H  N N 362 
TRP HZ2  H  N N 363 
TRP HZ3  H  N N 364 
TRP HH2  H  N N 365 
TRP HXT  H  N N 366 
VAL N    N  N N 367 
VAL CA   C  N S 368 
VAL C    C  N N 369 
VAL O    O  N N 370 
VAL CB   C  N N 371 
VAL CG1  C  N N 372 
VAL CG2  C  N N 373 
VAL OXT  O  N N 374 
VAL H    H  N N 375 
VAL H2   H  N N 376 
VAL HA   H  N N 377 
VAL HB   H  N N 378 
VAL HG11 H  N N 379 
VAL HG12 H  N N 380 
VAL HG13 H  N N 381 
VAL HG21 H  N N 382 
VAL HG22 H  N N 383 
VAL HG23 H  N N 384 
VAL HXT  H  N N 385 
# 
loop_
_chem_comp_bond.comp_id 
_chem_comp_bond.atom_id_1 
_chem_comp_bond.atom_id_2 
_chem_comp_bond.value_order 
_chem_comp_bond.pdbx_aromatic_flag 
_chem_comp_bond.pdbx_stereo_config 
_chem_comp_bond.pdbx_ordinal 
ALA N   CA   sing N N 1   
ALA N   H    sing N N 2   
ALA N   H2   sing N N 3   
ALA CA  C    sing N N 4   
ALA CA  CB   sing N N 5   
ALA CA  HA   sing N N 6   
ALA C   O    doub N N 7   
ALA C   OXT  sing N N 8   
ALA CB  HB1  sing N N 9   
ALA CB  HB2  sing N N 10  
ALA CB  HB3  sing N N 11  
ALA OXT HXT  sing N N 12  
ARG N   CA   sing N N 13  
ARG N   H    sing N N 14  
ARG N   H2   sing N N 15  
ARG CA  C    sing N N 16  
ARG CA  CB   sing N N 17  
ARG CA  HA   sing N N 18  
ARG C   O    doub N N 19  
ARG C   OXT  sing N N 20  
ARG CB  CG   sing N N 21  
ARG CB  HB2  sing N N 22  
ARG CB  HB3  sing N N 23  
ARG CG  CD   sing N N 24  
ARG CG  HG2  sing N N 25  
ARG CG  HG3  sing N N 26  
ARG CD  NE   sing N N 27  
ARG CD  HD2  sing N N 28  
ARG CD  HD3  sing N N 29  
ARG NE  CZ   sing N N 30  
ARG NE  HE   sing N N 31  
ARG CZ  NH1  sing N N 32  
ARG CZ  NH2  doub N N 33  
ARG NH1 HH11 sing N N 34  
ARG NH1 HH12 sing N N 35  
ARG NH2 HH21 sing N N 36  
ARG NH2 HH22 sing N N 37  
ARG OXT HXT  sing N N 38  
ASN N   CA   sing N N 39  
ASN N   H    sing N N 40  
ASN N   H2   sing N N 41  
ASN CA  C    sing N N 42  
ASN CA  CB   sing N N 43  
ASN CA  HA   sing N N 44  
ASN C   O    doub N N 45  
ASN C   OXT  sing N N 46  
ASN CB  CG   sing N N 47  
ASN CB  HB2  sing N N 48  
ASN CB  HB3  sing N N 49  
ASN CG  OD1  doub N N 50  
ASN CG  ND2  sing N N 51  
ASN ND2 HD21 sing N N 52  
ASN ND2 HD22 sing N N 53  
ASN OXT HXT  sing N N 54  
ASP N   CA   sing N N 55  
ASP N   H    sing N N 56  
ASP N   H2   sing N N 57  
ASP CA  C    sing N N 58  
ASP CA  CB   sing N N 59  
ASP CA  HA   sing N N 60  
ASP C   O    doub N N 61  
ASP C   OXT  sing N N 62  
ASP CB  CG   sing N N 63  
ASP CB  HB2  sing N N 64  
ASP CB  HB3  sing N N 65  
ASP CG  OD1  doub N N 66  
ASP CG  OD2  sing N N 67  
ASP OD2 HD2  sing N N 68  
ASP OXT HXT  sing N N 69  
CYS N   CA   sing N N 70  
CYS N   H    sing N N 71  
CYS N   H2   sing N N 72  
CYS CA  C    sing N N 73  
CYS CA  CB   sing N N 74  
CYS CA  HA   sing N N 75  
CYS C   O    doub N N 76  
CYS C   OXT  sing N N 77  
CYS CB  SG   sing N N 78  
CYS CB  HB2  sing N N 79  
CYS CB  HB3  sing N N 80  
CYS SG  HG   sing N N 81  
CYS OXT HXT  sing N N 82  
GLN N   CA   sing N N 83  
GLN N   H    sing N N 84  
GLN N   H2   sing N N 85  
GLN CA  C    sing N N 86  
GLN CA  CB   sing N N 87  
GLN CA  HA   sing N N 88  
GLN C   O    doub N N 89  
GLN C   OXT  sing N N 90  
GLN CB  CG   sing N N 91  
GLN CB  HB2  sing N N 92  
GLN CB  HB3  sing N N 93  
GLN CG  CD   sing N N 94  
GLN CG  HG2  sing N N 95  
GLN CG  HG3  sing N N 96  
GLN CD  OE1  doub N N 97  
GLN CD  NE2  sing N N 98  
GLN NE2 HE21 sing N N 99  
GLN NE2 HE22 sing N N 100 
GLN OXT HXT  sing N N 101 
GLU N   CA   sing N N 102 
GLU N   H    sing N N 103 
GLU N   H2   sing N N 104 
GLU CA  C    sing N N 105 
GLU CA  CB   sing N N 106 
GLU CA  HA   sing N N 107 
GLU C   O    doub N N 108 
GLU C   OXT  sing N N 109 
GLU CB  CG   sing N N 110 
GLU CB  HB2  sing N N 111 
GLU CB  HB3  sing N N 112 
GLU CG  CD   sing N N 113 
GLU CG  HG2  sing N N 114 
GLU CG  HG3  sing N N 115 
GLU CD  OE1  doub N N 116 
GLU CD  OE2  sing N N 117 
GLU OE2 HE2  sing N N 118 
GLU OXT HXT  sing N N 119 
GLY N   CA   sing N N 120 
GLY N   H    sing N N 121 
GLY N   H2   sing N N 122 
GLY CA  C    sing N N 123 
GLY CA  HA2  sing N N 124 
GLY CA  HA3  sing N N 125 
GLY C   O    doub N N 126 
GLY C   OXT  sing N N 127 
GLY OXT HXT  sing N N 128 
GOL C1  O1   sing N N 129 
GOL C1  C2   sing N N 130 
GOL C1  H11  sing N N 131 
GOL C1  H12  sing N N 132 
GOL O1  HO1  sing N N 133 
GOL C2  O2   sing N N 134 
GOL C2  C3   sing N N 135 
GOL C2  H2   sing N N 136 
GOL O2  HO2  sing N N 137 
GOL C3  O3   sing N N 138 
GOL C3  H31  sing N N 139 
GOL C3  H32  sing N N 140 
GOL O3  HO3  sing N N 141 
HIS N   CA   sing N N 142 
HIS N   H    sing N N 143 
HIS N   H2   sing N N 144 
HIS CA  C    sing N N 145 
HIS CA  CB   sing N N 146 
HIS CA  HA   sing N N 147 
HIS C   O    doub N N 148 
HIS C   OXT  sing N N 149 
HIS CB  CG   sing N N 150 
HIS CB  HB2  sing N N 151 
HIS CB  HB3  sing N N 152 
HIS CG  ND1  sing Y N 153 
HIS CG  CD2  doub Y N 154 
HIS ND1 CE1  doub Y N 155 
HIS ND1 HD1  sing N N 156 
HIS CD2 NE2  sing Y N 157 
HIS CD2 HD2  sing N N 158 
HIS CE1 NE2  sing Y N 159 
HIS CE1 HE1  sing N N 160 
HIS NE2 HE2  sing N N 161 
HIS OXT HXT  sing N N 162 
HOH O   H1   sing N N 163 
HOH O   H2   sing N N 164 
ILE N   CA   sing N N 165 
ILE N   H    sing N N 166 
ILE N   H2   sing N N 167 
ILE CA  C    sing N N 168 
ILE CA  CB   sing N N 169 
ILE CA  HA   sing N N 170 
ILE C   O    doub N N 171 
ILE C   OXT  sing N N 172 
ILE CB  CG1  sing N N 173 
ILE CB  CG2  sing N N 174 
ILE CB  HB   sing N N 175 
ILE CG1 CD1  sing N N 176 
ILE CG1 HG12 sing N N 177 
ILE CG1 HG13 sing N N 178 
ILE CG2 HG21 sing N N 179 
ILE CG2 HG22 sing N N 180 
ILE CG2 HG23 sing N N 181 
ILE CD1 HD11 sing N N 182 
ILE CD1 HD12 sing N N 183 
ILE CD1 HD13 sing N N 184 
ILE OXT HXT  sing N N 185 
LEU N   CA   sing N N 186 
LEU N   H    sing N N 187 
LEU N   H2   sing N N 188 
LEU CA  C    sing N N 189 
LEU CA  CB   sing N N 190 
LEU CA  HA   sing N N 191 
LEU C   O    doub N N 192 
LEU C   OXT  sing N N 193 
LEU CB  CG   sing N N 194 
LEU CB  HB2  sing N N 195 
LEU CB  HB3  sing N N 196 
LEU CG  CD1  sing N N 197 
LEU CG  CD2  sing N N 198 
LEU CG  HG   sing N N 199 
LEU CD1 HD11 sing N N 200 
LEU CD1 HD12 sing N N 201 
LEU CD1 HD13 sing N N 202 
LEU CD2 HD21 sing N N 203 
LEU CD2 HD22 sing N N 204 
LEU CD2 HD23 sing N N 205 
LEU OXT HXT  sing N N 206 
LYS N   CA   sing N N 207 
LYS N   H    sing N N 208 
LYS N   H2   sing N N 209 
LYS CA  C    sing N N 210 
LYS CA  CB   sing N N 211 
LYS CA  HA   sing N N 212 
LYS C   O    doub N N 213 
LYS C   OXT  sing N N 214 
LYS CB  CG   sing N N 215 
LYS CB  HB2  sing N N 216 
LYS CB  HB3  sing N N 217 
LYS CG  CD   sing N N 218 
LYS CG  HG2  sing N N 219 
LYS CG  HG3  sing N N 220 
LYS CD  CE   sing N N 221 
LYS CD  HD2  sing N N 222 
LYS CD  HD3  sing N N 223 
LYS CE  NZ   sing N N 224 
LYS CE  HE2  sing N N 225 
LYS CE  HE3  sing N N 226 
LYS NZ  HZ1  sing N N 227 
LYS NZ  HZ2  sing N N 228 
LYS NZ  HZ3  sing N N 229 
LYS OXT HXT  sing N N 230 
MSE N   CA   sing N N 231 
MSE N   H    sing N N 232 
MSE N   H2   sing N N 233 
MSE CA  C    sing N N 234 
MSE CA  CB   sing N N 235 
MSE CA  HA   sing N N 236 
MSE C   O    doub N N 237 
MSE C   OXT  sing N N 238 
MSE OXT HXT  sing N N 239 
MSE CB  CG   sing N N 240 
MSE CB  HB2  sing N N 241 
MSE CB  HB3  sing N N 242 
MSE CG  SE   sing N N 243 
MSE CG  HG2  sing N N 244 
MSE CG  HG3  sing N N 245 
MSE SE  CE   sing N N 246 
MSE CE  HE1  sing N N 247 
MSE CE  HE2  sing N N 248 
MSE CE  HE3  sing N N 249 
PHE N   CA   sing N N 250 
PHE N   H    sing N N 251 
PHE N   H2   sing N N 252 
PHE CA  C    sing N N 253 
PHE CA  CB   sing N N 254 
PHE CA  HA   sing N N 255 
PHE C   O    doub N N 256 
PHE C   OXT  sing N N 257 
PHE CB  CG   sing N N 258 
PHE CB  HB2  sing N N 259 
PHE CB  HB3  sing N N 260 
PHE CG  CD1  doub Y N 261 
PHE CG  CD2  sing Y N 262 
PHE CD1 CE1  sing Y N 263 
PHE CD1 HD1  sing N N 264 
PHE CD2 CE2  doub Y N 265 
PHE CD2 HD2  sing N N 266 
PHE CE1 CZ   doub Y N 267 
PHE CE1 HE1  sing N N 268 
PHE CE2 CZ   sing Y N 269 
PHE CE2 HE2  sing N N 270 
PHE CZ  HZ   sing N N 271 
PHE OXT HXT  sing N N 272 
PRO N   CA   sing N N 273 
PRO N   CD   sing N N 274 
PRO N   H    sing N N 275 
PRO CA  C    sing N N 276 
PRO CA  CB   sing N N 277 
PRO CA  HA   sing N N 278 
PRO C   O    doub N N 279 
PRO C   OXT  sing N N 280 
PRO CB  CG   sing N N 281 
PRO CB  HB2  sing N N 282 
PRO CB  HB3  sing N N 283 
PRO CG  CD   sing N N 284 
PRO CG  HG2  sing N N 285 
PRO CG  HG3  sing N N 286 
PRO CD  HD2  sing N N 287 
PRO CD  HD3  sing N N 288 
PRO OXT HXT  sing N N 289 
SER N   CA   sing N N 290 
SER N   H    sing N N 291 
SER N   H2   sing N N 292 
SER CA  C    sing N N 293 
SER CA  CB   sing N N 294 
SER CA  HA   sing N N 295 
SER C   O    doub N N 296 
SER C   OXT  sing N N 297 
SER CB  OG   sing N N 298 
SER CB  HB2  sing N N 299 
SER CB  HB3  sing N N 300 
SER OG  HG   sing N N 301 
SER OXT HXT  sing N N 302 
SO4 S   O1   doub N N 303 
SO4 S   O2   doub N N 304 
SO4 S   O3   sing N N 305 
SO4 S   O4   sing N N 306 
THR N   CA   sing N N 307 
THR N   H    sing N N 308 
THR N   H2   sing N N 309 
THR CA  C    sing N N 310 
THR CA  CB   sing N N 311 
THR CA  HA   sing N N 312 
THR C   O    doub N N 313 
THR C   OXT  sing N N 314 
THR CB  OG1  sing N N 315 
THR CB  CG2  sing N N 316 
THR CB  HB   sing N N 317 
THR OG1 HG1  sing N N 318 
THR CG2 HG21 sing N N 319 
THR CG2 HG22 sing N N 320 
THR CG2 HG23 sing N N 321 
THR OXT HXT  sing N N 322 
TRP N   CA   sing N N 323 
TRP N   H    sing N N 324 
TRP N   H2   sing N N 325 
TRP CA  C    sing N N 326 
TRP CA  CB   sing N N 327 
TRP CA  HA   sing N N 328 
TRP C   O    doub N N 329 
TRP C   OXT  sing N N 330 
TRP CB  CG   sing N N 331 
TRP CB  HB2  sing N N 332 
TRP CB  HB3  sing N N 333 
TRP CG  CD1  doub Y N 334 
TRP CG  CD2  sing Y N 335 
TRP CD1 NE1  sing Y N 336 
TRP CD1 HD1  sing N N 337 
TRP CD2 CE2  doub Y N 338 
TRP CD2 CE3  sing Y N 339 
TRP NE1 CE2  sing Y N 340 
TRP NE1 HE1  sing N N 341 
TRP CE2 CZ2  sing Y N 342 
TRP CE3 CZ3  doub Y N 343 
TRP CE3 HE3  sing N N 344 
TRP CZ2 CH2  doub Y N 345 
TRP CZ2 HZ2  sing N N 346 
TRP CZ3 CH2  sing Y N 347 
TRP CZ3 HZ3  sing N N 348 
TRP CH2 HH2  sing N N 349 
TRP OXT HXT  sing N N 350 
VAL N   CA   sing N N 351 
VAL N   H    sing N N 352 
VAL N   H2   sing N N 353 
VAL CA  C    sing N N 354 
VAL CA  CB   sing N N 355 
VAL CA  HA   sing N N 356 
VAL C   O    doub N N 357 
VAL C   OXT  sing N N 358 
VAL CB  CG1  sing N N 359 
VAL CB  CG2  sing N N 360 
VAL CB  HB   sing N N 361 
VAL CG1 HG11 sing N N 362 
VAL CG1 HG12 sing N N 363 
VAL CG1 HG13 sing N N 364 
VAL CG2 HG21 sing N N 365 
VAL CG2 HG22 sing N N 366 
VAL CG2 HG23 sing N N 367 
VAL OXT HXT  sing N N 368 
# 
_pdbx_audit_support.funding_organization   
'International Centre for Genetic Engineering  and Biotechnology, New Delhi and Department of Biotechnology (India)' 
_pdbx_audit_support.country                India 
_pdbx_audit_support.grant_number           ? 
_pdbx_audit_support.ordinal                1 
# 
_atom_sites.entry_id                    6LE1 
_atom_sites.Cartn_transf_matrix[1][1]   ? 
_atom_sites.Cartn_transf_matrix[1][2]   ? 
_atom_sites.Cartn_transf_matrix[1][3]   ? 
_atom_sites.Cartn_transf_matrix[2][1]   ? 
_atom_sites.Cartn_transf_matrix[2][2]   ? 
_atom_sites.Cartn_transf_matrix[2][3]   ? 
_atom_sites.Cartn_transf_matrix[3][1]   ? 
_atom_sites.Cartn_transf_matrix[3][2]   ? 
_atom_sites.Cartn_transf_matrix[3][3]   ? 
_atom_sites.Cartn_transf_vector[1]      ? 
_atom_sites.Cartn_transf_vector[2]      ? 
_atom_sites.Cartn_transf_vector[3]      ? 
_atom_sites.fract_transf_matrix[1][1]   0.00608439 
_atom_sites.fract_transf_matrix[1][2]   -0.02075197 
_atom_sites.fract_transf_matrix[1][3]   0.00589264 
_atom_sites.fract_transf_matrix[2][1]   -0.00222626 
_atom_sites.fract_transf_matrix[2][2]   0.00548582 
_atom_sites.fract_transf_matrix[2][3]   0.02161798 
_atom_sites.fract_transf_matrix[3][1]   -0.00859858 
_atom_sites.fract_transf_matrix[3][2]   -0.00258616 
_atom_sites.fract_transf_matrix[3][3]   -0.00022923 
_atom_sites.fract_transf_vector[1]      0.716242 
_atom_sites.fract_transf_vector[2]      0.487159 
_atom_sites.fract_transf_vector[3]      0.220244 
_atom_sites.solution_primary            ? 
_atom_sites.solution_secondary          ? 
_atom_sites.solution_hydrogens          ? 
_atom_sites.special_details             ? 
# 
loop_
_atom_type.symbol 
C  
N  
O  
S  
SE 
# 
loop_
_atom_site.group_PDB 
_atom_site.id 
_atom_site.type_symbol 
_atom_site.label_atom_id 
_atom_site.label_alt_id 
_atom_site.label_comp_id 
_atom_site.label_asym_id 
_atom_site.label_entity_id 
_atom_site.label_seq_id 
_atom_site.pdbx_PDB_ins_code 
_atom_site.Cartn_x 
_atom_site.Cartn_y 
_atom_site.Cartn_z 
_atom_site.occupancy 
_atom_site.B_iso_or_equiv 
_atom_site.pdbx_formal_charge 
_atom_site.auth_seq_id 
_atom_site.auth_comp_id 
_atom_site.auth_asym_id 
_atom_site.auth_atom_id 
_atom_site.pdbx_PDB_model_num 
ATOM   1   N  N   . SER A 1 12  ? 0.481   -27.437 -3.177  1.00 69.25 ? 12  SER A N   1 
ATOM   2   C  CA  . SER A 1 12  ? 0.524   -28.763 -2.471  1.00 68.94 ? 12  SER A CA  1 
ATOM   3   C  C   . SER A 1 12  ? -0.601  -28.826 -1.431  1.00 67.50 ? 12  SER A C   1 
ATOM   4   O  O   . SER A 1 12  ? -0.298  -28.635 -0.232  1.00 68.91 ? 12  SER A O   1 
ATOM   5   C  CB  . SER A 1 12  ? 1.870   -29.018 -1.819  1.00 63.84 ? 12  SER A CB  1 
ATOM   6   O  OG  . SER A 1 12  ? 2.802   -29.556 -2.743  1.00 61.06 ? 12  SER A OG  1 
ATOM   7   N  N   . GLY A 1 13  ? -1.840  -29.073 -1.872  1.00 56.12 ? 13  GLY A N   1 
ATOM   8   C  CA  . GLY A 1 13  ? -3.023  -29.061 -0.994  1.00 53.02 ? 13  GLY A CA  1 
ATOM   9   C  C   . GLY A 1 13  ? -3.735  -27.715 -0.962  1.00 52.37 ? 13  GLY A C   1 
ATOM   10  O  O   . GLY A 1 13  ? -4.975  -27.737 -0.811  1.00 49.87 ? 13  GLY A O   1 
ATOM   11  N  N   . LEU A 1 14  ? -3.007  -26.589 -1.090  1.00 49.35 ? 14  LEU A N   1 
ATOM   12  C  CA  . LEU A 1 14  ? -3.558  -25.209 -0.930  1.00 49.47 ? 14  LEU A CA  1 
ATOM   13  C  C   . LEU A 1 14  ? -4.459  -24.858 -2.123  1.00 51.22 ? 14  LEU A C   1 
ATOM   14  O  O   . LEU A 1 14  ? -4.115  -25.244 -3.274  1.00 47.21 ? 14  LEU A O   1 
ATOM   15  C  CB  . LEU A 1 14  ? -2.430  -24.170 -0.830  1.00 48.15 ? 14  LEU A CB  1 
ATOM   16  C  CG  . LEU A 1 14  ? -1.445  -24.324 0.325   1.00 48.00 ? 14  LEU A CG  1 
ATOM   17  C  CD1 . LEU A 1 14  ? -0.894  -22.973 0.752   1.00 48.92 ? 14  LEU A CD1 1 
ATOM   18  C  CD2 . LEU A 1 14  ? -2.099  -25.014 1.506   1.00 52.11 ? 14  LEU A CD2 1 
ATOM   19  N  N   . VAL A 1 15  ? -5.544  -24.113 -1.865  1.00 49.48 ? 15  VAL A N   1 
ATOM   20  C  CA  . VAL A 1 15  ? -6.409  -23.540 -2.940  1.00 52.26 ? 15  VAL A CA  1 
ATOM   21  C  C   . VAL A 1 15  ? -5.519  -22.625 -3.777  1.00 49.81 ? 15  VAL A C   1 
ATOM   22  O  O   . VAL A 1 15  ? -4.666  -21.911 -3.246  1.00 50.66 ? 15  VAL A O   1 
ATOM   23  C  CB  . VAL A 1 15  ? -7.659  -22.800 -2.418  1.00 54.35 ? 15  VAL A CB  1 
ATOM   24  C  CG1 . VAL A 1 15  ? -8.469  -23.662 -1.448  1.00 54.29 ? 15  VAL A CG1 1 
ATOM   25  C  CG2 . VAL A 1 15  ? -7.318  -21.443 -1.803  1.00 53.68 ? 15  VAL A CG2 1 
ATOM   26  N  N   . PRO A 1 16  ? -5.656  -22.656 -5.116  1.00 49.08 ? 16  PRO A N   1 
ATOM   27  C  CA  . PRO A 1 16  ? -4.907  -21.732 -5.966  1.00 49.76 ? 16  PRO A CA  1 
ATOM   28  C  C   . PRO A 1 16  ? -5.208  -20.280 -5.557  1.00 47.48 ? 16  PRO A C   1 
ATOM   29  O  O   . PRO A 1 16  ? -6.364  -19.954 -5.366  1.00 46.02 ? 16  PRO A O   1 
ATOM   30  C  CB  . PRO A 1 16  ? -5.405  -22.074 -7.382  1.00 52.35 ? 16  PRO A CB  1 
ATOM   31  C  CG  . PRO A 1 16  ? -5.926  -23.503 -7.267  1.00 49.03 ? 16  PRO A CG  1 
ATOM   32  C  CD  . PRO A 1 16  ? -6.525  -23.567 -5.878  1.00 49.33 ? 16  PRO A CD  1 
ATOM   33  N  N   . ARG A 1 17  ? -4.168  -19.464 -5.369  1.00 47.43 ? 17  ARG A N   1 
ATOM   34  C  CA  . ARG A 1 17  ? -4.300  -17.992 -5.192  1.00 44.88 ? 17  ARG A CA  1 
ATOM   35  C  C   . ARG A 1 17  ? -4.862  -17.409 -6.489  1.00 45.10 ? 17  ARG A C   1 
ATOM   36  O  O   . ARG A 1 17  ? -4.386  -17.820 -7.558  1.00 41.29 ? 17  ARG A O   1 
ATOM   37  C  CB  . ARG A 1 17  ? -2.950  -17.327 -4.911  1.00 43.52 ? 17  ARG A CB  1 
ATOM   38  C  CG  . ARG A 1 17  ? -2.219  -17.839 -3.677  1.00 43.68 ? 17  ARG A CG  1 
ATOM   39  C  CD  . ARG A 1 17  ? -0.755  -17.433 -3.740  1.00 43.10 ? 17  ARG A CD  1 
ATOM   40  N  NE  . ARG A 1 17  ? -0.109  -18.010 -4.920  1.00 39.88 ? 17  ARG A NE  1 
ATOM   41  C  CZ  . ARG A 1 17  ? 1.132   -17.753 -5.326  1.00 38.34 ? 17  ARG A CZ  1 
ATOM   42  N  NH1 . ARG A 1 17  ? 1.902   -16.900 -4.662  1.00 35.55 ? 17  ARG A NH1 1 
ATOM   43  N  NH2 . ARG A 1 17  ? 1.605   -18.359 -6.407  1.00 35.87 ? 17  ARG A NH2 1 
ATOM   44  N  N   . GLY A 1 18  ? -5.854  -16.520 -6.399  1.00 46.74 ? 18  GLY A N   1 
ATOM   45  C  CA  . GLY A 1 18  ? -6.273  -15.670 -7.527  1.00 46.02 ? 18  GLY A CA  1 
ATOM   46  C  C   . GLY A 1 18  ? -5.090  -14.853 -8.005  1.00 47.29 ? 18  GLY A C   1 
ATOM   47  O  O   . GLY A 1 18  ? -4.245  -14.496 -7.163  1.00 52.11 ? 18  GLY A O   1 
ATOM   48  N  N   . SER A 1 19  ? -4.991  -14.583 -9.303  1.00 45.82 ? 19  SER A N   1 
ATOM   49  C  CA  . SER A 1 19  ? -3.831  -13.858 -9.877  1.00 43.50 ? 19  SER A CA  1 
ATOM   50  C  C   . SER A 1 19  ? -4.057  -12.347 -9.708  1.00 39.75 ? 19  SER A C   1 
ATOM   51  O  O   . SER A 1 19  ? -5.224  -11.900 -9.864  1.00 35.72 ? 19  SER A O   1 
ATOM   52  C  CB  . SER A 1 19  ? -3.595  -14.255 -11.305 1.00 43.14 ? 19  SER A CB  1 
ATOM   53  O  OG  . SER A 1 19  ? -4.254  -13.357 -12.172 1.00 46.55 ? 19  SER A OG  1 
ATOM   54  N  N   . HIS A 1 20  ? -2.998  -11.606 -9.355  1.00 34.34 ? 20  HIS A N   1 
ATOM   55  C  CA  . HIS A 1 20  ? -3.008  -10.128 -9.173  1.00 32.63 ? 20  HIS A CA  1 
ATOM   56  C  C   . HIS A 1 20  ? -4.140  -9.735  -8.210  1.00 31.47 ? 20  HIS A C   1 
ATOM   57  O  O   . HIS A 1 20  ? -5.028  -8.981  -8.616  1.00 28.57 ? 20  HIS A O   1 
ATOM   58  C  CB  . HIS A 1 20  ? -3.167  -9.431  -10.543 1.00 32.70 ? 20  HIS A CB  1 
ATOM   59  C  CG  . HIS A 1 20  ? -1.981  -9.496  -11.451 1.00 35.75 ? 20  HIS A CG  1 
ATOM   60  N  ND1 . HIS A 1 20  ? -0.861  -10.306 -11.194 1.00 38.22 ? 20  HIS A ND1 1 
ATOM   61  C  CD2 . HIS A 1 20  ? -1.739  -8.874  -12.630 1.00 37.08 ? 20  HIS A CD2 1 
ATOM   62  C  CE1 . HIS A 1 20  ? 0.010   -10.171 -12.178 1.00 38.04 ? 20  HIS A CE1 1 
ATOM   63  N  NE2 . HIS A 1 20  ? -0.501  -9.286  -13.069 1.00 40.38 ? 20  HIS A NE2 1 
HETATM 64  N  N   . MSE A 1 21  ? -4.123  -10.230 -6.978  1.00 32.08 ? 21  MSE A N   1 
HETATM 65  C  CA  . MSE A 1 21  ? -5.059  -9.792  -5.920  1.00 35.71 ? 21  MSE A CA  1 
HETATM 66  C  C   . MSE A 1 21  ? -4.292  -9.202  -4.736  1.00 32.49 ? 21  MSE A C   1 
HETATM 67  O  O   . MSE A 1 21  ? -4.933  -8.721  -3.806  1.00 26.90 ? 21  MSE A O   1 
HETATM 68  C  CB  . MSE A 1 21  ? -5.914  -10.996 -5.556  1.00 43.94 ? 21  MSE A CB  1 
HETATM 69  C  CG  . MSE A 1 21  ? -6.647  -11.501 -6.778  1.00 50.97 ? 21  MSE A CG  1 
HETATM 70  SE SE  . MSE A 1 21  ? -8.337  -12.288 -6.311  1.00 67.32 ? 21  MSE A SE  1 
HETATM 71  C  CE  . MSE A 1 21  ? -8.899  -12.006 -4.445  1.00 55.53 ? 21  MSE A CE  1 
ATOM   72  N  N   . GLU A 1 22  ? -2.967  -9.202  -4.809  1.00 30.06 ? 22  GLU A N   1 
ATOM   73  C  CA  . GLU A 1 22  ? -2.104  -8.811  -3.678  1.00 29.28 ? 22  GLU A CA  1 
ATOM   74  C  C   . GLU A 1 22  ? -0.994  -7.880  -4.157  1.00 24.38 ? 22  GLU A C   1 
ATOM   75  O  O   . GLU A 1 22  ? -0.263  -8.235  -5.104  1.00 24.13 ? 22  GLU A O   1 
ATOM   76  C  CB  . GLU A 1 22  ? -1.540  -10.054 -3.000  1.00 31.10 ? 22  GLU A CB  1 
ATOM   77  C  CG  . GLU A 1 22  ? -0.796  -9.707  -1.718  1.00 34.30 ? 22  GLU A CG  1 
ATOM   78  C  CD  . GLU A 1 22  ? -1.024  -10.687 -0.583  1.00 33.50 ? 22  GLU A CD  1 
ATOM   79  O  OE1 . GLU A 1 22  ? -1.793  -11.629 -0.803  1.00 39.59 ? 22  GLU A OE1 1 
ATOM   80  O  OE2 . GLU A 1 22  ? -0.499  -10.472 0.520   1.00 33.68 ? 22  GLU A OE2 1 
ATOM   81  N  N   . LEU A 1 23  ? -0.869  -6.719  -3.512  1.00 23.87 ? 23  LEU A N   1 
ATOM   82  C  CA  . LEU A 1 23  ? 0.219   -5.769  -3.818  1.00 26.05 ? 23  LEU A CA  1 
ATOM   83  C  C   . LEU A 1 23  ? 1.321   -5.918  -2.778  1.00 26.54 ? 23  LEU A C   1 
ATOM   84  O  O   . LEU A 1 23  ? 1.038   -6.336  -1.611  1.00 22.79 ? 23  LEU A O   1 
ATOM   85  C  CB  . LEU A 1 23  ? -0.309  -4.331  -3.912  1.00 26.78 ? 23  LEU A CB  1 
ATOM   86  C  CG  . LEU A 1 23  ? -1.326  -4.123  -5.027  1.00 29.42 ? 23  LEU A CG  1 
ATOM   87  C  CD1 . LEU A 1 23  ? -2.079  -2.814  -4.866  1.00 33.04 ? 23  LEU A CD1 1 
ATOM   88  C  CD2 . LEU A 1 23  ? -0.648  -4.189  -6.378  1.00 31.86 ? 23  LEU A CD2 1 
ATOM   89  N  N   . SER A 1 24  ? 2.535   -5.686  -3.281  1.00 27.45 ? 24  SER A N   1 
ATOM   90  C  CA  . SER A 1 24  ? 3.787   -5.449  -2.540  1.00 28.93 ? 24  SER A CA  1 
ATOM   91  C  C   . SER A 1 24  ? 4.088   -3.947  -2.559  1.00 26.96 ? 24  SER A C   1 
ATOM   92  O  O   . SER A 1 24  ? 4.267   -3.403  -3.662  1.00 27.74 ? 24  SER A O   1 
ATOM   93  C  CB  . SER A 1 24  ? 4.902   -6.247  -3.171  1.00 31.01 ? 24  SER A CB  1 
ATOM   94  O  OG  . SER A 1 24  ? 5.860   -6.567  -2.190  1.00 31.90 ? 24  SER A OG  1 
ATOM   95  N  N   . VAL A 1 25  ? 4.159   -3.314  -1.391  1.00 24.08 ? 25  VAL A N   1 
ATOM   96  C  CA  . VAL A 1 25  ? 4.613   -1.907  -1.218  1.00 23.69 ? 25  VAL A CA  1 
ATOM   97  C  C   . VAL A 1 25  ? 5.887   -1.923  -0.374  1.00 26.21 ? 25  VAL A C   1 
ATOM   98  O  O   . VAL A 1 25  ? 5.804   -2.171  0.874   1.00 26.19 ? 25  VAL A O   1 
ATOM   99  C  CB  . VAL A 1 25  ? 3.495   -1.059  -0.592  1.00 24.57 ? 25  VAL A CB  1 
ATOM   100 C  CG1 . VAL A 1 25  ? 3.843   0.411   -0.566  1.00 24.10 ? 25  VAL A CG1 1 
ATOM   101 C  CG2 . VAL A 1 25  ? 2.171   -1.291  -1.301  1.00 23.53 ? 25  VAL A CG2 1 
ATOM   102 N  N   . ASP A 1 26  ? 7.035   -1.760  -1.037  1.00 25.76 ? 26  ASP A N   1 
ATOM   103 C  CA  . ASP A 1 26  ? 8.365   -1.883  -0.395  1.00 27.07 ? 26  ASP A CA  1 
ATOM   104 C  C   . ASP A 1 26  ? 8.903   -0.470  -0.158  1.00 27.62 ? 26  ASP A C   1 
ATOM   105 O  O   . ASP A 1 26  ? 8.509   0.434   -0.905  1.00 26.67 ? 26  ASP A O   1 
ATOM   106 C  CB  . ASP A 1 26  ? 9.329   -2.751  -1.213  1.00 25.97 ? 26  ASP A CB  1 
ATOM   107 C  CG  . ASP A 1 26  ? 10.527  -3.280  -0.436  1.00 29.00 ? 26  ASP A CG  1 
ATOM   108 O  OD1 . ASP A 1 26  ? 10.575  -3.079  0.781   1.00 37.78 ? 26  ASP A OD1 1 
ATOM   109 O  OD2 . ASP A 1 26  ? 11.425  -3.910  -1.059  1.00 33.77 ? 26  ASP A OD2 1 
ATOM   110 N  N   . GLY A 1 27  ? 9.742   -0.317  0.870   1.00 26.47 ? 27  GLY A N   1 
ATOM   111 C  CA  . GLY A 1 27  ? 10.475  0.917   1.167   1.00 28.82 ? 27  GLY A CA  1 
ATOM   112 C  C   . GLY A 1 27  ? 9.632   1.916   1.933   1.00 30.11 ? 27  GLY A C   1 
ATOM   113 O  O   . GLY A 1 27  ? 9.921   3.130   1.869   1.00 31.86 ? 27  GLY A O   1 
ATOM   114 N  N   . LEU A 1 28  ? 8.609   1.441   2.629   1.00 28.61 ? 28  LEU A N   1 
ATOM   115 C  CA  . LEU A 1 28  ? 7.891   2.255   3.638   1.00 27.08 ? 28  LEU A CA  1 
ATOM   116 C  C   . LEU A 1 28  ? 8.812   2.589   4.808   1.00 25.76 ? 28  LEU A C   1 
ATOM   117 O  O   . LEU A 1 28  ? 9.793   1.891   5.048   1.00 27.54 ? 28  LEU A O   1 
ATOM   118 C  CB  . LEU A 1 28  ? 6.663   1.480   4.111   1.00 27.33 ? 28  LEU A CB  1 
ATOM   119 C  CG  . LEU A 1 28  ? 5.594   1.358   3.048   1.00 27.00 ? 28  LEU A CG  1 
ATOM   120 C  CD1 . LEU A 1 28  ? 4.560   0.342   3.486   1.00 28.04 ? 28  LEU A CD1 1 
ATOM   121 C  CD2 . LEU A 1 28  ? 4.986   2.731   2.769   1.00 26.82 ? 28  LEU A CD2 1 
ATOM   122 N  N   . PRO A 1 29  ? 8.515   3.685   5.545   1.00 26.50 ? 29  PRO A N   1 
ATOM   123 C  CA  . PRO A 1 29  ? 9.310   4.100   6.702   1.00 26.41 ? 29  PRO A CA  1 
ATOM   124 C  C   . PRO A 1 29  ? 9.570   3.015   7.739   1.00 25.88 ? 29  PRO A C   1 
ATOM   125 O  O   . PRO A 1 29  ? 8.683   2.241   8.083   1.00 26.87 ? 29  PRO A O   1 
ATOM   126 C  CB  . PRO A 1 29  ? 8.461   5.225   7.306   1.00 27.21 ? 29  PRO A CB  1 
ATOM   127 C  CG  . PRO A 1 29  ? 7.851   5.866   6.065   1.00 28.35 ? 29  PRO A CG  1 
ATOM   128 C  CD  . PRO A 1 29  ? 7.470   4.669   5.211   1.00 27.38 ? 29  PRO A CD  1 
ATOM   129 N  N   . PRO A 1 30  ? 10.790  2.964   8.306   1.00 29.02 ? 30  PRO A N   1 
ATOM   130 C  CA  . PRO A 1 30  ? 11.202  1.827   9.121   1.00 33.18 ? 30  PRO A CA  1 
ATOM   131 C  C   . PRO A 1 30  ? 10.326  1.624   10.367  1.00 30.28 ? 30  PRO A C   1 
ATOM   132 O  O   . PRO A 1 30  ? 10.150  0.521   10.734  1.00 31.16 ? 30  PRO A O   1 
ATOM   133 C  CB  . PRO A 1 30  ? 12.644  2.150   9.536   1.00 32.78 ? 30  PRO A CB  1 
ATOM   134 C  CG  . PRO A 1 30  ? 13.089  3.225   8.595   1.00 32.19 ? 30  PRO A CG  1 
ATOM   135 C  CD  . PRO A 1 30  ? 11.847  3.982   8.195   1.00 32.10 ? 30  PRO A CD  1 
ATOM   136 N  N   . ASN A 1 31  ? 9.812   2.698   10.965  1.00 33.24 ? 31  ASN A N   1 
ATOM   137 C  CA  . ASN A 1 31  ? 9.130   2.634   12.280  1.00 33.11 ? 31  ASN A CA  1 
ATOM   138 C  C   . ASN A 1 31  ? 7.637   2.928   12.095  1.00 34.26 ? 31  ASN A C   1 
ATOM   139 O  O   . ASN A 1 31  ? 6.948   3.059   13.117  1.00 33.67 ? 31  ASN A O   1 
ATOM   140 C  CB  . ASN A 1 31  ? 9.841   3.565   13.264  1.00 38.48 ? 31  ASN A CB  1 
ATOM   141 C  CG  . ASN A 1 31  ? 11.308  3.212   13.459  1.00 40.96 ? 31  ASN A CG  1 
ATOM   142 O  OD1 . ASN A 1 31  ? 11.661  2.070   13.753  1.00 38.84 ? 31  ASN A OD1 1 
ATOM   143 N  ND2 . ASN A 1 31  ? 12.178  4.184   13.270  1.00 41.86 ? 31  ASN A ND2 1 
ATOM   144 N  N   . LEU A 1 32  ? 7.153   3.011   10.844  1.00 31.52 ? 32  LEU A N   1 
ATOM   145 C  CA  . LEU A 1 32  ? 5.707   3.165   10.532  1.00 31.43 ? 32  LEU A CA  1 
ATOM   146 C  C   . LEU A 1 32  ? 4.941   2.015   11.178  1.00 29.98 ? 32  LEU A C   1 
ATOM   147 O  O   . LEU A 1 32  ? 5.303   0.837   10.939  1.00 28.07 ? 32  LEU A O   1 
ATOM   148 C  CB  . LEU A 1 32  ? 5.465   3.158   9.021   1.00 30.32 ? 32  LEU A CB  1 
ATOM   149 C  CG  . LEU A 1 32  ? 4.028   3.488   8.622   1.00 34.40 ? 32  LEU A CG  1 
ATOM   150 C  CD1 . LEU A 1 32  ? 3.717   4.959   8.923   1.00 32.26 ? 32  LEU A CD1 1 
ATOM   151 C  CD2 . LEU A 1 32  ? 3.762   3.137   7.159   1.00 31.51 ? 32  LEU A CD2 1 
ATOM   152 N  N   . THR A 1 33  ? 3.917   2.355   11.945  1.00 30.39 ? 33  THR A N   1 
ATOM   153 C  CA  . THR A 1 33  ? 3.059   1.406   12.687  1.00 30.34 ? 33  THR A CA  1 
ATOM   154 C  C   . THR A 1 33  ? 1.960   0.866   11.763  1.00 30.44 ? 33  THR A C   1 
ATOM   155 O  O   . THR A 1 33  ? 1.589   1.535   10.767  1.00 30.83 ? 33  THR A O   1 
ATOM   156 C  CB  . THR A 1 33  ? 2.445   2.078   13.921  1.00 31.45 ? 33  THR A CB  1 
ATOM   157 O  OG1 . THR A 1 33  ? 1.607   3.139   13.451  1.00 31.33 ? 33  THR A OG1 1 
ATOM   158 C  CG2 . THR A 1 33  ? 3.495   2.582   14.886  1.00 31.76 ? 33  THR A CG2 1 
ATOM   159 N  N   . ARG A 1 34  ? 1.455   -0.314  12.096  1.00 27.77 ? 34  ARG A N   1 
ATOM   160 C  CA  . ARG A 1 34  ? 0.337   -0.955  11.374  1.00 31.98 ? 34  ARG A CA  1 
ATOM   161 C  C   . ARG A 1 34  ? -0.849  0.020   11.320  1.00 31.41 ? 34  ARG A C   1 
ATOM   162 O  O   . ARG A 1 34  ? -1.474  0.127   10.260  1.00 31.78 ? 34  ARG A O   1 
ATOM   163 C  CB  . ARG A 1 34  ? -0.059  -2.264  12.066  1.00 32.54 ? 34  ARG A CB  1 
ATOM   164 C  CG  . ARG A 1 34  ? -1.452  -2.741  11.690  1.00 33.92 ? 34  ARG A CG  1 
ATOM   165 C  CD  . ARG A 1 34  ? -1.763  -4.114  12.254  1.00 32.22 ? 34  ARG A CD  1 
ATOM   166 N  NE  . ARG A 1 34  ? -2.925  -4.579  11.530  1.00 31.74 ? 34  ARG A NE  1 
ATOM   167 C  CZ  . ARG A 1 34  ? -2.904  -5.339  10.451  1.00 30.13 ? 34  ARG A CZ  1 
ATOM   168 N  NH1 . ARG A 1 34  ? -1.763  -5.802  9.968   1.00 30.20 ? 34  ARG A NH1 1 
ATOM   169 N  NH2 . ARG A 1 34  ? -4.049  -5.678  9.884   1.00 31.78 ? 34  ARG A NH2 1 
ATOM   170 N  N   . SER A 1 35  ? -1.166  0.693   12.426  1.00 28.85 ? 35  SER A N   1 
ATOM   171 C  CA  . SER A 1 35  ? -2.360  1.569   12.489  1.00 30.40 ? 35  SER A CA  1 
ATOM   172 C  C   . SER A 1 35  ? -2.149  2.815   11.614  1.00 27.75 ? 35  SER A C   1 
ATOM   173 O  O   . SER A 1 35  ? -3.118  3.220   10.972  1.00 27.05 ? 35  SER A O   1 
ATOM   174 C  CB  . SER A 1 35  ? -2.742  1.902   13.902  1.00 32.08 ? 35  SER A CB  1 
ATOM   175 O  OG  . SER A 1 35  ? -2.033  3.038   14.351  1.00 39.32 ? 35  SER A OG  1 
ATOM   176 N  N   . ALA A 1 36  ? -0.939  3.387   11.576  1.00 27.58 ? 36  ALA A N   1 
ATOM   177 C  CA  . ALA A 1 36  ? -0.578  4.560   10.741  1.00 27.81 ? 36  ALA A CA  1 
ATOM   178 C  C   . ALA A 1 36  ? -0.612  4.194   9.254   1.00 28.99 ? 36  ALA A C   1 
ATOM   179 O  O   . ALA A 1 36  ? -1.120  5.009   8.457   1.00 29.55 ? 36  ALA A O   1 
ATOM   180 C  CB  . ALA A 1 36  ? 0.786   5.068   11.121  1.00 30.11 ? 36  ALA A CB  1 
ATOM   181 N  N   . LEU A 1 37  ? -0.074  3.022   8.884   1.00 29.65 ? 37  LEU A N   1 
ATOM   182 C  CA  . LEU A 1 37  ? -0.162  2.494   7.495   1.00 29.59 ? 37  LEU A CA  1 
ATOM   183 C  C   . LEU A 1 37  ? -1.636  2.350   7.092   1.00 28.08 ? 37  LEU A C   1 
ATOM   184 O  O   . LEU A 1 37  ? -2.007  2.862   6.048   1.00 22.23 ? 37  LEU A O   1 
ATOM   185 C  CB  . LEU A 1 37  ? 0.553   1.140   7.387   1.00 31.12 ? 37  LEU A CB  1 
ATOM   186 C  CG  . LEU A 1 37  ? 0.377   0.424   6.037   1.00 34.45 ? 37  LEU A CG  1 
ATOM   187 C  CD1 . LEU A 1 37  ? 1.413   0.877   5.025   1.00 34.31 ? 37  LEU A CD1 1 
ATOM   188 C  CD2 . LEU A 1 37  ? 0.409   -1.097  6.179   1.00 37.65 ? 37  LEU A CD2 1 
ATOM   189 N  N   . LEU A 1 38  ? -2.451  1.645   7.883   1.00 31.32 ? 38  LEU A N   1 
ATOM   190 C  CA  . LEU A 1 38  ? -3.865  1.392   7.499   1.00 30.12 ? 38  LEU A CA  1 
ATOM   191 C  C   . LEU A 1 38  ? -4.629  2.723   7.419   1.00 28.35 ? 38  LEU A C   1 
ATOM   192 O  O   . LEU A 1 38  ? -5.488  2.833   6.527   1.00 28.60 ? 38  LEU A O   1 
ATOM   193 C  CB  . LEU A 1 38  ? -4.527  0.427   8.483   1.00 31.00 ? 38  LEU A CB  1 
ATOM   194 C  CG  . LEU A 1 38  ? -3.912  -0.970  8.596   1.00 30.79 ? 38  LEU A CG  1 
ATOM   195 C  CD1 . LEU A 1 38  ? -4.746  -1.845  9.519   1.00 29.35 ? 38  LEU A CD1 1 
ATOM   196 C  CD2 . LEU A 1 38  ? -3.745  -1.619  7.237   1.00 32.19 ? 38  LEU A CD2 1 
ATOM   197 N  N   . LEU A 1 39  ? -4.337  3.703   8.282   1.00 24.46 ? 39  LEU A N   1 
ATOM   198 C  CA  . LEU A 1 39  ? -4.975  5.049   8.166   1.00 25.04 ? 39  LEU A CA  1 
ATOM   199 C  C   . LEU A 1 39  ? -4.624  5.672   6.795   1.00 23.99 ? 39  LEU A C   1 
ATOM   200 O  O   . LEU A 1 39  ? -5.553  6.165   6.125   1.00 21.86 ? 39  LEU A O   1 
ATOM   201 C  CB  . LEU A 1 39  ? -4.548  5.947   9.330   1.00 27.04 ? 39  LEU A CB  1 
ATOM   202 C  CG  . LEU A 1 39  ? -5.126  7.368   9.348   1.00 28.42 ? 39  LEU A CG  1 
ATOM   203 C  CD1 . LEU A 1 39  ? -6.635  7.395   9.122   1.00 27.67 ? 39  LEU A CD1 1 
ATOM   204 C  CD2 . LEU A 1 39  ? -4.807  8.053   10.669  1.00 29.68 ? 39  LEU A CD2 1 
ATOM   205 N  N   . ALA A 1 40  ? -3.353  5.639   6.371   1.00 24.42 ? 40  ALA A N   1 
ATOM   206 C  CA  . ALA A 1 40  ? -2.869  6.210   5.085   1.00 26.14 ? 40  ALA A CA  1 
ATOM   207 C  C   . ALA A 1 40  ? -3.407  5.434   3.873   1.00 27.16 ? 40  ALA A C   1 
ATOM   208 O  O   . ALA A 1 40  ? -3.528  6.040   2.794   1.00 26.74 ? 40  ALA A O   1 
ATOM   209 C  CB  . ALA A 1 40  ? -1.363  6.203   5.081   1.00 28.46 ? 40  ALA A CB  1 
ATOM   210 N  N   . LEU A 1 41  ? -3.630  4.125   4.014   1.00 27.06 ? 41  LEU A N   1 
ATOM   211 C  CA  . LEU A 1 41  ? -4.127  3.234   2.929   1.00 30.40 ? 41  LEU A CA  1 
ATOM   212 C  C   . LEU A 1 41  ? -5.664  3.294   2.798   1.00 29.18 ? 41  LEU A C   1 
ATOM   213 O  O   . LEU A 1 41  ? -6.177  2.748   1.792   1.00 27.55 ? 41  LEU A O   1 
ATOM   214 C  CB  . LEU A 1 41  ? -3.676  1.794   3.217   1.00 32.67 ? 41  LEU A CB  1 
ATOM   215 C  CG  . LEU A 1 41  ? -2.333  1.355   2.621   1.00 35.60 ? 41  LEU A CG  1 
ATOM   216 C  CD1 . LEU A 1 41  ? -1.243  2.384   2.861   1.00 38.52 ? 41  LEU A CD1 1 
ATOM   217 C  CD2 . LEU A 1 41  ? -1.938  -0.003  3.187   1.00 37.81 ? 41  LEU A CD2 1 
ATOM   218 N  N   . GLN A 1 42  ? -6.380  3.884   3.759   1.00 24.08 ? 42  GLN A N   1 
ATOM   219 C  CA  . GLN A 1 42  ? -7.877  3.999   3.739   1.00 27.24 ? 42  GLN A CA  1 
ATOM   220 C  C   . GLN A 1 42  ? -8.437  4.300   2.333   1.00 26.26 ? 42  GLN A C   1 
ATOM   221 O  O   . GLN A 1 42  ? -9.438  3.687   1.953   1.00 23.58 ? 42  GLN A O   1 
ATOM   222 C  CB  . GLN A 1 42  ? -8.363  5.014   4.793   1.00 26.62 ? 42  GLN A CB  1 
ATOM   223 C  CG  . GLN A 1 42  ? -8.325  4.421   6.202   1.00 26.18 ? 42  GLN A CG  1 
ATOM   224 C  CD  . GLN A 1 42  ? -8.977  5.294   7.249   1.00 26.36 ? 42  GLN A CD  1 
ATOM   225 O  OE1 . GLN A 1 42  ? -9.466  6.369   6.961   1.00 26.27 ? 42  GLN A OE1 1 
ATOM   226 N  NE2 . GLN A 1 42  ? -8.984  4.833   8.488   1.00 24.50 ? 42  GLN A NE2 1 
ATOM   227 N  N   . PRO A 1 43  ? -7.916  5.290   1.559   1.00 27.04 ? 43  PRO A N   1 
ATOM   228 C  CA  . PRO A 1 43  ? -8.483  5.631   0.238   1.00 27.62 ? 43  PRO A CA  1 
ATOM   229 C  C   . PRO A 1 43  ? -8.294  4.603   -0.892  1.00 30.65 ? 43  PRO A C   1 
ATOM   230 O  O   . PRO A 1 43  ? -8.896  4.736   -1.934  1.00 30.12 ? 43  PRO A O   1 
ATOM   231 C  CB  . PRO A 1 43  ? -7.774  6.949   -0.133  1.00 26.66 ? 43  PRO A CB  1 
ATOM   232 C  CG  . PRO A 1 43  ? -7.303  7.514   1.222   1.00 25.93 ? 43  PRO A CG  1 
ATOM   233 C  CD  . PRO A 1 43  ? -6.902  6.275   1.990   1.00 26.18 ? 43  PRO A CD  1 
ATOM   234 N  N   . LEU A 1 44  ? -7.486  3.577   -0.651  1.00 34.13 ? 44  LEU A N   1 
ATOM   235 C  CA  . LEU A 1 44  ? -7.354  2.415   -1.562  1.00 36.34 ? 44  LEU A CA  1 
ATOM   236 C  C   . LEU A 1 44  ? -8.663  1.631   -1.568  1.00 35.82 ? 44  LEU A C   1 
ATOM   237 O  O   . LEU A 1 44  ? -8.757  0.672   -2.315  1.00 33.73 ? 44  LEU A O   1 
ATOM   238 C  CB  . LEU A 1 44  ? -6.175  1.539   -1.121  1.00 35.71 ? 44  LEU A CB  1 
ATOM   239 C  CG  . LEU A 1 44  ? -4.789  2.158   -1.306  1.00 35.88 ? 44  LEU A CG  1 
ATOM   240 C  CD1 . LEU A 1 44  ? -3.727  1.080   -1.389  1.00 36.52 ? 44  LEU A CD1 1 
ATOM   241 C  CD2 . LEU A 1 44  ? -4.714  3.040   -2.538  1.00 36.79 ? 44  LEU A CD2 1 
ATOM   242 N  N   . GLY A 1 45  ? -9.628  2.028   -0.745  1.00 39.89 ? 45  GLY A N   1 
ATOM   243 C  CA  . GLY A 1 45  ? -11.043 1.653   -0.922  1.00 37.74 ? 45  GLY A CA  1 
ATOM   244 C  C   . GLY A 1 45  ? -11.377 0.392   -0.146  1.00 36.98 ? 45  GLY A C   1 
ATOM   245 O  O   . GLY A 1 45  ? -10.500 -0.262  0.405   1.00 37.02 ? 45  GLY A O   1 
ATOM   246 N  N   . PRO A 1 46  ? -12.675 0.035   -0.085  1.00 38.14 ? 46  PRO A N   1 
ATOM   247 C  CA  . PRO A 1 46  ? -13.118 -1.100  0.728   1.00 35.61 ? 46  PRO A CA  1 
ATOM   248 C  C   . PRO A 1 46  ? -12.675 -2.492  0.239   1.00 35.03 ? 46  PRO A C   1 
ATOM   249 O  O   . PRO A 1 46  ? -12.909 -3.437  0.941   1.00 35.14 ? 46  PRO A O   1 
ATOM   250 C  CB  . PRO A 1 46  ? -14.651 -0.983  0.674   1.00 37.61 ? 46  PRO A CB  1 
ATOM   251 C  CG  . PRO A 1 46  ? -14.949 -0.196  -0.603  1.00 36.18 ? 46  PRO A CG  1 
ATOM   252 C  CD  . PRO A 1 46  ? -13.779 0.751   -0.754  1.00 35.39 ? 46  PRO A CD  1 
ATOM   253 N  N   . GLY A 1 47  ? -12.053 -2.598  -0.936  1.00 33.26 ? 47  GLY A N   1 
ATOM   254 C  CA  . GLY A 1 47  ? -11.494 -3.878  -1.427  1.00 34.92 ? 47  GLY A CA  1 
ATOM   255 C  C   . GLY A 1 47  ? -10.354 -4.443  -0.566  1.00 32.34 ? 47  GLY A C   1 
ATOM   256 O  O   . GLY A 1 47  ? -10.134 -5.687  -0.637  1.00 27.84 ? 47  GLY A O   1 
ATOM   257 N  N   . LEU A 1 48  ? -9.635  -3.589  0.189   1.00 30.08 ? 48  LEU A N   1 
ATOM   258 C  CA  . LEU A 1 48  ? -8.477  -4.011  1.018   1.00 31.32 ? 48  LEU A CA  1 
ATOM   259 C  C   . LEU A 1 48  ? -8.961  -4.889  2.168   1.00 31.52 ? 48  LEU A C   1 
ATOM   260 O  O   . LEU A 1 48  ? -9.727  -4.391  3.017   1.00 32.72 ? 48  LEU A O   1 
ATOM   261 C  CB  . LEU A 1 48  ? -7.714  -2.803  1.568   1.00 32.95 ? 48  LEU A CB  1 
ATOM   262 C  CG  . LEU A 1 48  ? -6.423  -3.137  2.333   1.00 30.16 ? 48  LEU A CG  1 
ATOM   263 C  CD1 . LEU A 1 48  ? -5.406  -3.809  1.426   1.00 30.93 ? 48  LEU A CD1 1 
ATOM   264 C  CD2 . LEU A 1 48  ? -5.810  -1.887  2.942   1.00 30.36 ? 48  LEU A CD2 1 
ATOM   265 N  N   . GLN A 1 49  ? -8.463  -6.124  2.229   1.00 32.45 ? 49  GLN A N   1 
ATOM   266 C  CA  . GLN A 1 49  ? -8.950  -7.204  3.129   1.00 33.88 ? 49  GLN A CA  1 
ATOM   267 C  C   . GLN A 1 49  ? -7.970  -7.423  4.292   1.00 34.16 ? 49  GLN A C   1 
ATOM   268 O  O   . GLN A 1 49  ? -8.433  -7.481  5.467   1.00 30.61 ? 49  GLN A O   1 
ATOM   269 C  CB  . GLN A 1 49  ? -9.059  -8.472  2.277   1.00 39.62 ? 49  GLN A CB  1 
ATOM   270 C  CG  . GLN A 1 49  ? -10.125 -9.476  2.674   1.00 43.05 ? 49  GLN A CG  1 
ATOM   271 C  CD  . GLN A 1 49  ? -10.084 -10.631 1.697   1.00 47.84 ? 49  GLN A CD  1 
ATOM   272 O  OE1 . GLN A 1 49  ? -10.484 -10.513 0.542   1.00 48.33 ? 49  GLN A OE1 1 
ATOM   273 N  NE2 . GLN A 1 49  ? -9.556  -11.759 2.132   1.00 48.50 ? 49  GLN A NE2 1 
ATOM   274 N  N   . GLU A 1 50  ? -6.686  -7.656  3.973   1.00 32.47 ? 50  GLU A N   1 
ATOM   275 C  CA  . GLU A 1 50  ? -5.599  -7.934  4.959   1.00 31.89 ? 50  GLU A CA  1 
ATOM   276 C  C   . GLU A 1 50  ? -4.344  -7.147  4.572   1.00 30.13 ? 50  GLU A C   1 
ATOM   277 O  O   . GLU A 1 50  ? -4.122  -6.875  3.354   1.00 28.09 ? 50  GLU A O   1 
ATOM   278 C  CB  . GLU A 1 50  ? -5.184  -9.408  5.050   1.00 35.04 ? 50  GLU A CB  1 
ATOM   279 C  CG  . GLU A 1 50  ? -6.319  -10.391 5.303   1.00 37.56 ? 50  GLU A CG  1 
ATOM   280 C  CD  . GLU A 1 50  ? -6.097  -11.741 4.641   1.00 42.85 ? 50  GLU A CD  1 
ATOM   281 O  OE1 . GLU A 1 50  ? -5.063  -12.384 4.923   1.00 41.05 ? 50  GLU A OE1 1 
ATOM   282 O  OE2 . GLU A 1 50  ? -6.930  -12.122 3.788   1.00 53.12 ? 50  GLU A OE2 1 
ATOM   283 N  N   . ALA A 1 51  ? -3.541  -6.831  5.580   1.00 26.56 ? 51  ALA A N   1 
ATOM   284 C  CA  . ALA A 1 51  ? -2.236  -6.153  5.458   1.00 26.68 ? 51  ALA A CA  1 
ATOM   285 C  C   . ALA A 1 51  ? -1.233  -6.871  6.354   1.00 26.55 ? 51  ALA A C   1 
ATOM   286 O  O   . ALA A 1 51  ? -1.524  -7.042  7.567   1.00 28.02 ? 51  ALA A O   1 
ATOM   287 C  CB  . ALA A 1 51  ? -2.377  -4.696  5.820   1.00 25.30 ? 51  ALA A CB  1 
ATOM   288 N  N   . ARG A 1 52  ? -0.095  -7.272  5.785   1.00 27.98 ? 52  ARG A N   1 
ATOM   289 C  CA  . ARG A 1 52  ? 1.074   -7.752  6.559   1.00 26.23 ? 52  ARG A CA  1 
ATOM   290 C  C   . ARG A 1 52  ? 2.213   -6.752  6.388   1.00 27.05 ? 52  ARG A C   1 
ATOM   291 O  O   . ARG A 1 52  ? 2.472   -6.299  5.276   1.00 26.47 ? 52  ARG A O   1 
ATOM   292 C  CB  . ARG A 1 52  ? 1.439   -9.175  6.145   1.00 27.88 ? 52  ARG A CB  1 
ATOM   293 C  CG  . ARG A 1 52  ? 0.287   -10.149 6.336   1.00 28.53 ? 52  ARG A CG  1 
ATOM   294 C  CD  . ARG A 1 52  ? 0.310   -11.344 5.390   1.00 29.69 ? 52  ARG A CD  1 
ATOM   295 N  NE  . ARG A 1 52  ? -0.599  -12.368 5.899   1.00 30.69 ? 52  ARG A NE  1 
ATOM   296 C  CZ  . ARG A 1 52  ? -1.898  -12.438 5.629   1.00 30.49 ? 52  ARG A CZ  1 
ATOM   297 N  NH1 . ARG A 1 52  ? -2.461  -11.558 4.819   1.00 31.04 ? 52  ARG A NH1 1 
ATOM   298 N  NH2 . ARG A 1 52  ? -2.629  -13.421 6.140   1.00 33.54 ? 52  ARG A NH2 1 
ATOM   299 N  N   . LEU A 1 53  ? 2.844   -6.404  7.489   1.00 25.97 ? 53  LEU A N   1 
ATOM   300 C  CA  . LEU A 1 53  ? 3.936   -5.419  7.524   1.00 31.28 ? 53  LEU A CA  1 
ATOM   301 C  C   . LEU A 1 53  ? 5.189   -6.120  8.053   1.00 32.67 ? 53  LEU A C   1 
ATOM   302 O  O   . LEU A 1 53  ? 5.148   -6.572  9.193   1.00 33.47 ? 53  LEU A O   1 
ATOM   303 C  CB  . LEU A 1 53  ? 3.454   -4.262  8.401   1.00 31.70 ? 53  LEU A CB  1 
ATOM   304 C  CG  . LEU A 1 53  ? 4.209   -2.948  8.262   1.00 33.19 ? 53  LEU A CG  1 
ATOM   305 C  CD1 . LEU A 1 53  ? 4.320   -2.512  6.810   1.00 32.76 ? 53  LEU A CD1 1 
ATOM   306 C  CD2 . LEU A 1 53  ? 3.527   -1.876  9.103   1.00 36.42 ? 53  LEU A CD2 1 
ATOM   307 N  N   . LEU A 1 54  ? 6.214   -6.288  7.210   1.00 35.54 ? 54  LEU A N   1 
ATOM   308 C  CA  . LEU A 1 54  ? 7.538   -6.848  7.592   1.00 34.66 ? 54  LEU A CA  1 
ATOM   309 C  C   . LEU A 1 54  ? 8.643   -5.817  7.413   1.00 29.05 ? 54  LEU A C   1 
ATOM   310 O  O   . LEU A 1 54  ? 8.461   -4.856  6.685   1.00 25.33 ? 54  LEU A O   1 
ATOM   311 C  CB  . LEU A 1 54  ? 7.875   -8.020  6.675   1.00 42.13 ? 54  LEU A CB  1 
ATOM   312 C  CG  . LEU A 1 54  ? 6.876   -9.160  6.658   1.00 46.47 ? 54  LEU A CG  1 
ATOM   313 C  CD1 . LEU A 1 54  ? 6.152   -9.180  5.321   1.00 51.07 ? 54  LEU A CD1 1 
ATOM   314 C  CD2 . LEU A 1 54  ? 7.595   -10.470 6.918   1.00 46.56 ? 54  LEU A CD2 1 
ATOM   315 N  N   . PRO A 1 55  ? 9.842   -6.057  7.994   1.00 29.53 ? 55  PRO A N   1 
ATOM   316 C  CA  . PRO A 1 55  ? 11.056  -5.336  7.610   1.00 29.75 ? 55  PRO A CA  1 
ATOM   317 C  C   . PRO A 1 55  ? 11.371  -5.558  6.117   1.00 30.42 ? 55  PRO A C   1 
ATOM   318 O  O   . PRO A 1 55  ? 11.157  -6.655  5.612   1.00 28.58 ? 55  PRO A O   1 
ATOM   319 C  CB  . PRO A 1 55  ? 12.147  -5.948  8.501   1.00 32.11 ? 55  PRO A CB  1 
ATOM   320 C  CG  . PRO A 1 55  ? 11.396  -6.563  9.676   1.00 32.56 ? 55  PRO A CG  1 
ATOM   321 C  CD  . PRO A 1 55  ? 10.085  -7.029  9.081   1.00 32.19 ? 55  PRO A CD  1 
ATOM   322 N  N   . SER A 1 56  ? 11.781  -4.511  5.402   1.00 29.60 ? 56  SER A N   1 
ATOM   323 C  CA  . SER A 1 56  ? 12.038  -4.630  3.951   1.00 33.01 ? 56  SER A CA  1 
ATOM   324 C  C   . SER A 1 56  ? 13.351  -5.380  3.790   1.00 31.89 ? 56  SER A C   1 
ATOM   325 O  O   . SER A 1 56  ? 14.273  -5.235  4.580   1.00 31.60 ? 56  SER A O   1 
ATOM   326 C  CB  . SER A 1 56  ? 11.992  -3.318  3.195   1.00 35.36 ? 56  SER A CB  1 
ATOM   327 O  OG  . SER A 1 56  ? 12.987  -2.416  3.627   1.00 47.82 ? 56  SER A OG  1 
ATOM   328 N  N   . PRO A 1 57  ? 13.433  -6.303  2.818   1.00 33.40 ? 57  PRO A N   1 
ATOM   329 C  CA  . PRO A 1 57  ? 14.713  -6.937  2.512   1.00 30.72 ? 57  PRO A CA  1 
ATOM   330 C  C   . PRO A 1 57  ? 15.706  -5.881  1.998   1.00 29.62 ? 57  PRO A C   1 
ATOM   331 O  O   . PRO A 1 57  ? 15.294  -4.910  1.382   1.00 30.60 ? 57  PRO A O   1 
ATOM   332 C  CB  . PRO A 1 57  ? 14.346  -7.957  1.415   1.00 31.94 ? 57  PRO A CB  1 
ATOM   333 C  CG  . PRO A 1 57  ? 13.039  -7.416  0.804   1.00 33.00 ? 57  PRO A CG  1 
ATOM   334 C  CD  . PRO A 1 57  ? 12.318  -6.762  1.963   1.00 33.78 ? 57  PRO A CD  1 
ATOM   335 N  N   . GLY A 1 58  ? 16.994  -6.086  2.246   1.00 29.24 ? 58  GLY A N   1 
ATOM   336 C  CA  . GLY A 1 58  ? 18.052  -5.341  1.547   1.00 31.94 ? 58  GLY A CA  1 
ATOM   337 C  C   . GLY A 1 58  ? 18.792  -4.395  2.475   1.00 31.10 ? 58  GLY A C   1 
ATOM   338 O  O   . GLY A 1 58  ? 18.444  -4.264  3.638   1.00 34.12 ? 58  GLY A O   1 
ATOM   339 N  N   . PRO A 1 59  ? 19.864  -3.743  1.983   1.00 30.29 ? 59  PRO A N   1 
ATOM   340 C  CA  . PRO A 1 59  ? 20.732  -2.938  2.836   1.00 30.62 ? 59  PRO A CA  1 
ATOM   341 C  C   . PRO A 1 59  ? 20.059  -1.742  3.533   1.00 31.20 ? 59  PRO A C   1 
ATOM   342 O  O   . PRO A 1 59  ? 20.532  -1.395  4.611   1.00 33.26 ? 59  PRO A O   1 
ATOM   343 C  CB  . PRO A 1 59  ? 21.857  -2.471  1.901   1.00 28.29 ? 59  PRO A CB  1 
ATOM   344 C  CG  . PRO A 1 59  ? 21.302  -2.678  0.508   1.00 30.55 ? 59  PRO A CG  1 
ATOM   345 C  CD  . PRO A 1 59  ? 20.373  -3.862  0.616   1.00 31.26 ? 59  PRO A CD  1 
ATOM   346 N  N   . ALA A 1 60  ? 19.011  -1.149  2.950   1.00 27.74 ? 60  ALA A N   1 
ATOM   347 C  CA  . ALA A 1 60  ? 18.410  0.124   3.437   1.00 27.63 ? 60  ALA A CA  1 
ATOM   348 C  C   . ALA A 1 60  ? 17.238  -0.137  4.393   1.00 27.29 ? 60  ALA A C   1 
ATOM   349 O  O   . ALA A 1 60  ? 16.408  -1.011  4.154   1.00 24.61 ? 60  ALA A O   1 
ATOM   350 C  CB  . ALA A 1 60  ? 17.986  0.976   2.256   1.00 27.04 ? 60  ALA A CB  1 
ATOM   351 N  N   . PRO A 1 61  ? 17.093  0.649   5.490   1.00 28.00 ? 61  PRO A N   1 
ATOM   352 C  CA  . PRO A 1 61  ? 16.007  0.441   6.444   1.00 26.76 ? 61  PRO A CA  1 
ATOM   353 C  C   . PRO A 1 61  ? 14.648  0.648   5.767   1.00 25.68 ? 61  PRO A C   1 
ATOM   354 O  O   . PRO A 1 61  ? 14.528  1.459   4.871   1.00 25.00 ? 61  PRO A O   1 
ATOM   355 C  CB  . PRO A 1 61  ? 16.179  1.522   7.520   1.00 28.55 ? 61  PRO A CB  1 
ATOM   356 C  CG  . PRO A 1 61  ? 17.563  2.095   7.277   1.00 29.79 ? 61  PRO A CG  1 
ATOM   357 C  CD  . PRO A 1 61  ? 17.903  1.828   5.824   1.00 27.51 ? 61  PRO A CD  1 
ATOM   358 N  N   . GLY A 1 62  ? 13.656  -0.133  6.168   1.00 24.05 ? 62  GLY A N   1 
ATOM   359 C  CA  . GLY A 1 62  ? 12.301  0.059   5.659   1.00 25.46 ? 62  GLY A CA  1 
ATOM   360 C  C   . GLY A 1 62  ? 11.391  -1.066  6.064   1.00 24.32 ? 62  GLY A C   1 
ATOM   361 O  O   . GLY A 1 62  ? 11.836  -1.962  6.796   1.00 22.94 ? 62  GLY A O   1 
ATOM   362 N  N   . GLN A 1 63  ? 10.139  -0.981  5.622   1.00 23.83 ? 63  GLN A N   1 
ATOM   363 C  CA  . GLN A 1 63  ? 9.167   -2.082  5.734   1.00 23.66 ? 63  GLN A CA  1 
ATOM   364 C  C   . GLN A 1 63  ? 8.569   -2.285  4.350   1.00 26.39 ? 63  GLN A C   1 
ATOM   365 O  O   . GLN A 1 63  ? 8.539   -1.325  3.530   1.00 25.86 ? 63  GLN A O   1 
ATOM   366 C  CB  . GLN A 1 63  ? 8.096   -1.774  6.777   1.00 25.13 ? 63  GLN A CB  1 
ATOM   367 C  CG  . GLN A 1 63  ? 8.620   -1.681  8.207   1.00 27.41 ? 63  GLN A CG  1 
ATOM   368 C  CD  . GLN A 1 63  ? 7.574   -1.209  9.197   1.00 28.84 ? 63  GLN A CD  1 
ATOM   369 O  OE1 . GLN A 1 63  ? 7.133   -1.958  10.058  1.00 30.37 ? 63  GLN A OE1 1 
ATOM   370 N  NE2 . GLN A 1 63  ? 7.154   0.038   9.076   1.00 29.37 ? 63  GLN A NE2 1 
ATOM   371 N  N   . ILE A 1 64  ? 8.112   -3.504  4.132   1.00 26.45 ? 64  ILE A N   1 
ATOM   372 C  CA  . ILE A 1 64  ? 7.269   -3.920  2.986   1.00 25.34 ? 64  ILE A CA  1 
ATOM   373 C  C   . ILE A 1 64  ? 5.908   -4.313  3.559   1.00 26.45 ? 64  ILE A C   1 
ATOM   374 O  O   . ILE A 1 64  ? 5.850   -4.958  4.653   1.00 24.93 ? 64  ILE A O   1 
ATOM   375 C  CB  . ILE A 1 64  ? 7.990   -5.030  2.191   1.00 25.34 ? 64  ILE A CB  1 
ATOM   376 C  CG1 . ILE A 1 64  ? 7.242   -5.440  0.928   1.00 25.71 ? 64  ILE A CG1 1 
ATOM   377 C  CG2 . ILE A 1 64  ? 8.320   -6.236  3.043   1.00 24.33 ? 64  ILE A CG2 1 
ATOM   378 C  CD1 . ILE A 1 64  ? 8.131   -6.185  -0.062  1.00 26.10 ? 64  ILE A CD1 1 
ATOM   379 N  N   . ALA A 1 65  ? 4.838   -3.857  2.901   1.00 26.11 ? 65  ALA A N   1 
ATOM   380 C  CA  . ALA A 1 65  ? 3.446   -4.177  3.271   1.00 23.37 ? 65  ALA A CA  1 
ATOM   381 C  C   . ALA A 1 65  ? 2.901   -5.075  2.184   1.00 24.16 ? 65  ALA A C   1 
ATOM   382 O  O   . ALA A 1 65  ? 3.108   -4.748  0.986   1.00 25.64 ? 65  ALA A O   1 
ATOM   383 C  CB  . ALA A 1 65  ? 2.609   -2.927  3.445   1.00 23.86 ? 65  ALA A CB  1 
ATOM   384 N  N   . LEU A 1 66  ? 2.282   -6.181  2.596   1.00 23.40 ? 66  LEU A N   1 
ATOM   385 C  CA  . LEU A 1 66  ? 1.555   -7.086  1.690   1.00 25.39 ? 66  LEU A CA  1 
ATOM   386 C  C   . LEU A 1 66  ? 0.073   -6.817  1.865   1.00 24.62 ? 66  LEU A C   1 
ATOM   387 O  O   . LEU A 1 66  ? -0.451  -7.044  2.983   1.00 23.92 ? 66  LEU A O   1 
ATOM   388 C  CB  . LEU A 1 66  ? 1.954   -8.535  1.974   1.00 28.60 ? 66  LEU A CB  1 
ATOM   389 C  CG  . LEU A 1 66  ? 3.459   -8.785  1.951   1.00 28.37 ? 66  LEU A CG  1 
ATOM   390 C  CD1 . LEU A 1 66  ? 3.747   -10.266 2.101   1.00 29.27 ? 66  LEU A CD1 1 
ATOM   391 C  CD2 . LEU A 1 66  ? 4.089   -8.225  0.687   1.00 28.70 ? 66  LEU A CD2 1 
ATOM   392 N  N   . LEU A 1 67  ? -0.531  -6.272  0.806   1.00 24.46 ? 67  LEU A N   1 
ATOM   393 C  CA  . LEU A 1 67  ? -1.923  -5.773  0.784   1.00 25.74 ? 67  LEU A CA  1 
ATOM   394 C  C   . LEU A 1 67  ? -2.782  -6.710  -0.049  1.00 27.13 ? 67  LEU A C   1 
ATOM   395 O  O   . LEU A 1 67  ? -2.599  -6.761  -1.278  1.00 29.56 ? 67  LEU A O   1 
ATOM   396 C  CB  . LEU A 1 67  ? -1.917  -4.360  0.196   1.00 27.48 ? 67  LEU A CB  1 
ATOM   397 C  CG  . LEU A 1 67  ? -0.992  -3.371  0.899   1.00 25.33 ? 67  LEU A CG  1 
ATOM   398 C  CD1 . LEU A 1 67  ? -1.058  -2.021  0.218   1.00 26.28 ? 67  LEU A CD1 1 
ATOM   399 C  CD2 . LEU A 1 67  ? -1.342  -3.217  2.360   1.00 25.23 ? 67  LEU A CD2 1 
ATOM   400 N  N   . LYS A 1 68  ? -3.700  -7.415  0.601   1.00 28.09 ? 68  LYS A N   1 
ATOM   401 C  CA  . LYS A 1 68  ? -4.556  -8.423  -0.062  1.00 27.26 ? 68  LYS A CA  1 
ATOM   402 C  C   . LYS A 1 68  ? -5.985  -7.870  -0.222  1.00 26.18 ? 68  LYS A C   1 
ATOM   403 O  O   . LYS A 1 68  ? -6.644  -7.546  0.796   1.00 22.24 ? 68  LYS A O   1 
ATOM   404 C  CB  . LYS A 1 68  ? -4.497  -9.745  0.704   1.00 27.83 ? 68  LYS A CB  1 
ATOM   405 C  CG  . LYS A 1 68  ? -5.681  -10.654 0.440   1.00 31.24 ? 68  LYS A CG  1 
ATOM   406 C  CD  . LYS A 1 68  ? -5.316  -12.076 0.114   1.00 36.85 ? 68  LYS A CD  1 
ATOM   407 C  CE  . LYS A 1 68  ? -6.514  -12.860 -0.384  1.00 40.58 ? 68  LYS A CE  1 
ATOM   408 N  NZ  . LYS A 1 68  ? -7.173  -12.192 -1.536  1.00 42.11 ? 68  LYS A NZ  1 
ATOM   409 N  N   . PHE A 1 69  ? -6.459  -7.848  -1.470  1.00 22.94 ? 69  PHE A N   1 
ATOM   410 C  CA  . PHE A 1 69  ? -7.774  -7.304  -1.872  1.00 26.10 ? 69  PHE A CA  1 
ATOM   411 C  C   . PHE A 1 69  ? -8.757  -8.470  -2.057  1.00 28.49 ? 69  PHE A C   1 
ATOM   412 O  O   . PHE A 1 69  ? -8.318  -9.613  -2.303  1.00 32.09 ? 69  PHE A O   1 
ATOM   413 C  CB  . PHE A 1 69  ? -7.567  -6.446  -3.121  1.00 27.00 ? 69  PHE A CB  1 
ATOM   414 C  CG  . PHE A 1 69  ? -6.778  -5.194  -2.834  1.00 26.81 ? 69  PHE A CG  1 
ATOM   415 C  CD1 . PHE A 1 69  ? -5.393  -5.214  -2.804  1.00 27.91 ? 69  PHE A CD1 1 
ATOM   416 C  CD2 . PHE A 1 69  ? -7.423  -4.000  -2.572  1.00 27.82 ? 69  PHE A CD2 1 
ATOM   417 C  CE1 . PHE A 1 69  ? -4.676  -4.067  -2.507  1.00 26.26 ? 69  PHE A CE1 1 
ATOM   418 C  CE2 . PHE A 1 69  ? -6.709  -2.856  -2.271  1.00 27.13 ? 69  PHE A CE2 1 
ATOM   419 C  CZ  . PHE A 1 69  ? -5.332  -2.893  -2.238  1.00 26.68 ? 69  PHE A CZ  1 
ATOM   420 N  N   . SER A 1 70  ? -10.054 -8.196  -1.951  1.00 28.67 ? 70  SER A N   1 
ATOM   421 C  CA  . SER A 1 70  ? -11.150 -9.180  -2.161  1.00 28.45 ? 70  SER A CA  1 
ATOM   422 C  C   . SER A 1 70  ? -11.397 -9.432  -3.659  1.00 28.91 ? 70  SER A C   1 
ATOM   423 O  O   . SER A 1 70  ? -12.089 -10.410 -3.976  1.00 31.18 ? 70  SER A O   1 
ATOM   424 C  CB  . SER A 1 70  ? -12.410 -8.715  -1.483  1.00 27.61 ? 70  SER A CB  1 
ATOM   425 O  OG  . SER A 1 70  ? -12.777 -7.454  -2.023  1.00 35.28 ? 70  SER A OG  1 
ATOM   426 N  N   . SER A 1 71  ? -10.854 -8.619  -4.562  1.00 25.14 ? 71  SER A N   1 
ATOM   427 C  CA  . SER A 1 71  ? -10.931 -8.892  -6.017  1.00 27.60 ? 71  SER A CA  1 
ATOM   428 C  C   . SER A 1 71  ? -9.672  -8.385  -6.698  1.00 27.16 ? 71  SER A C   1 
ATOM   429 O  O   . SER A 1 71  ? -8.964  -7.572  -6.109  1.00 30.23 ? 71  SER A O   1 
ATOM   430 C  CB  . SER A 1 71  ? -12.167 -8.288  -6.638  1.00 29.48 ? 71  SER A CB  1 
ATOM   431 O  OG  . SER A 1 71  ? -12.355 -6.939  -6.212  1.00 27.68 ? 71  SER A OG  1 
ATOM   432 N  N   . HIS A 1 72  ? -9.417  -8.870  -7.907  1.00 27.67 ? 72  HIS A N   1 
ATOM   433 C  CA  . HIS A 1 72  ? -8.410  -8.284  -8.814  1.00 28.15 ? 72  HIS A CA  1 
ATOM   434 C  C   . HIS A 1 72  ? -8.827  -6.833  -9.135  1.00 26.45 ? 72  HIS A C   1 
ATOM   435 O  O   . HIS A 1 72  ? -7.952  -6.002  -9.219  1.00 26.76 ? 72  HIS A O   1 
ATOM   436 C  CB  . HIS A 1 72  ? -8.204  -9.162  -10.050 1.00 26.83 ? 72  HIS A CB  1 
ATOM   437 C  CG  . HIS A 1 72  ? -7.462  -8.460  -11.125 1.00 28.68 ? 72  HIS A CG  1 
ATOM   438 N  ND1 . HIS A 1 72  ? -6.088  -8.318  -11.100 1.00 29.48 ? 72  HIS A ND1 1 
ATOM   439 C  CD2 . HIS A 1 72  ? -7.896  -7.825  -12.241 1.00 30.80 ? 72  HIS A CD2 1 
ATOM   440 C  CE1 . HIS A 1 72  ? -5.701  -7.623  -12.159 1.00 30.59 ? 72  HIS A CE1 1 
ATOM   441 N  NE2 . HIS A 1 72  ? -6.796  -7.304  -12.875 1.00 29.12 ? 72  HIS A NE2 1 
ATOM   442 N  N   . ARG A 1 73  ? -10.115 -6.539  -9.296  1.00 28.03 ? 73  ARG A N   1 
ATOM   443 C  CA  . ARG A 1 73  ? -10.604 -5.178  -9.683  1.00 29.93 ? 73  ARG A CA  1 
ATOM   444 C  C   . ARG A 1 73  ? -10.216 -4.195  -8.559  1.00 28.43 ? 73  ARG A C   1 
ATOM   445 O  O   . ARG A 1 73  ? -9.529  -3.235  -8.850  1.00 26.33 ? 73  ARG A O   1 
ATOM   446 C  CB  . ARG A 1 73  ? -12.097 -5.244  -10.012 1.00 29.44 ? 73  ARG A CB  1 
ATOM   447 C  CG  . ARG A 1 73  ? -12.763 -3.908  -10.315 1.00 31.62 ? 73  ARG A CG  1 
ATOM   448 C  CD  . ARG A 1 73  ? -14.276 -4.070  -10.358 1.00 31.67 ? 73  ARG A CD  1 
ATOM   449 N  NE  . ARG A 1 73  ? -14.965 -2.882  -10.874 1.00 33.67 ? 73  ARG A NE  1 
ATOM   450 C  CZ  . ARG A 1 73  ? -15.296 -1.807  -10.150 1.00 32.78 ? 73  ARG A CZ  1 
ATOM   451 N  NH1 . ARG A 1 73  ? -14.999 -1.747  -8.862  1.00 32.27 ? 73  ARG A NH1 1 
ATOM   452 N  NH2 . ARG A 1 73  ? -15.926 -0.788  -10.714 1.00 33.76 ? 73  ARG A NH2 1 
ATOM   453 N  N   . ALA A 1 74  ? -10.546 -4.492  -7.302  1.00 29.81 ? 74  ALA A N   1 
ATOM   454 C  CA  . ALA A 1 74  ? -10.119 -3.693  -6.122  1.00 29.81 ? 74  ALA A CA  1 
ATOM   455 C  C   . ALA A 1 74  ? -8.590  -3.525  -6.102  1.00 28.43 ? 74  ALA A C   1 
ATOM   456 O  O   . ALA A 1 74  ? -8.136  -2.383  -5.912  1.00 28.33 ? 74  ALA A O   1 
ATOM   457 C  CB  . ALA A 1 74  ? -10.641 -4.314  -4.836  1.00 31.77 ? 74  ALA A CB  1 
ATOM   458 N  N   . ALA A 1 75  ? -7.804  -4.591  -6.338  1.00 30.07 ? 75  ALA A N   1 
ATOM   459 C  CA  . ALA A 1 75  ? -6.320  -4.555  -6.270  1.00 26.13 ? 75  ALA A CA  1 
ATOM   460 C  C   . ALA A 1 75  ? -5.735  -3.642  -7.364  1.00 24.52 ? 75  ALA A C   1 
ATOM   461 O  O   . ALA A 1 75  ? -4.818  -2.828  -7.082  1.00 23.31 ? 75  ALA A O   1 
ATOM   462 C  CB  . ALA A 1 75  ? -5.770  -5.946  -6.351  1.00 28.53 ? 75  ALA A CB  1 
ATOM   463 N  N   . ALA A 1 76  ? -6.223  -3.769  -8.589  1.00 22.70 ? 76  ALA A N   1 
ATOM   464 C  CA  . ALA A 1 76  ? -5.720  -3.003  -9.749  1.00 21.74 ? 76  ALA A CA  1 
ATOM   465 C  C   . ALA A 1 76  ? -6.101  -1.530  -9.579  1.00 20.07 ? 76  ALA A C   1 
ATOM   466 O  O   . ALA A 1 76  ? -5.275  -0.649  -9.831  1.00 20.61 ? 76  ALA A O   1 
ATOM   467 C  CB  . ALA A 1 76  ? -6.302  -3.585  -11.003 1.00 21.79 ? 76  ALA A CB  1 
HETATM 468 N  N   . MSE A 1 77  ? -7.292  -1.239  -9.089  1.00 22.24 ? 77  MSE A N   1 
HETATM 469 C  CA  . MSE A 1 77  ? -7.658  0.171   -8.778  1.00 26.39 ? 77  MSE A CA  1 
HETATM 470 C  C   . MSE A 1 77  ? -6.673  0.745   -7.749  1.00 25.07 ? 77  MSE A C   1 
HETATM 471 O  O   . MSE A 1 77  ? -6.237  1.899   -7.925  1.00 23.42 ? 77  MSE A O   1 
HETATM 472 C  CB  . MSE A 1 77  ? -9.087  0.226   -8.258  1.00 30.29 ? 77  MSE A CB  1 
HETATM 473 C  CG  . MSE A 1 77  ? -10.071 0.502   -9.341  1.00 36.80 ? 77  MSE A CG  1 
HETATM 474 SE SE  . MSE A 1 77  ? -11.791 0.844   -8.483  1.00 40.74 ? 77  MSE A SE  1 
HETATM 475 C  CE  . MSE A 1 77  ? -11.737 0.395   -6.583  1.00 48.35 ? 77  MSE A CE  1 
ATOM   476 N  N   . ALA A 1 78  ? -6.302  -0.059  -6.748  1.00 22.95 ? 78  ALA A N   1 
ATOM   477 C  CA  . ALA A 1 78  ? -5.460  0.365   -5.614  1.00 24.18 ? 78  ALA A CA  1 
ATOM   478 C  C   . ALA A 1 78  ? -4.058  0.603   -6.150  1.00 25.34 ? 78  ALA A C   1 
ATOM   479 O  O   . ALA A 1 78  ? -3.442  1.621   -5.767  1.00 23.41 ? 78  ALA A O   1 
ATOM   480 C  CB  . ALA A 1 78  ? -5.473  -0.643  -4.481  1.00 23.74 ? 78  ALA A CB  1 
ATOM   481 N  N   . LYS A 1 79  ? -3.582  -0.300  -7.006  1.00 27.29 ? 79  LYS A N   1 
ATOM   482 C  CA  . LYS A 1 79  ? -2.224  -0.178  -7.578  1.00 28.33 ? 79  LYS A CA  1 
ATOM   483 C  C   . LYS A 1 79  ? -2.122  1.131   -8.384  1.00 28.61 ? 79  LYS A C   1 
ATOM   484 O  O   . LYS A 1 79  ? -1.157  1.880   -8.181  1.00 25.96 ? 79  LYS A O   1 
ATOM   485 C  CB  . LYS A 1 79  ? -1.890  -1.377  -8.466  1.00 28.11 ? 79  LYS A CB  1 
ATOM   486 C  CG  . LYS A 1 79  ? -0.475  -1.337  -9.044  1.00 30.57 ? 79  LYS A CG  1 
ATOM   487 C  CD  . LYS A 1 79  ? 0.029   -2.680  -9.554  1.00 32.69 ? 79  LYS A CD  1 
ATOM   488 C  CE  . LYS A 1 79  ? 0.736   -2.595  -10.892 1.00 33.86 ? 79  LYS A CE  1 
ATOM   489 N  NZ  . LYS A 1 79  ? 1.961   -1.773  -10.811 1.00 33.67 ? 79  LYS A NZ  1 
ATOM   490 N  N   . LYS A 1 80  ? -3.049  1.369   -9.307  1.00 27.90 ? 80  LYS A N   1 
ATOM   491 C  CA  . LYS A 1 80  ? -3.066  2.621   -10.113 1.00 30.58 ? 80  LYS A CA  1 
ATOM   492 C  C   . LYS A 1 80  ? -3.025  3.816   -9.149  1.00 28.76 ? 80  LYS A C   1 
ATOM   493 O  O   . LYS A 1 80  ? -2.152  4.682   -9.301  1.00 26.51 ? 80  LYS A O   1 
ATOM   494 C  CB  . LYS A 1 80  ? -4.299  2.692   -11.020 1.00 34.15 ? 80  LYS A CB  1 
ATOM   495 C  CG  . LYS A 1 80  ? -4.421  1.568   -12.047 1.00 42.11 ? 80  LYS A CG  1 
ATOM   496 C  CD  . LYS A 1 80  ? -4.148  1.989   -13.497 1.00 47.09 ? 80  LYS A CD  1 
ATOM   497 C  CE  . LYS A 1 80  ? -4.576  0.943   -14.514 1.00 51.58 ? 80  LYS A CE  1 
ATOM   498 N  NZ  . LYS A 1 80  ? -4.569  1.469   -15.909 1.00 52.78 ? 80  LYS A NZ  1 
ATOM   499 N  N   . ALA A 1 81  ? -3.913  3.838   -8.160  1.00 27.70 ? 81  ALA A N   1 
ATOM   500 C  CA  . ALA A 1 81  ? -4.097  5.000   -7.262  1.00 27.61 ? 81  ALA A CA  1 
ATOM   501 C  C   . ALA A 1 81  ? -2.753  5.310   -6.605  1.00 27.34 ? 81  ALA A C   1 
ATOM   502 O  O   . ALA A 1 81  ? -2.282  6.443   -6.771  1.00 27.92 ? 81  ALA A O   1 
ATOM   503 C  CB  . ALA A 1 81  ? -5.187  4.742   -6.257  1.00 27.33 ? 81  ALA A CB  1 
ATOM   504 N  N   . LEU A 1 82  ? -2.116  4.308   -5.981  1.00 29.96 ? 82  LEU A N   1 
ATOM   505 C  CA  . LEU A 1 82  ? -0.791  4.455   -5.314  1.00 28.80 ? 82  LEU A CA  1 
ATOM   506 C  C   . LEU A 1 82  ? 0.253   4.995   -6.289  1.00 28.53 ? 82  LEU A C   1 
ATOM   507 O  O   . LEU A 1 82  ? 1.007   5.882   -5.886  1.00 30.79 ? 82  LEU A O   1 
ATOM   508 C  CB  . LEU A 1 82  ? -0.316  3.101   -4.801  1.00 30.61 ? 82  LEU A CB  1 
ATOM   509 C  CG  . LEU A 1 82  ? -0.725  2.788   -3.375  1.00 32.67 ? 82  LEU A CG  1 
ATOM   510 C  CD1 . LEU A 1 82  ? -0.559  1.300   -3.098  1.00 34.03 ? 82  LEU A CD1 1 
ATOM   511 C  CD2 . LEU A 1 82  ? 0.105   3.627   -2.426  1.00 33.28 ? 82  LEU A CD2 1 
ATOM   512 N  N   . VAL A 1 83  ? 0.363   4.405   -7.485  1.00 28.12 ? 83  VAL A N   1 
ATOM   513 C  CA  . VAL A 1 83  ? 1.407   4.794   -8.484  1.00 29.31 ? 83  VAL A CA  1 
ATOM   514 C  C   . VAL A 1 83  ? 1.178   6.246   -8.944  1.00 27.60 ? 83  VAL A C   1 
ATOM   515 O  O   . VAL A 1 83  ? 2.163   6.997   -9.092  1.00 29.30 ? 83  VAL A O   1 
ATOM   516 C  CB  . VAL A 1 83  ? 1.453   3.801   -9.660  1.00 30.87 ? 83  VAL A CB  1 
ATOM   517 C  CG1 . VAL A 1 83  ? 2.197   4.357   -10.861 1.00 31.16 ? 83  VAL A CG1 1 
ATOM   518 C  CG2 . VAL A 1 83  ? 2.070   2.476   -9.222  1.00 32.67 ? 83  VAL A CG2 1 
ATOM   519 N  N   . GLU A 1 84  ? -0.063  6.655   -9.152  1.00 27.07 ? 84  GLU A N   1 
ATOM   520 C  CA  . GLU A 1 84  ? -0.365  8.032   -9.633  1.00 27.48 ? 84  GLU A CA  1 
ATOM   521 C  C   . GLU A 1 84  ? -0.037  9.035   -8.536  1.00 28.96 ? 84  GLU A C   1 
ATOM   522 O  O   . GLU A 1 84  ? 0.637   10.018  -8.842  1.00 28.28 ? 84  GLU A O   1 
ATOM   523 C  CB  . GLU A 1 84  ? -1.813  8.171   -10.068 1.00 28.16 ? 84  GLU A CB  1 
ATOM   524 C  CG  . GLU A 1 84  ? -2.111  7.419   -11.348 1.00 31.68 ? 84  GLU A CG  1 
ATOM   525 C  CD  . GLU A 1 84  ? -1.366  7.893   -12.587 1.00 34.67 ? 84  GLU A CD  1 
ATOM   526 O  OE1 . GLU A 1 84  ? -0.577  8.854   -12.503 1.00 40.11 ? 84  GLU A OE1 1 
ATOM   527 O  OE2 . GLU A 1 84  ? -1.561  7.274   -13.634 1.00 39.69 ? 84  GLU A OE2 1 
ATOM   528 N  N   . GLY A 1 85  ? -0.461  8.763   -7.299  1.00 30.92 ? 85  GLY A N   1 
ATOM   529 C  CA  . GLY A 1 85  ? -0.118  9.593   -6.132  1.00 32.80 ? 85  GLY A CA  1 
ATOM   530 C  C   . GLY A 1 85  ? 1.383   9.789   -6.027  1.00 34.63 ? 85  GLY A C   1 
ATOM   531 O  O   . GLY A 1 85  ? 1.823   10.941  -5.912  1.00 33.70 ? 85  GLY A O   1 
ATOM   532 N  N   . GLN A 1 86  ? 2.132   8.688   -6.066  1.00 35.74 ? 86  GLN A N   1 
ATOM   533 C  CA  . GLN A 1 86  ? 3.621   8.633   -5.996  1.00 40.40 ? 86  GLN A CA  1 
ATOM   534 C  C   . GLN A 1 86  ? 4.300   9.500   -7.067  1.00 37.33 ? 86  GLN A C   1 
ATOM   535 O  O   . GLN A 1 86  ? 5.305   10.157  -6.765  1.00 36.00 ? 86  GLN A O   1 
ATOM   536 C  CB  . GLN A 1 86  ? 4.107   7.208   -6.274  1.00 41.55 ? 86  GLN A CB  1 
ATOM   537 C  CG  . GLN A 1 86  ? 4.096   6.294   -5.058  1.00 44.97 ? 86  GLN A CG  1 
ATOM   538 C  CD  . GLN A 1 86  ? 5.190   5.281   -5.274  1.00 50.10 ? 86  GLN A CD  1 
ATOM   539 O  OE1 . GLN A 1 86  ? 6.294   5.428   -4.741  1.00 56.90 ? 86  GLN A OE1 1 
ATOM   540 N  NE2 . GLN A 1 86  ? 4.925   4.310   -6.144  1.00 39.76 ? 86  GLN A NE2 1 
ATOM   541 N  N   . SER A 1 87  ? 3.831   9.427   -8.305  1.00 35.38 ? 87  SER A N   1 
ATOM   542 C  CA  . SER A 1 87  ? 4.512   10.063  -9.456  1.00 35.76 ? 87  SER A CA  1 
ATOM   543 C  C   . SER A 1 87  ? 4.143   11.557  -9.555  1.00 36.50 ? 87  SER A C   1 
ATOM   544 O  O   . SER A 1 87  ? 4.768   12.246  -10.379 1.00 38.46 ? 87  SER A O   1 
ATOM   545 C  CB  . SER A 1 87  ? 4.188   9.319   -10.714 1.00 35.39 ? 87  SER A CB  1 
ATOM   546 O  OG  . SER A 1 87  ? 2.829   9.510   -11.047 1.00 37.46 ? 87  SER A OG  1 
ATOM   547 N  N   . HIS A 1 88  ? 3.134   12.028  -8.847  1.00 34.38 ? 88  HIS A N   1 
ATOM   548 C  CA  . HIS A 1 88  ? 2.713   13.407  -8.978  1.00 35.25 ? 88  HIS A CA  1 
ATOM   549 C  C   . HIS A 1 88  ? 2.448   14.193  -7.734  1.00 35.89 ? 88  HIS A C   1 
ATOM   550 O  O   . HIS A 1 88  ? 2.501   15.361  -7.794  1.00 38.35 ? 88  HIS A O   1 
ATOM   551 C  CB  . HIS A 1 88  ? 1.419   13.505  -9.768  1.00 38.48 ? 88  HIS A CB  1 
ATOM   552 C  CG  . HIS A 1 88  ? 1.472   12.912  -11.130 1.00 38.53 ? 88  HIS A CG  1 
ATOM   553 N  ND1 . HIS A 1 88  ? 0.601   11.941  -11.538 1.00 38.58 ? 88  HIS A ND1 1 
ATOM   554 C  CD2 . HIS A 1 88  ? 2.279   13.154  -12.176 1.00 37.22 ? 88  HIS A CD2 1 
ATOM   555 C  CE1 . HIS A 1 88  ? 0.876   11.603  -12.773 1.00 37.05 ? 88  HIS A CE1 1 
ATOM   556 N  NE2 . HIS A 1 88  ? 1.895   12.319  -13.180 1.00 37.63 ? 88  HIS A NE2 1 
ATOM   557 N  N   . LEU A 1 89  ? 2.146   13.550  -6.624  1.00 34.36 ? 89  LEU A N   1 
ATOM   558 C  CA  . LEU A 1 89  ? 1.794   14.236  -5.398  1.00 37.13 ? 89  LEU A CA  1 
ATOM   559 C  C   . LEU A 1 89  ? 2.810   14.178  -4.307  1.00 38.48 ? 89  LEU A C   1 
ATOM   560 O  O   . LEU A 1 89  ? 2.604   14.717  -3.264  1.00 42.35 ? 89  LEU A O   1 
ATOM   561 C  CB  . LEU A 1 89  ? 0.488   13.685  -4.835  1.00 33.90 ? 89  LEU A CB  1 
ATOM   562 C  CG  . LEU A 1 89  ? -0.761  13.683  -5.701  1.00 33.41 ? 89  LEU A CG  1 
ATOM   563 C  CD1 . LEU A 1 89  ? -1.920  13.058  -5.000  1.00 33.23 ? 89  LEU A CD1 1 
ATOM   564 C  CD2 . LEU A 1 89  ? -1.146  15.042  -6.208  1.00 33.79 ? 89  LEU A CD2 1 
ATOM   565 N  N   . CYS A 1 90  ? 3.931   13.558  -4.578  1.00 45.25 ? 90  CYS A N   1 
ATOM   566 C  CA  . CYS A 1 90  ? 4.945   13.394  -3.577  1.00 46.63 ? 90  CYS A CA  1 
ATOM   567 C  C   . CYS A 1 90  ? 6.037   14.450  -3.428  1.00 45.67 ? 90  CYS A C   1 
ATOM   568 O  O   . CYS A 1 90  ? 6.991   14.214  -2.749  1.00 45.28 ? 90  CYS A O   1 
ATOM   569 C  CB  . CYS A 1 90  ? 5.515   11.995  -3.646  1.00 46.36 ? 90  CYS A CB  1 
ATOM   570 S  SG  . CYS A 1 90  ? 4.508   10.879  -2.709  1.00 50.82 ? 90  CYS A SG  1 
ATOM   571 N  N   . GLY A 1 91  ? 5.853   15.618  -4.007  1.00 44.69 ? 91  GLY A N   1 
ATOM   572 C  CA  . GLY A 1 91  ? 6.791   16.719  -3.858  1.00 47.81 ? 91  GLY A CA  1 
ATOM   573 C  C   . GLY A 1 91  ? 7.062   17.049  -2.408  1.00 48.82 ? 91  GLY A C   1 
ATOM   574 O  O   . GLY A 1 91  ? 6.180   17.069  -1.573  1.00 43.95 ? 91  GLY A O   1 
ATOM   575 N  N   . GLU A 1 92  ? 8.303   17.370  -2.115  1.00 54.38 ? 92  GLU A N   1 
ATOM   576 C  CA  . GLU A 1 92  ? 8.712   17.564  -0.695  1.00 57.36 ? 92  GLU A CA  1 
ATOM   577 C  C   . GLU A 1 92  ? 8.174   18.910  -0.174  1.00 55.40 ? 92  GLU A C   1 
ATOM   578 O  O   . GLU A 1 92  ? 8.026   19.044  1.047   1.00 53.52 ? 92  GLU A O   1 
ATOM   579 C  CB  . GLU A 1 92  ? 10.233  17.422  -0.534  1.00 62.92 ? 92  GLU A CB  1 
ATOM   580 C  CG  . GLU A 1 92  ? 11.054  18.093  -1.630  1.00 68.32 ? 92  GLU A CG  1 
ATOM   581 C  CD  . GLU A 1 92  ? 11.444  17.213  -2.816  1.00 73.81 ? 92  GLU A CD  1 
ATOM   582 O  OE1 . GLU A 1 92  ? 12.655  17.165  -3.141  1.00 81.01 ? 92  GLU A OE1 1 
ATOM   583 O  OE2 . GLU A 1 92  ? 10.548  16.589  -3.431  1.00 70.46 ? 92  GLU A OE2 1 
ATOM   584 N  N   . GLN A 1 93  ? 7.859   19.859  -1.056  1.00 49.26 ? 93  GLN A N   1 
ATOM   585 C  CA  . GLN A 1 93  ? 7.354   21.204  -0.669  1.00 50.08 ? 93  GLN A CA  1 
ATOM   586 C  C   . GLN A 1 93  ? 5.843   21.309  -0.948  1.00 42.52 ? 93  GLN A C   1 
ATOM   587 O  O   . GLN A 1 93  ? 5.316   22.419  -0.850  1.00 34.12 ? 93  GLN A O   1 
ATOM   588 C  CB  . GLN A 1 93  ? 8.171   22.282  -1.389  1.00 59.27 ? 93  GLN A CB  1 
ATOM   589 C  CG  . GLN A 1 93  ? 7.834   22.427  -2.869  1.00 67.50 ? 93  GLN A CG  1 
ATOM   590 C  CD  . GLN A 1 93  ? 7.840   21.109  -3.608  1.00 73.16 ? 93  GLN A CD  1 
ATOM   591 O  OE1 . GLN A 1 93  ? 8.755   20.295  -3.467  1.00 81.58 ? 93  GLN A OE1 1 
ATOM   592 N  NE2 . GLN A 1 93  ? 6.795   20.869  -4.380  1.00 70.01 ? 93  GLN A NE2 1 
ATOM   593 N  N   . VAL A 1 94  ? 5.168   20.194  -1.267  1.00 35.13 ? 94  VAL A N   1 
ATOM   594 C  CA  . VAL A 1 94  ? 3.681   20.131  -1.399  1.00 33.57 ? 94  VAL A CA  1 
ATOM   595 C  C   . VAL A 1 94  ? 3.075   20.518  -0.042  1.00 33.17 ? 94  VAL A C   1 
ATOM   596 O  O   . VAL A 1 94  ? 3.484   19.914  0.976   1.00 33.15 ? 94  VAL A O   1 
ATOM   597 C  CB  . VAL A 1 94  ? 3.203   18.746  -1.877  1.00 28.15 ? 94  VAL A CB  1 
ATOM   598 C  CG1 . VAL A 1 94  ? 1.697   18.613  -1.750  1.00 29.75 ? 94  VAL A CG1 1 
ATOM   599 C  CG2 . VAL A 1 94  ? 3.647   18.455  -3.308  1.00 26.18 ? 94  VAL A CG2 1 
ATOM   600 N  N   . ALA A 1 95  ? 2.184   21.515  -0.030  1.00 31.81 ? 95  ALA A N   1 
ATOM   601 C  CA  . ALA A 1 95  ? 1.554   22.088  1.186   1.00 30.82 ? 95  ALA A CA  1 
ATOM   602 C  C   . ALA A 1 95  ? 0.037   22.143  0.969   1.00 29.63 ? 95  ALA A C   1 
ATOM   603 O  O   . ALA A 1 95  ? -0.415  22.692  -0.062  1.00 28.38 ? 95  ALA A O   1 
ATOM   604 C  CB  . ALA A 1 95  ? 2.125   23.451  1.479   1.00 32.74 ? 95  ALA A CB  1 
ATOM   605 N  N   . VAL A 1 96  ? -0.707  21.542  1.892   1.00 28.51 ? 96  VAL A N   1 
ATOM   606 C  CA  . VAL A 1 96  ? -2.189  21.418  1.858   1.00 27.13 ? 96  VAL A CA  1 
ATOM   607 C  C   . VAL A 1 96  ? -2.736  22.267  3.003   1.00 28.82 ? 96  VAL A C   1 
ATOM   608 O  O   . VAL A 1 96  ? -2.356  22.023  4.151   1.00 25.19 ? 96  VAL A O   1 
ATOM   609 C  CB  . VAL A 1 96  ? -2.656  19.961  2.022   1.00 26.29 ? 96  VAL A CB  1 
ATOM   610 C  CG1 . VAL A 1 96  ? -4.175  19.862  1.989   1.00 25.44 ? 96  VAL A CG1 1 
ATOM   611 C  CG2 . VAL A 1 96  ? -2.025  19.033  0.988   1.00 26.18 ? 96  VAL A CG2 1 
ATOM   612 N  N   . GLU A 1 97  ? -3.637  23.188  2.702   1.00 28.22 ? 97  GLU A N   1 
ATOM   613 C  CA  . GLU A 1 97  ? -4.290  24.018  3.737   1.00 32.98 ? 97  GLU A CA  1 
ATOM   614 C  C   . GLU A 1 97  ? -5.712  24.331  3.255   1.00 32.49 ? 97  GLU A C   1 
ATOM   615 O  O   . GLU A 1 97  ? -6.018  24.094  2.054   1.00 29.88 ? 97  GLU A O   1 
ATOM   616 C  CB  . GLU A 1 97  ? -3.427  25.241  4.086   1.00 35.12 ? 97  GLU A CB  1 
ATOM   617 C  CG  . GLU A 1 97  ? -3.110  26.161  2.927   1.00 41.81 ? 97  GLU A CG  1 
ATOM   618 C  CD  . GLU A 1 97  ? -2.820  27.619  3.286   1.00 48.47 ? 97  GLU A CD  1 
ATOM   619 O  OE1 . GLU A 1 97  ? -2.270  27.873  4.382   1.00 56.73 ? 97  GLU A OE1 1 
ATOM   620 O  OE2 . GLU A 1 97  ? -3.150  28.509  2.466   1.00 52.74 ? 97  GLU A OE2 1 
ATOM   621 N  N   . TRP A 1 98  ? -6.564  24.766  4.181   1.00 30.16 ? 98  TRP A N   1 
ATOM   622 C  CA  . TRP A 1 98  ? -7.888  25.346  3.861   1.00 30.33 ? 98  TRP A CA  1 
ATOM   623 C  C   . TRP A 1 98  ? -7.640  26.591  3.025   1.00 32.48 ? 98  TRP A C   1 
ATOM   624 O  O   . TRP A 1 98  ? -6.717  27.335  3.346   1.00 35.87 ? 98  TRP A O   1 
ATOM   625 C  CB  . TRP A 1 98  ? -8.697  25.621  5.131   1.00 30.57 ? 98  TRP A CB  1 
ATOM   626 C  CG  . TRP A 1 98  ? -9.101  24.361  5.843   1.00 31.32 ? 98  TRP A CG  1 
ATOM   627 C  CD1 . TRP A 1 98  ? -8.623  23.894  7.031   1.00 30.08 ? 98  TRP A CD1 1 
ATOM   628 C  CD2 . TRP A 1 98  ? -10.057 23.384  5.390   1.00 29.71 ? 98  TRP A CD2 1 
ATOM   629 N  NE1 . TRP A 1 98  ? -9.213  22.701  7.351   1.00 31.13 ? 98  TRP A NE1 1 
ATOM   630 C  CE2 . TRP A 1 98  ? -10.117 22.374  6.371   1.00 32.99 ? 98  TRP A CE2 1 
ATOM   631 C  CE3 . TRP A 1 98  ? -10.883 23.281  4.270   1.00 33.24 ? 98  TRP A CE3 1 
ATOM   632 C  CZ2 . TRP A 1 98  ? -10.959 21.267  6.254   1.00 31.11 ? 98  TRP A CZ2 1 
ATOM   633 C  CZ3 . TRP A 1 98  ? -11.718 22.187  4.154   1.00 36.03 ? 98  TRP A CZ3 1 
ATOM   634 C  CH2 . TRP A 1 98  ? -11.753 21.195  5.134   1.00 33.62 ? 98  TRP A CH2 1 
ATOM   635 N  N   . LEU A 1 99  ? -8.402  26.765  1.953   1.00 35.31 ? 99  LEU A N   1 
ATOM   636 C  CA  . LEU A 1 99  ? -8.392  28.016  1.166   1.00 40.41 ? 99  LEU A CA  1 
ATOM   637 C  C   . LEU A 1 99  ? -9.120  29.119  1.952   1.00 45.40 ? 99  LEU A C   1 
ATOM   638 O  O   . LEU A 1 99  ? -10.353 29.057  2.050   1.00 42.43 ? 99  LEU A O   1 
ATOM   639 C  CB  . LEU A 1 99  ? -9.061  27.761  -0.184  1.00 40.34 ? 99  LEU A CB  1 
ATOM   640 C  CG  . LEU A 1 99  ? -9.108  28.976  -1.102  1.00 40.50 ? 99  LEU A CG  1 
ATOM   641 C  CD1 . LEU A 1 99  ? -7.703  29.480  -1.398  1.00 40.46 ? 99  LEU A CD1 1 
ATOM   642 C  CD2 . LEU A 1 99  ? -9.864  28.660  -2.384  1.00 41.54 ? 99  LEU A CD2 1 
ATOM   643 N  N   . LYS A 1 100 ? -8.373  30.095  2.474   1.00 52.65 ? 100 LYS A N   1 
ATOM   644 C  CA  . LYS A 1 100 ? -8.917  31.326  3.115   1.00 58.31 ? 100 LYS A CA  1 
ATOM   645 C  C   . LYS A 1 100 ? -9.530  32.240  2.040   1.00 55.19 ? 100 LYS A C   1 
ATOM   646 O  O   . LYS A 1 100 ? -9.048  32.329  0.895   1.00 45.14 ? 100 LYS A O   1 
ATOM   647 C  CB  . LYS A 1 100 ? -7.815  32.054  3.895   1.00 63.50 ? 100 LYS A CB  1 
ATOM   648 C  CG  . LYS A 1 100 ? -6.576  32.405  3.078   1.00 68.40 ? 100 LYS A CG  1 
ATOM   649 C  CD  . LYS A 1 100 ? -5.456  32.986  3.899   1.00 70.55 ? 100 LYS A CD  1 
ATOM   650 C  CE  . LYS A 1 100 ? -4.832  31.971  4.835   1.00 70.29 ? 100 LYS A CE  1 
ATOM   651 N  NZ  . LYS A 1 100 ? -3.434  32.333  5.177   1.00 69.66 ? 100 LYS A NZ  1 
HETATM 652 C  C1  . GOL B 2 .   ? -12.015 -9.700  -12.020 1.00 47.51 ? 201 GOL A C1  1 
HETATM 653 O  O1  . GOL B 2 .   ? -11.764 -8.402  -12.560 1.00 46.05 ? 201 GOL A O1  1 
HETATM 654 C  C2  . GOL B 2 .   ? -11.656 -9.755  -10.549 1.00 43.94 ? 201 GOL A C2  1 
HETATM 655 O  O2  . GOL B 2 .   ? -12.246 -8.654  -9.867  1.00 42.63 ? 201 GOL A O2  1 
HETATM 656 C  C3  . GOL B 2 .   ? -12.066 -11.029 -9.842  1.00 42.95 ? 201 GOL A C3  1 
HETATM 657 O  O3  . GOL B 2 .   ? -11.372 -11.177 -8.605  1.00 35.34 ? 201 GOL A O3  1 
HETATM 658 S  S   . SO4 C 3 .   ? -1.212  -20.873 -7.230  1.00 54.00 ? 202 SO4 A S   1 
HETATM 659 O  O1  . SO4 C 3 .   ? -0.148  -21.852 -7.195  1.00 58.69 ? 202 SO4 A O1  1 
HETATM 660 O  O2  . SO4 C 3 .   ? -0.719  -19.649 -7.805  1.00 64.04 ? 202 SO4 A O2  1 
HETATM 661 O  O3  . SO4 C 3 .   ? -2.298  -21.366 -8.032  1.00 57.34 ? 202 SO4 A O3  1 
HETATM 662 O  O4  . SO4 C 3 .   ? -1.683  -20.617 -5.881  1.00 56.95 ? 202 SO4 A O4  1 
HETATM 663 O  O   . HOH D 4 .   ? -13.349 -6.129  -3.964  1.00 44.18 ? 301 HOH A O   1 
HETATM 664 O  O   . HOH D 4 .   ? -5.822  -22.945 0.248   1.00 41.35 ? 302 HOH A O   1 
HETATM 665 O  O   . HOH D 4 .   ? 4.655   16.346  -6.037  1.00 22.77 ? 303 HOH A O   1 
HETATM 666 O  O   . HOH D 4 .   ? 14.082  -3.837  -0.542  1.00 26.96 ? 304 HOH A O   1 
HETATM 667 O  O   . HOH D 4 .   ? -1.281  -9.421  2.822   1.00 29.34 ? 305 HOH A O   1 
HETATM 668 O  O   . HOH D 4 .   ? -6.174  8.421   5.150   1.00 20.34 ? 306 HOH A O   1 
HETATM 669 O  O   . HOH D 4 .   ? -9.428  -0.776  -4.303  1.00 27.73 ? 307 HOH A O   1 
HETATM 670 O  O   . HOH D 4 .   ? -7.675  3.667   -9.319  1.00 26.54 ? 308 HOH A O   1 
HETATM 671 O  O   . HOH D 4 .   ? 19.255  -3.924  6.169   1.00 27.91 ? 309 HOH A O   1 
HETATM 672 O  O   . HOH D 4 .   ? -10.782 -1.887  3.255   1.00 33.50 ? 310 HOH A O   1 
HETATM 673 O  O   . HOH D 4 .   ? 5.933   12.806  -6.469  1.00 40.26 ? 311 HOH A O   1 
HETATM 674 O  O   . HOH D 4 .   ? -15.992 1.603   -9.350  1.00 38.78 ? 312 HOH A O   1 
HETATM 675 O  O   . HOH D 4 .   ? 1.156   4.793   15.610  1.00 43.26 ? 313 HOH A O   1 
HETATM 676 O  O   . HOH D 4 .   ? 4.896   6.413   -9.270  1.00 39.89 ? 314 HOH A O   1 
HETATM 677 O  O   . HOH D 4 .   ? -0.574  -13.021 -9.312  1.00 38.13 ? 315 HOH A O   1 
HETATM 678 O  O   . HOH D 4 .   ? 16.019  -2.005  1.514   1.00 34.14 ? 316 HOH A O   1 
HETATM 679 O  O   . HOH D 4 .   ? -7.279  -8.339  7.966   1.00 25.69 ? 317 HOH A O   1 
HETATM 680 O  O   . HOH D 4 .   ? -11.791 4.900   -1.765  1.00 33.43 ? 318 HOH A O   1 
HETATM 681 O  O   . HOH D 4 .   ? -4.827  -8.090  7.877   1.00 20.61 ? 319 HOH A O   1 
HETATM 682 O  O   . HOH D 4 .   ? -5.190  25.043  6.768   1.00 35.18 ? 320 HOH A O   1 
HETATM 683 O  O   . HOH D 4 .   ? -0.054  -0.120  15.056  1.00 43.73 ? 321 HOH A O   1 
HETATM 684 O  O   . HOH D 4 .   ? -13.430 -3.754  -7.007  1.00 32.96 ? 322 HOH A O   1 
HETATM 685 O  O   . HOH D 4 .   ? -11.867 -1.026  -3.602  1.00 29.57 ? 323 HOH A O   1 
HETATM 686 O  O   . HOH D 4 .   ? 2.390   -1.776  14.734  1.00 45.34 ? 324 HOH A O   1 
HETATM 687 O  O   . HOH D 4 .   ? 7.120   6.239   10.679  1.00 48.57 ? 325 HOH A O   1 
HETATM 688 O  O   . HOH D 4 .   ? -7.402  -15.446 -11.369 1.00 34.94 ? 326 HOH A O   1 
HETATM 689 O  O   . HOH D 4 .   ? 10.354  5.989   10.305  1.00 40.68 ? 327 HOH A O   1 
HETATM 690 O  O   . HOH D 4 .   ? -5.282  5.855   -11.122 1.00 41.65 ? 328 HOH A O   1 
HETATM 691 O  O   . HOH D 4 .   ? -0.218  9.815   -1.924  0.50 46.87 ? 329 HOH A O   1 
HETATM 692 O  O   . HOH D 4 .   ? -3.673  8.778   -2.016  0.50 39.21 ? 330 HOH A O   1 
# 
